data_7JGT
# 
_entry.id   7JGT 
# 
_audit_conform.dict_name       mmcif_pdbx.dic 
_audit_conform.dict_version    5.389 
_audit_conform.dict_location   http://mmcif.pdb.org/dictionaries/ascii/mmcif_pdbx.dic 
# 
loop_
_database_2.database_id 
_database_2.database_code 
_database_2.pdbx_database_accession 
_database_2.pdbx_DOI 
PDB   7JGT         pdb_00007jgt 10.2210/pdb7jgt/pdb 
WWPDB D_1000250768 ?            ?                   
# 
loop_
_pdbx_audit_revision_history.ordinal 
_pdbx_audit_revision_history.data_content_type 
_pdbx_audit_revision_history.major_revision 
_pdbx_audit_revision_history.minor_revision 
_pdbx_audit_revision_history.revision_date 
1 'Structure model' 1 0 2021-07-21 
2 'Structure model' 1 1 2021-09-08 
3 'Structure model' 1 2 2021-12-22 
4 'Structure model' 1 3 2024-04-03 
# 
_pdbx_audit_revision_details.ordinal             1 
_pdbx_audit_revision_details.revision_ordinal    1 
_pdbx_audit_revision_details.data_content_type   'Structure model' 
_pdbx_audit_revision_details.provider            repository 
_pdbx_audit_revision_details.type                'Initial release' 
_pdbx_audit_revision_details.description         ? 
_pdbx_audit_revision_details.details             ? 
# 
loop_
_pdbx_audit_revision_group.ordinal 
_pdbx_audit_revision_group.revision_ordinal 
_pdbx_audit_revision_group.data_content_type 
_pdbx_audit_revision_group.group 
1 2 'Structure model' 'Database references'    
2 3 'Structure model' 'Database references'    
3 4 'Structure model' 'Data collection'        
4 4 'Structure model' 'Refinement description' 
# 
loop_
_pdbx_audit_revision_category.ordinal 
_pdbx_audit_revision_category.revision_ordinal 
_pdbx_audit_revision_category.data_content_type 
_pdbx_audit_revision_category.category 
1 2 'Structure model' citation                      
2 2 'Structure model' citation_author               
3 2 'Structure model' database_2                    
4 3 'Structure model' citation                      
5 4 'Structure model' chem_comp_atom                
6 4 'Structure model' chem_comp_bond                
7 4 'Structure model' pdbx_initial_refinement_model 
# 
loop_
_pdbx_audit_revision_item.ordinal 
_pdbx_audit_revision_item.revision_ordinal 
_pdbx_audit_revision_item.data_content_type 
_pdbx_audit_revision_item.item 
1  2 'Structure model' '_citation.country'                   
2  2 'Structure model' '_citation.journal_abbrev'            
3  2 'Structure model' '_citation.journal_id_ASTM'           
4  2 'Structure model' '_citation.journal_id_CSD'            
5  2 'Structure model' '_citation.journal_id_ISSN'           
6  2 'Structure model' '_citation.pdbx_database_id_DOI'      
7  2 'Structure model' '_citation.pdbx_database_id_PubMed'   
8  2 'Structure model' '_citation.title'                     
9  2 'Structure model' '_citation.year'                      
10 2 'Structure model' '_database_2.pdbx_DOI'                
11 2 'Structure model' '_database_2.pdbx_database_accession' 
12 3 'Structure model' '_citation.journal_volume'            
13 3 'Structure model' '_citation.page_first'                
14 3 'Structure model' '_citation.page_last'                 
15 3 'Structure model' '_citation.title'                     
16 3 'Structure model' '_citation.year'                      
# 
_pdbx_database_status.status_code                     REL 
_pdbx_database_status.status_code_sf                  REL 
_pdbx_database_status.status_code_mr                  ? 
_pdbx_database_status.entry_id                        7JGT 
_pdbx_database_status.recvd_initial_deposition_date   2020-07-19 
_pdbx_database_status.SG_entry                        N 
_pdbx_database_status.deposit_site                    RCSB 
_pdbx_database_status.process_site                    RCSB 
_pdbx_database_status.status_code_cs                  ? 
_pdbx_database_status.status_code_nmr_data            ? 
_pdbx_database_status.methods_development_category    ? 
_pdbx_database_status.pdb_format_compatible           Y 
# 
loop_
_audit_author.name 
_audit_author.pdbx_ordinal 
_audit_author.identifier_ORCID 
'Luo, J.'     1 ? 
'Malia, T.J.' 2 ? 
# 
_citation.abstract                  ? 
_citation.abstract_id_CAS           ? 
_citation.book_id_ISBN              ? 
_citation.book_publisher            ? 
_citation.book_publisher_city       ? 
_citation.book_title                ? 
_citation.coordinate_linkage        ? 
_citation.country                   US 
_citation.database_id_Medline       ? 
_citation.details                   ? 
_citation.id                        primary 
_citation.journal_abbrev            Proteins 
_citation.journal_id_ASTM           PSFGEY 
_citation.journal_id_CSD            0867 
_citation.journal_id_ISSN           1097-0134 
_citation.journal_full              ? 
_citation.journal_issue             ? 
_citation.journal_volume            90 
_citation.language                  ? 
_citation.page_first                270 
_citation.page_last                 281 
_citation.title                     
'Surface salt bridges contribute to the extreme thermal stability of an FN3-like domain from a thermophilic bacterium.' 
_citation.year                      2022 
_citation.database_id_CSD           ? 
_citation.pdbx_database_id_DOI      10.1002/prot.26218 
_citation.pdbx_database_id_PubMed   34405904 
_citation.unpublished_flag          ? 
# 
loop_
_citation_author.citation_id 
_citation_author.name 
_citation_author.ordinal 
_citation_author.identifier_ORCID 
primary 'Boucher, L.'     1  ?                   
primary 'Somani, S.'      2  0000-0002-2889-1373 
primary 'Negron, C.'      3  ?                   
primary 'Ma, W.'          4  ?                   
primary 'Jacobs, S.'      5  ?                   
primary 'Chan, W.'        6  ?                   
primary 'Malia, T.'       7  ?                   
primary 'Obmolova, G.'    8  ?                   
primary 'Teplyakov, A.'   9  ?                   
primary 'Gilliland, G.L.' 10 ?                   
primary 'Luo, J.'         11 ?                   
# 
loop_
_entity.id 
_entity.type 
_entity.src_method 
_entity.pdbx_description 
_entity.formula_weight 
_entity.pdbx_number_of_molecules 
_entity.pdbx_ec 
_entity.pdbx_mutation 
_entity.pdbx_fragment 
_entity.details 
1 polymer man 'Fibronectin type-III domain-containing protein' 11321.529 1  ? T68C 'FN3-like Domain, residues 1458-1547' ? 
2 water   nat water                                            18.015    88 ? ?    ?                                     ? 
# 
_entity_poly.entity_id                      1 
_entity_poly.type                           'polypeptide(L)' 
_entity_poly.nstd_linkage                   no 
_entity_poly.nstd_monomer                   no 
_entity_poly.pdbx_seq_one_letter_code       
;MTVPDEPVGFWVESIPGNDHTLRLRWSETKGAKYYEIYLVSDSTYKFIASTDKLEYYVTNLSPNTKYCFALRAVNELGPS
NFVTASSTTDRGGHHHHHH
;
_entity_poly.pdbx_seq_one_letter_code_can   
;MTVPDEPVGFWVESIPGNDHTLRLRWSETKGAKYYEIYLVSDSTYKFIASTDKLEYYVTNLSPNTKYCFALRAVNELGPS
NFVTASSTTDRGGHHHHHH
;
_entity_poly.pdbx_strand_id                 A 
_entity_poly.pdbx_target_identifier         ? 
# 
_pdbx_entity_nonpoly.entity_id   2 
_pdbx_entity_nonpoly.name        water 
_pdbx_entity_nonpoly.comp_id     HOH 
# 
loop_
_entity_poly_seq.entity_id 
_entity_poly_seq.num 
_entity_poly_seq.mon_id 
_entity_poly_seq.hetero 
1 1  MET n 
1 2  THR n 
1 3  VAL n 
1 4  PRO n 
1 5  ASP n 
1 6  GLU n 
1 7  PRO n 
1 8  VAL n 
1 9  GLY n 
1 10 PHE n 
1 11 TRP n 
1 12 VAL n 
1 13 GLU n 
1 14 SER n 
1 15 ILE n 
1 16 PRO n 
1 17 GLY n 
1 18 ASN n 
1 19 ASP n 
1 20 HIS n 
1 21 THR n 
1 22 LEU n 
1 23 ARG n 
1 24 LEU n 
1 25 ARG n 
1 26 TRP n 
1 27 SER n 
1 28 GLU n 
1 29 THR n 
1 30 LYS n 
1 31 GLY n 
1 32 ALA n 
1 33 LYS n 
1 34 TYR n 
1 35 TYR n 
1 36 GLU n 
1 37 ILE n 
1 38 TYR n 
1 39 LEU n 
1 40 VAL n 
1 41 SER n 
1 42 ASP n 
1 43 SER n 
1 44 THR n 
1 45 TYR n 
1 46 LYS n 
1 47 PHE n 
1 48 ILE n 
1 49 ALA n 
1 50 SER n 
1 51 THR n 
1 52 ASP n 
1 53 LYS n 
1 54 LEU n 
1 55 GLU n 
1 56 TYR n 
1 57 TYR n 
1 58 VAL n 
1 59 THR n 
1 60 ASN n 
1 61 LEU n 
1 62 SER n 
1 63 PRO n 
1 64 ASN n 
1 65 THR n 
1 66 LYS n 
1 67 TYR n 
1 68 CYS n 
1 69 PHE n 
1 70 ALA n 
1 71 LEU n 
1 72 ARG n 
1 73 ALA n 
1 74 VAL n 
1 75 ASN n 
1 76 GLU n 
1 77 LEU n 
1 78 GLY n 
1 79 PRO n 
1 80 SER n 
1 81 ASN n 
1 82 PHE n 
1 83 VAL n 
1 84 THR n 
1 85 ALA n 
1 86 SER n 
1 87 SER n 
1 88 THR n 
1 89 THR n 
1 90 ASP n 
1 91 ARG n 
1 92 GLY n 
1 93 GLY n 
1 94 HIS n 
1 95 HIS n 
1 96 HIS n 
1 97 HIS n 
1 98 HIS n 
1 99 HIS n 
# 
_entity_src_gen.entity_id                          1 
_entity_src_gen.pdbx_src_id                        1 
_entity_src_gen.pdbx_alt_source_flag               sample 
_entity_src_gen.pdbx_seq_type                      'Biological sequence' 
_entity_src_gen.pdbx_beg_seq_num                   1 
_entity_src_gen.pdbx_end_seq_num                   99 
_entity_src_gen.gene_src_common_name               ? 
_entity_src_gen.gene_src_genus                     ? 
_entity_src_gen.pdbx_gene_src_gene                 TTE0165 
_entity_src_gen.gene_src_species                   ? 
_entity_src_gen.gene_src_strain                    'DSM 15242 / JCM 11007 / NBRC 100824 / MB4' 
_entity_src_gen.gene_src_tissue                    ? 
_entity_src_gen.gene_src_tissue_fraction           ? 
_entity_src_gen.gene_src_details                   ? 
_entity_src_gen.pdbx_gene_src_fragment             ? 
_entity_src_gen.pdbx_gene_src_scientific_name      
'Caldanaerobacter subterraneus subsp. tengcongensis (strain DSM 15242 / JCM 11007 / NBRC 100824 / MB4)' 
_entity_src_gen.pdbx_gene_src_ncbi_taxonomy_id     273068 
_entity_src_gen.pdbx_gene_src_variant              ? 
_entity_src_gen.pdbx_gene_src_cell_line            ? 
_entity_src_gen.pdbx_gene_src_atcc                 ? 
_entity_src_gen.pdbx_gene_src_organ                ? 
_entity_src_gen.pdbx_gene_src_organelle            ? 
_entity_src_gen.pdbx_gene_src_cell                 ? 
_entity_src_gen.pdbx_gene_src_cellular_location    ? 
_entity_src_gen.host_org_common_name               ? 
_entity_src_gen.pdbx_host_org_scientific_name      'Escherichia coli BL21(DE3)' 
_entity_src_gen.pdbx_host_org_ncbi_taxonomy_id     469008 
_entity_src_gen.host_org_genus                     ? 
_entity_src_gen.pdbx_host_org_gene                 ? 
_entity_src_gen.pdbx_host_org_organ                ? 
_entity_src_gen.host_org_species                   ? 
_entity_src_gen.pdbx_host_org_tissue               ? 
_entity_src_gen.pdbx_host_org_tissue_fraction      ? 
_entity_src_gen.pdbx_host_org_strain               'BL21(DE3)' 
_entity_src_gen.pdbx_host_org_variant              ? 
_entity_src_gen.pdbx_host_org_cell_line            ? 
_entity_src_gen.pdbx_host_org_atcc                 ? 
_entity_src_gen.pdbx_host_org_culture_collection   ? 
_entity_src_gen.pdbx_host_org_cell                 ? 
_entity_src_gen.pdbx_host_org_organelle            ? 
_entity_src_gen.pdbx_host_org_cellular_location    ? 
_entity_src_gen.pdbx_host_org_vector_type          plasmid 
_entity_src_gen.pdbx_host_org_vector               ? 
_entity_src_gen.host_org_details                   ? 
_entity_src_gen.expression_system_id               ? 
_entity_src_gen.plasmid_name                       pET28 
_entity_src_gen.plasmid_details                    ? 
_entity_src_gen.pdbx_description                   ? 
# 
loop_
_chem_comp.id 
_chem_comp.type 
_chem_comp.mon_nstd_flag 
_chem_comp.name 
_chem_comp.pdbx_synonyms 
_chem_comp.formula 
_chem_comp.formula_weight 
ALA 'L-peptide linking' y ALANINE         ? 'C3 H7 N O2'     89.093  
ARG 'L-peptide linking' y ARGININE        ? 'C6 H15 N4 O2 1' 175.209 
ASN 'L-peptide linking' y ASPARAGINE      ? 'C4 H8 N2 O3'    132.118 
ASP 'L-peptide linking' y 'ASPARTIC ACID' ? 'C4 H7 N O4'     133.103 
CYS 'L-peptide linking' y CYSTEINE        ? 'C3 H7 N O2 S'   121.158 
GLU 'L-peptide linking' y 'GLUTAMIC ACID' ? 'C5 H9 N O4'     147.129 
GLY 'peptide linking'   y GLYCINE         ? 'C2 H5 N O2'     75.067  
HIS 'L-peptide linking' y HISTIDINE       ? 'C6 H10 N3 O2 1' 156.162 
HOH non-polymer         . WATER           ? 'H2 O'           18.015  
ILE 'L-peptide linking' y ISOLEUCINE      ? 'C6 H13 N O2'    131.173 
LEU 'L-peptide linking' y LEUCINE         ? 'C6 H13 N O2'    131.173 
LYS 'L-peptide linking' y LYSINE          ? 'C6 H15 N2 O2 1' 147.195 
MET 'L-peptide linking' y METHIONINE      ? 'C5 H11 N O2 S'  149.211 
PHE 'L-peptide linking' y PHENYLALANINE   ? 'C9 H11 N O2'    165.189 
PRO 'L-peptide linking' y PROLINE         ? 'C5 H9 N O2'     115.130 
SER 'L-peptide linking' y SERINE          ? 'C3 H7 N O3'     105.093 
THR 'L-peptide linking' y THREONINE       ? 'C4 H9 N O3'     119.119 
TRP 'L-peptide linking' y TRYPTOPHAN      ? 'C11 H12 N2 O2'  204.225 
TYR 'L-peptide linking' y TYROSINE        ? 'C9 H11 N O3'    181.189 
VAL 'L-peptide linking' y VALINE          ? 'C5 H11 N O2'    117.146 
# 
loop_
_pdbx_poly_seq_scheme.asym_id 
_pdbx_poly_seq_scheme.entity_id 
_pdbx_poly_seq_scheme.seq_id 
_pdbx_poly_seq_scheme.mon_id 
_pdbx_poly_seq_scheme.ndb_seq_num 
_pdbx_poly_seq_scheme.pdb_seq_num 
_pdbx_poly_seq_scheme.auth_seq_num 
_pdbx_poly_seq_scheme.pdb_mon_id 
_pdbx_poly_seq_scheme.auth_mon_id 
_pdbx_poly_seq_scheme.pdb_strand_id 
_pdbx_poly_seq_scheme.pdb_ins_code 
_pdbx_poly_seq_scheme.hetero 
A 1 1  MET 1  1  1  MET MET A . n 
A 1 2  THR 2  2  2  THR THR A . n 
A 1 3  VAL 3  3  3  VAL VAL A . n 
A 1 4  PRO 4  4  4  PRO PRO A . n 
A 1 5  ASP 5  5  5  ASP ASP A . n 
A 1 6  GLU 6  6  6  GLU GLU A . n 
A 1 7  PRO 7  7  7  PRO PRO A . n 
A 1 8  VAL 8  8  8  VAL VAL A . n 
A 1 9  GLY 9  9  9  GLY GLY A . n 
A 1 10 PHE 10 10 10 PHE PHE A . n 
A 1 11 TRP 11 11 11 TRP TRP A . n 
A 1 12 VAL 12 12 12 VAL VAL A . n 
A 1 13 GLU 13 13 13 GLU GLU A . n 
A 1 14 SER 14 14 14 SER SER A . n 
A 1 15 ILE 15 15 15 ILE ILE A . n 
A 1 16 PRO 16 16 16 PRO PRO A . n 
A 1 17 GLY 17 17 17 GLY GLY A . n 
A 1 18 ASN 18 18 18 ASN ASN A . n 
A 1 19 ASP 19 19 19 ASP ASP A . n 
A 1 20 HIS 20 20 20 HIS HIS A . n 
A 1 21 THR 21 21 21 THR THR A . n 
A 1 22 LEU 22 22 22 LEU LEU A . n 
A 1 23 ARG 23 23 23 ARG ARG A . n 
A 1 24 LEU 24 24 24 LEU LEU A . n 
A 1 25 ARG 25 25 25 ARG ARG A . n 
A 1 26 TRP 26 26 26 TRP TRP A . n 
A 1 27 SER 27 27 27 SER SER A . n 
A 1 28 GLU 28 28 28 GLU GLU A . n 
A 1 29 THR 29 29 29 THR THR A . n 
A 1 30 LYS 30 30 30 LYS LYS A . n 
A 1 31 GLY 31 31 31 GLY GLY A . n 
A 1 32 ALA 32 32 32 ALA ALA A . n 
A 1 33 LYS 33 33 33 LYS LYS A . n 
A 1 34 TYR 34 34 34 TYR TYR A . n 
A 1 35 TYR 35 35 35 TYR TYR A . n 
A 1 36 GLU 36 36 36 GLU GLU A . n 
A 1 37 ILE 37 37 37 ILE ILE A . n 
A 1 38 TYR 38 38 38 TYR TYR A . n 
A 1 39 LEU 39 39 39 LEU LEU A . n 
A 1 40 VAL 40 40 40 VAL VAL A . n 
A 1 41 SER 41 41 41 SER SER A . n 
A 1 42 ASP 42 42 42 ASP ASP A . n 
A 1 43 SER 43 43 43 SER SER A . n 
A 1 44 THR 44 44 44 THR THR A . n 
A 1 45 TYR 45 45 45 TYR TYR A . n 
A 1 46 LYS 46 46 46 LYS LYS A . n 
A 1 47 PHE 47 47 47 PHE PHE A . n 
A 1 48 ILE 48 48 48 ILE ILE A . n 
A 1 49 ALA 49 49 49 ALA ALA A . n 
A 1 50 SER 50 50 50 SER SER A . n 
A 1 51 THR 51 51 51 THR THR A . n 
A 1 52 ASP 52 52 52 ASP ASP A . n 
A 1 53 LYS 53 53 53 LYS LYS A . n 
A 1 54 LEU 54 54 54 LEU LEU A . n 
A 1 55 GLU 55 55 55 GLU GLU A . n 
A 1 56 TYR 56 56 56 TYR TYR A . n 
A 1 57 TYR 57 57 57 TYR TYR A . n 
A 1 58 VAL 58 58 58 VAL VAL A . n 
A 1 59 THR 59 59 59 THR THR A . n 
A 1 60 ASN 60 60 60 ASN ASN A . n 
A 1 61 LEU 61 61 61 LEU LEU A . n 
A 1 62 SER 62 62 62 SER SER A . n 
A 1 63 PRO 63 63 63 PRO PRO A . n 
A 1 64 ASN 64 64 64 ASN ASN A . n 
A 1 65 THR 65 65 65 THR THR A . n 
A 1 66 LYS 66 66 66 LYS LYS A . n 
A 1 67 TYR 67 67 67 TYR TYR A . n 
A 1 68 CYS 68 68 68 CYS CYS A . n 
A 1 69 PHE 69 69 69 PHE PHE A . n 
A 1 70 ALA 70 70 70 ALA ALA A . n 
A 1 71 LEU 71 71 71 LEU LEU A . n 
A 1 72 ARG 72 72 72 ARG ARG A . n 
A 1 73 ALA 73 73 73 ALA ALA A . n 
A 1 74 VAL 74 74 74 VAL VAL A . n 
A 1 75 ASN 75 75 75 ASN ASN A . n 
A 1 76 GLU 76 76 76 GLU GLU A . n 
A 1 77 LEU 77 77 77 LEU LEU A . n 
A 1 78 GLY 78 78 78 GLY GLY A . n 
A 1 79 PRO 79 79 79 PRO PRO A . n 
A 1 80 SER 80 80 80 SER SER A . n 
A 1 81 ASN 81 81 81 ASN ASN A . n 
A 1 82 PHE 82 82 82 PHE PHE A . n 
A 1 83 VAL 83 83 83 VAL VAL A . n 
A 1 84 THR 84 84 84 THR THR A . n 
A 1 85 ALA 85 85 85 ALA ALA A . n 
A 1 86 SER 86 86 86 SER SER A . n 
A 1 87 SER 87 87 87 SER SER A . n 
A 1 88 THR 88 88 88 THR THR A . n 
A 1 89 THR 89 89 89 THR THR A . n 
A 1 90 ASP 90 90 90 ASP ASP A . n 
A 1 91 ARG 91 91 91 ARG ARG A . n 
A 1 92 GLY 92 92 92 GLY GLY A . n 
A 1 93 GLY 93 93 ?  ?   ?   A . n 
A 1 94 HIS 94 94 ?  ?   ?   A . n 
A 1 95 HIS 95 95 ?  ?   ?   A . n 
A 1 96 HIS 96 96 ?  ?   ?   A . n 
A 1 97 HIS 97 97 ?  ?   ?   A . n 
A 1 98 HIS 98 98 ?  ?   ?   A . n 
A 1 99 HIS 99 99 ?  ?   ?   A . n 
# 
loop_
_pdbx_nonpoly_scheme.asym_id 
_pdbx_nonpoly_scheme.entity_id 
_pdbx_nonpoly_scheme.mon_id 
_pdbx_nonpoly_scheme.ndb_seq_num 
_pdbx_nonpoly_scheme.pdb_seq_num 
_pdbx_nonpoly_scheme.auth_seq_num 
_pdbx_nonpoly_scheme.pdb_mon_id 
_pdbx_nonpoly_scheme.auth_mon_id 
_pdbx_nonpoly_scheme.pdb_strand_id 
_pdbx_nonpoly_scheme.pdb_ins_code 
B 2 HOH 1  101 6  HOH HOH A . 
B 2 HOH 2  102 56 HOH HOH A . 
B 2 HOH 3  103 65 HOH HOH A . 
B 2 HOH 4  104 42 HOH HOH A . 
B 2 HOH 5  105 26 HOH HOH A . 
B 2 HOH 6  106 50 HOH HOH A . 
B 2 HOH 7  107 16 HOH HOH A . 
B 2 HOH 8  108 28 HOH HOH A . 
B 2 HOH 9  109 61 HOH HOH A . 
B 2 HOH 10 110 46 HOH HOH A . 
B 2 HOH 11 111 19 HOH HOH A . 
B 2 HOH 12 112 17 HOH HOH A . 
B 2 HOH 13 113 15 HOH HOH A . 
B 2 HOH 14 114 2  HOH HOH A . 
B 2 HOH 15 115 5  HOH HOH A . 
B 2 HOH 16 116 62 HOH HOH A . 
B 2 HOH 17 117 57 HOH HOH A . 
B 2 HOH 18 118 4  HOH HOH A . 
B 2 HOH 19 119 55 HOH HOH A . 
B 2 HOH 20 120 69 HOH HOH A . 
B 2 HOH 21 121 10 HOH HOH A . 
B 2 HOH 22 122 8  HOH HOH A . 
B 2 HOH 23 123 9  HOH HOH A . 
B 2 HOH 24 124 70 HOH HOH A . 
B 2 HOH 25 125 27 HOH HOH A . 
B 2 HOH 26 126 32 HOH HOH A . 
B 2 HOH 27 127 44 HOH HOH A . 
B 2 HOH 28 128 47 HOH HOH A . 
B 2 HOH 29 129 49 HOH HOH A . 
B 2 HOH 30 130 37 HOH HOH A . 
B 2 HOH 31 131 58 HOH HOH A . 
B 2 HOH 32 132 29 HOH HOH A . 
B 2 HOH 33 133 33 HOH HOH A . 
B 2 HOH 34 134 40 HOH HOH A . 
B 2 HOH 35 135 1  HOH HOH A . 
B 2 HOH 36 136 7  HOH HOH A . 
B 2 HOH 37 137 31 HOH HOH A . 
B 2 HOH 38 138 11 HOH HOH A . 
B 2 HOH 39 139 67 HOH HOH A . 
B 2 HOH 40 140 20 HOH HOH A . 
B 2 HOH 41 141 24 HOH HOH A . 
B 2 HOH 42 142 38 HOH HOH A . 
B 2 HOH 43 143 60 HOH HOH A . 
B 2 HOH 44 144 23 HOH HOH A . 
B 2 HOH 45 145 3  HOH HOH A . 
B 2 HOH 46 146 21 HOH HOH A . 
B 2 HOH 47 147 12 HOH HOH A . 
B 2 HOH 48 148 52 HOH HOH A . 
B 2 HOH 49 149 39 HOH HOH A . 
B 2 HOH 50 150 43 HOH HOH A . 
B 2 HOH 51 151 73 HOH HOH A . 
B 2 HOH 52 152 34 HOH HOH A . 
B 2 HOH 53 153 14 HOH HOH A . 
B 2 HOH 54 154 48 HOH HOH A . 
B 2 HOH 55 155 81 HOH HOH A . 
B 2 HOH 56 156 13 HOH HOH A . 
B 2 HOH 57 157 82 HOH HOH A . 
B 2 HOH 58 158 64 HOH HOH A . 
B 2 HOH 59 159 22 HOH HOH A . 
B 2 HOH 60 160 25 HOH HOH A . 
B 2 HOH 61 161 75 HOH HOH A . 
B 2 HOH 62 162 78 HOH HOH A . 
B 2 HOH 63 163 45 HOH HOH A . 
B 2 HOH 64 164 86 HOH HOH A . 
B 2 HOH 65 165 30 HOH HOH A . 
B 2 HOH 66 166 85 HOH HOH A . 
B 2 HOH 67 167 36 HOH HOH A . 
B 2 HOH 68 168 71 HOH HOH A . 
B 2 HOH 69 169 54 HOH HOH A . 
B 2 HOH 70 170 79 HOH HOH A . 
B 2 HOH 71 171 77 HOH HOH A . 
B 2 HOH 72 172 53 HOH HOH A . 
B 2 HOH 73 173 68 HOH HOH A . 
B 2 HOH 74 174 72 HOH HOH A . 
B 2 HOH 75 175 66 HOH HOH A . 
B 2 HOH 76 176 74 HOH HOH A . 
B 2 HOH 77 177 76 HOH HOH A . 
B 2 HOH 78 178 35 HOH HOH A . 
B 2 HOH 79 179 18 HOH HOH A . 
B 2 HOH 80 180 63 HOH HOH A . 
B 2 HOH 81 181 80 HOH HOH A . 
B 2 HOH 82 182 83 HOH HOH A . 
B 2 HOH 83 183 59 HOH HOH A . 
B 2 HOH 84 184 84 HOH HOH A . 
B 2 HOH 85 185 41 HOH HOH A . 
B 2 HOH 86 186 87 HOH HOH A . 
B 2 HOH 87 187 88 HOH HOH A . 
B 2 HOH 88 188 51 HOH HOH A . 
# 
loop_
_pdbx_unobs_or_zero_occ_atoms.id 
_pdbx_unobs_or_zero_occ_atoms.PDB_model_num 
_pdbx_unobs_or_zero_occ_atoms.polymer_flag 
_pdbx_unobs_or_zero_occ_atoms.occupancy_flag 
_pdbx_unobs_or_zero_occ_atoms.auth_asym_id 
_pdbx_unobs_or_zero_occ_atoms.auth_comp_id 
_pdbx_unobs_or_zero_occ_atoms.auth_seq_id 
_pdbx_unobs_or_zero_occ_atoms.PDB_ins_code 
_pdbx_unobs_or_zero_occ_atoms.auth_atom_id 
_pdbx_unobs_or_zero_occ_atoms.label_alt_id 
_pdbx_unobs_or_zero_occ_atoms.label_asym_id 
_pdbx_unobs_or_zero_occ_atoms.label_comp_id 
_pdbx_unobs_or_zero_occ_atoms.label_seq_id 
_pdbx_unobs_or_zero_occ_atoms.label_atom_id 
1 1 Y 1 A SER 41 ? OG  ? A SER 41 OG  
2 1 Y 1 A ASP 42 ? CG  ? A ASP 42 CG  
3 1 Y 1 A ASP 42 ? OD1 ? A ASP 42 OD1 
4 1 Y 1 A ASP 42 ? OD2 ? A ASP 42 OD2 
5 1 Y 1 A SER 43 ? OG  ? A SER 43 OG  
# 
loop_
_software.citation_id 
_software.classification 
_software.compiler_name 
_software.compiler_version 
_software.contact_author 
_software.contact_author_email 
_software.date 
_software.description 
_software.dependencies 
_software.hardware 
_software.language 
_software.location 
_software.mods 
_software.name 
_software.os 
_software.os_version 
_software.type 
_software.version 
_software.pdbx_ordinal 
? refinement        ? ? ? ? ? ? ? ? ? ? ? PHENIX      ? ? ? 1.18_3855 1 
? 'data scaling'    ? ? ? ? ? ? ? ? ? ? ? XSCALE      ? ? ? .         2 
? 'data extraction' ? ? ? ? ? ? ? ? ? ? ? PDB_EXTRACT ? ? ? 3.25      3 
? 'data reduction'  ? ? ? ? ? ? ? ? ? ? ? DENZO       ? ? ? .         4 
? phasing           ? ? ? ? ? ? ? ? ? ? ? PHASER      ? ? ? .         5 
# 
_cell.angle_alpha                  90.000 
_cell.angle_alpha_esd              ? 
_cell.angle_beta                   90.000 
_cell.angle_beta_esd               ? 
_cell.angle_gamma                  90.000 
_cell.angle_gamma_esd              ? 
_cell.entry_id                     7JGT 
_cell.details                      ? 
_cell.formula_units_Z              ? 
_cell.length_a                     38.530 
_cell.length_a_esd                 ? 
_cell.length_b                     38.530 
_cell.length_b_esd                 ? 
_cell.length_c                     105.460 
_cell.length_c_esd                 ? 
_cell.volume                       ? 
_cell.volume_esd                   ? 
_cell.Z_PDB                        8 
_cell.reciprocal_angle_alpha       ? 
_cell.reciprocal_angle_beta        ? 
_cell.reciprocal_angle_gamma       ? 
_cell.reciprocal_angle_alpha_esd   ? 
_cell.reciprocal_angle_beta_esd    ? 
_cell.reciprocal_angle_gamma_esd   ? 
_cell.reciprocal_length_a          ? 
_cell.reciprocal_length_b          ? 
_cell.reciprocal_length_c          ? 
_cell.reciprocal_length_a_esd      ? 
_cell.reciprocal_length_b_esd      ? 
_cell.reciprocal_length_c_esd      ? 
_cell.pdbx_unique_axis             ? 
# 
_symmetry.entry_id                         7JGT 
_symmetry.cell_setting                     ? 
_symmetry.Int_Tables_number                92 
_symmetry.space_group_name_Hall            ? 
_symmetry.space_group_name_H-M             'P 41 21 2' 
_symmetry.pdbx_full_space_group_name_H-M   ? 
# 
_exptl.absorpt_coefficient_mu     ? 
_exptl.absorpt_correction_T_max   ? 
_exptl.absorpt_correction_T_min   ? 
_exptl.absorpt_correction_type    ? 
_exptl.absorpt_process_details    ? 
_exptl.entry_id                   7JGT 
_exptl.crystals_number            1 
_exptl.details                    ? 
_exptl.method                     'X-RAY DIFFRACTION' 
_exptl.method_details             ? 
# 
_exptl_crystal.colour                      ? 
_exptl_crystal.density_diffrn              ? 
_exptl_crystal.density_Matthews            1.73 
_exptl_crystal.density_method              ? 
_exptl_crystal.density_percent_sol         28.84 
_exptl_crystal.description                 ? 
_exptl_crystal.F_000                       ? 
_exptl_crystal.id                          1 
_exptl_crystal.preparation                 ? 
_exptl_crystal.size_max                    ? 
_exptl_crystal.size_mid                    ? 
_exptl_crystal.size_min                    ? 
_exptl_crystal.size_rad                    ? 
_exptl_crystal.colour_lustre               ? 
_exptl_crystal.colour_modifier             ? 
_exptl_crystal.colour_primary              ? 
_exptl_crystal.density_meas                ? 
_exptl_crystal.density_meas_esd            ? 
_exptl_crystal.density_meas_gt             ? 
_exptl_crystal.density_meas_lt             ? 
_exptl_crystal.density_meas_temp           ? 
_exptl_crystal.density_meas_temp_esd       ? 
_exptl_crystal.density_meas_temp_gt        ? 
_exptl_crystal.density_meas_temp_lt        ? 
_exptl_crystal.pdbx_crystal_image_url      ? 
_exptl_crystal.pdbx_crystal_image_format   ? 
_exptl_crystal.pdbx_mosaicity              ? 
_exptl_crystal.pdbx_mosaicity_esd          ? 
# 
_exptl_crystal_grow.apparatus       ? 
_exptl_crystal_grow.atmosphere      ? 
_exptl_crystal_grow.crystal_id      1 
_exptl_crystal_grow.details         ? 
_exptl_crystal_grow.method          'VAPOR DIFFUSION' 
_exptl_crystal_grow.method_ref      ? 
_exptl_crystal_grow.pH              7.5 
_exptl_crystal_grow.pressure        ? 
_exptl_crystal_grow.pressure_esd    ? 
_exptl_crystal_grow.seeding         ? 
_exptl_crystal_grow.seeding_ref     ? 
_exptl_crystal_grow.temp            298 
_exptl_crystal_grow.temp_details    ? 
_exptl_crystal_grow.temp_esd        ? 
_exptl_crystal_grow.time            ? 
_exptl_crystal_grow.pdbx_details    '0.1 M MES pH 6.5, 28% PEG 3350' 
_exptl_crystal_grow.pdbx_pH_range   ? 
# 
_diffrn.ambient_environment              ? 
_diffrn.ambient_temp                     100 
_diffrn.ambient_temp_details             ? 
_diffrn.ambient_temp_esd                 ? 
_diffrn.crystal_id                       1 
_diffrn.crystal_support                  ? 
_diffrn.crystal_treatment                ? 
_diffrn.details                          ? 
_diffrn.id                               1 
_diffrn.ambient_pressure                 ? 
_diffrn.ambient_pressure_esd             ? 
_diffrn.ambient_pressure_gt              ? 
_diffrn.ambient_pressure_lt              ? 
_diffrn.ambient_temp_gt                  ? 
_diffrn.ambient_temp_lt                  ? 
_diffrn.pdbx_serial_crystal_experiment   N 
# 
_diffrn_detector.details                      mirrors 
_diffrn_detector.detector                     CCD 
_diffrn_detector.diffrn_id                    1 
_diffrn_detector.type                         'RIGAKU SATURN 944' 
_diffrn_detector.area_resol_mean              ? 
_diffrn_detector.dtime                        ? 
_diffrn_detector.pdbx_frames_total            ? 
_diffrn_detector.pdbx_collection_time_total   ? 
_diffrn_detector.pdbx_collection_date         2007-05-18 
_diffrn_detector.pdbx_frequency               ? 
# 
_diffrn_radiation.collimation                      ? 
_diffrn_radiation.diffrn_id                        1 
_diffrn_radiation.filter_edge                      ? 
_diffrn_radiation.inhomogeneity                    ? 
_diffrn_radiation.monochromator                    'OsmicTM VariMaxTM confocal optics' 
_diffrn_radiation.polarisn_norm                    ? 
_diffrn_radiation.polarisn_ratio                   ? 
_diffrn_radiation.probe                            ? 
_diffrn_radiation.type                             ? 
_diffrn_radiation.xray_symbol                      ? 
_diffrn_radiation.wavelength_id                    1 
_diffrn_radiation.pdbx_monochromatic_or_laue_m_l   M 
_diffrn_radiation.pdbx_wavelength_list             ? 
_diffrn_radiation.pdbx_wavelength                  ? 
_diffrn_radiation.pdbx_diffrn_protocol             'SINGLE WAVELENGTH' 
_diffrn_radiation.pdbx_analyzer                    ? 
_diffrn_radiation.pdbx_scattering_type             x-ray 
# 
_diffrn_radiation_wavelength.id           1 
_diffrn_radiation_wavelength.wavelength   1.5418 
_diffrn_radiation_wavelength.wt           1.0 
# 
_diffrn_source.current                     ? 
_diffrn_source.details                     ? 
_diffrn_source.diffrn_id                   1 
_diffrn_source.power                       ? 
_diffrn_source.size                        ? 
_diffrn_source.source                      'ROTATING ANODE' 
_diffrn_source.target                      ? 
_diffrn_source.type                        'RIGAKU MICROMAX-007 HF' 
_diffrn_source.voltage                     ? 
_diffrn_source.take-off_angle              ? 
_diffrn_source.pdbx_wavelength_list        1.5418 
_diffrn_source.pdbx_wavelength             ? 
_diffrn_source.pdbx_synchrotron_beamline   ? 
_diffrn_source.pdbx_synchrotron_site       ? 
# 
_reflns.B_iso_Wilson_estimate            27.131 
_reflns.entry_id                         7JGT 
_reflns.data_reduction_details           ? 
_reflns.data_reduction_method            ? 
_reflns.d_resolution_high                1.900 
_reflns.d_resolution_low                 31.110 
_reflns.details                          ? 
_reflns.limit_h_max                      ? 
_reflns.limit_h_min                      ? 
_reflns.limit_k_max                      ? 
_reflns.limit_k_min                      ? 
_reflns.limit_l_max                      ? 
_reflns.limit_l_min                      ? 
_reflns.number_all                       ? 
_reflns.number_obs                       6681 
_reflns.observed_criterion               ? 
_reflns.observed_criterion_F_max         ? 
_reflns.observed_criterion_F_min         ? 
_reflns.observed_criterion_I_max         ? 
_reflns.observed_criterion_I_min         ? 
_reflns.observed_criterion_sigma_F       ? 
_reflns.observed_criterion_sigma_I       ? 
_reflns.percent_possible_obs             98.300 
_reflns.R_free_details                   ? 
_reflns.Rmerge_F_all                     ? 
_reflns.Rmerge_F_obs                     ? 
_reflns.Friedel_coverage                 ? 
_reflns.number_gt                        ? 
_reflns.threshold_expression             ? 
_reflns.pdbx_redundancy                  24.130 
_reflns.pdbx_Rmerge_I_obs                0.064 
_reflns.pdbx_Rmerge_I_all                ? 
_reflns.pdbx_Rsym_value                  ? 
_reflns.pdbx_netI_over_av_sigmaI         ? 
_reflns.pdbx_netI_over_sigmaI            38.630 
_reflns.pdbx_res_netI_over_av_sigmaI_2   ? 
_reflns.pdbx_res_netI_over_sigmaI_2      ? 
_reflns.pdbx_chi_squared                 0.940 
_reflns.pdbx_scaling_rejects             4 
_reflns.pdbx_d_res_high_opt              ? 
_reflns.pdbx_d_res_low_opt               ? 
_reflns.pdbx_d_res_opt_method            ? 
_reflns.phase_calculation_details        ? 
_reflns.pdbx_Rrim_I_all                  0.065 
_reflns.pdbx_Rpim_I_all                  ? 
_reflns.pdbx_d_opt                       ? 
_reflns.pdbx_number_measured_all         161213 
_reflns.pdbx_diffrn_id                   1 
_reflns.pdbx_ordinal                     1 
_reflns.pdbx_CC_half                     1.000 
_reflns.pdbx_CC_star                     ? 
_reflns.pdbx_R_split                     ? 
# 
loop_
_reflns_shell.d_res_high 
_reflns_shell.d_res_low 
_reflns_shell.meanI_over_sigI_all 
_reflns_shell.meanI_over_sigI_obs 
_reflns_shell.number_measured_all 
_reflns_shell.number_measured_obs 
_reflns_shell.number_possible 
_reflns_shell.number_unique_all 
_reflns_shell.number_unique_obs 
_reflns_shell.percent_possible_all 
_reflns_shell.percent_possible_obs 
_reflns_shell.Rmerge_F_all 
_reflns_shell.Rmerge_F_obs 
_reflns_shell.Rmerge_I_all 
_reflns_shell.Rmerge_I_obs 
_reflns_shell.meanI_over_sigI_gt 
_reflns_shell.meanI_over_uI_all 
_reflns_shell.meanI_over_uI_gt 
_reflns_shell.number_measured_gt 
_reflns_shell.number_unique_gt 
_reflns_shell.percent_possible_gt 
_reflns_shell.Rmerge_F_gt 
_reflns_shell.Rmerge_I_gt 
_reflns_shell.pdbx_redundancy 
_reflns_shell.pdbx_Rsym_value 
_reflns_shell.pdbx_chi_squared 
_reflns_shell.pdbx_netI_over_sigmaI_all 
_reflns_shell.pdbx_netI_over_sigmaI_obs 
_reflns_shell.pdbx_Rrim_I_all 
_reflns_shell.pdbx_Rpim_I_all 
_reflns_shell.pdbx_rejects 
_reflns_shell.pdbx_ordinal 
_reflns_shell.pdbx_diffrn_id 
_reflns_shell.pdbx_CC_half 
_reflns_shell.pdbx_CC_star 
_reflns_shell.pdbx_R_split 
1.900 1.950  ? 8.850  ? 5815  502 ? 400 79.700  ? ? ? ? 0.322 ? ? ? ? ? ? ? ? 14.538 ? ? ? ? 0.333 ? ? 1  1 0.965 ? ? 
1.950 2.000  ? 12.570 ? 8420  469 ? 454 96.800  ? ? ? ? 0.252 ? ? ? ? ? ? ? ? 18.546 ? ? ? ? 0.259 ? ? 2  1 0.986 ? ? 
2.000 2.060  ? 18.070 ? 10948 449 ? 449 100.000 ? ? ? ? 0.207 ? ? ? ? ? ? ? ? 24.383 ? ? ? ? 0.212 ? ? 3  1 0.992 ? ? 
2.060 2.120  ? 19.860 ? 11857 453 ? 453 100.000 ? ? ? ? 0.184 ? ? ? ? ? ? ? ? 26.174 ? ? ? ? 0.187 ? ? 4  1 0.996 ? ? 
2.120 2.190  ? 23.320 ? 11629 436 ? 436 100.000 ? ? ? ? 0.161 ? ? ? ? ? ? ? ? 26.672 ? ? ? ? 0.165 ? ? 5  1 0.996 ? ? 
2.190 2.270  ? 26.160 ? 11346 441 ? 441 100.000 ? ? ? ? 0.137 ? ? ? ? ? ? ? ? 25.728 ? ? ? ? 0.140 ? ? 6  1 0.998 ? ? 
2.270 2.360  ? 28.680 ? 10554 388 ? 388 100.000 ? ? ? ? 0.125 ? ? ? ? ? ? ? ? 27.201 ? ? ? ? 0.127 ? ? 7  1 0.998 ? ? 
2.360 2.450  ? 33.250 ? 10402 400 ? 400 100.000 ? ? ? ? 0.107 ? ? ? ? ? ? ? ? 26.005 ? ? ? ? 0.110 ? ? 8  1 0.998 ? ? 
2.450 2.560  ? 32.130 ? 10287 391 ? 391 100.000 ? ? ? ? 0.107 ? ? ? ? ? ? ? ? 26.309 ? ? ? ? 0.109 ? ? 9  1 0.998 ? ? 
2.560 2.690  ? 38.330 ? 9334  350 ? 350 100.000 ? ? ? ? 0.090 ? ? ? ? ? ? ? ? 26.669 ? ? ? ? 0.092 ? ? 10 1 0.999 ? ? 
2.690 2.830  ? 42.550 ? 9239  357 ? 357 100.000 ? ? ? ? 0.077 ? ? ? ? ? ? ? ? 25.880 ? ? ? ? 0.079 ? ? 11 1 0.999 ? ? 
2.830 3.000  ? 50.000 ? 8502  330 ? 330 100.000 ? ? ? ? 0.062 ? ? ? ? ? ? ? ? 25.764 ? ? ? ? 0.063 ? ? 12 1 0.999 ? ? 
3.000 3.210  ? 57.290 ? 8134  327 ? 327 100.000 ? ? ? ? 0.055 ? ? ? ? ? ? ? ? 24.875 ? ? ? ? 0.056 ? ? 13 1 0.999 ? ? 
3.210 3.470  ? 65.630 ? 7196  288 ? 288 100.000 ? ? ? ? 0.050 ? ? ? ? ? ? ? ? 24.986 ? ? ? ? 0.051 ? ? 14 1 0.999 ? ? 
3.470 3.800  ? 69.490 ? 6658  274 ? 274 100.000 ? ? ? ? 0.046 ? ? ? ? ? ? ? ? 24.299 ? ? ? ? 0.047 ? ? 15 1 0.999 ? ? 
3.800 4.250  ? 74.670 ? 5857  254 ? 254 100.000 ? ? ? ? 0.043 ? ? ? ? ? ? ? ? 23.059 ? ? ? ? 0.044 ? ? 16 1 1.000 ? ? 
4.250 4.910  ? 77.880 ? 5167  227 ? 227 100.000 ? ? ? ? 0.039 ? ? ? ? ? ? ? ? 22.762 ? ? ? ? 0.039 ? ? 17 1 1.000 ? ? 
4.910 6.010  ? 76.790 ? 4468  197 ? 197 100.000 ? ? ? ? 0.036 ? ? ? ? ? ? ? ? 22.680 ? ? ? ? 0.037 ? ? 18 1 1.000 ? ? 
6.010 8.500  ? 75.050 ? 3455  160 ? 160 100.000 ? ? ? ? 0.038 ? ? ? ? ? ? ? ? 21.594 ? ? ? ? 0.038 ? ? 19 1 1.000 ? ? 
8.500 31.110 ? 71.280 ? 1945  106 ? 105 99.100  ? ? ? ? 0.039 ? ? ? ? ? ? ? ? 18.524 ? ? ? ? 0.040 ? ? 20 1 0.999 ? ? 
# 
_refine.aniso_B[1][1]                            ? 
_refine.aniso_B[1][2]                            ? 
_refine.aniso_B[1][3]                            ? 
_refine.aniso_B[2][2]                            ? 
_refine.aniso_B[2][3]                            ? 
_refine.aniso_B[3][3]                            ? 
_refine.B_iso_max                                62.190 
_refine.B_iso_mean                               22.8862 
_refine.B_iso_min                                9.230 
_refine.correlation_coeff_Fo_to_Fc               ? 
_refine.correlation_coeff_Fo_to_Fc_free          ? 
_refine.details                                  ? 
_refine.diff_density_max                         ? 
_refine.diff_density_max_esd                     ? 
_refine.diff_density_min                         ? 
_refine.diff_density_min_esd                     ? 
_refine.diff_density_rms                         ? 
_refine.diff_density_rms_esd                     ? 
_refine.entry_id                                 7JGT 
_refine.pdbx_refine_id                           'X-RAY DIFFRACTION' 
_refine.ls_abs_structure_details                 ? 
_refine.ls_abs_structure_Flack                   ? 
_refine.ls_abs_structure_Flack_esd               ? 
_refine.ls_abs_structure_Rogers                  ? 
_refine.ls_abs_structure_Rogers_esd              ? 
_refine.ls_d_res_high                            1.9000 
_refine.ls_d_res_low                             31.1100 
_refine.ls_extinction_coef                       ? 
_refine.ls_extinction_coef_esd                   ? 
_refine.ls_extinction_expression                 ? 
_refine.ls_extinction_method                     ? 
_refine.ls_goodness_of_fit_all                   ? 
_refine.ls_goodness_of_fit_all_esd               ? 
_refine.ls_goodness_of_fit_obs                   ? 
_refine.ls_goodness_of_fit_obs_esd               ? 
_refine.ls_hydrogen_treatment                    ? 
_refine.ls_matrix_type                           ? 
_refine.ls_number_constraints                    ? 
_refine.ls_number_parameters                     ? 
_refine.ls_number_reflns_all                     ? 
_refine.ls_number_reflns_obs                     6681 
_refine.ls_number_reflns_R_free                  673 
_refine.ls_number_reflns_R_work                  6008 
_refine.ls_number_restraints                     ? 
_refine.ls_percent_reflns_obs                    98.2800 
_refine.ls_percent_reflns_R_free                 10.0700 
_refine.ls_R_factor_all                          ? 
_refine.ls_R_factor_obs                          0.1826 
_refine.ls_R_factor_R_free                       0.2335 
_refine.ls_R_factor_R_free_error                 ? 
_refine.ls_R_factor_R_free_error_details         ? 
_refine.ls_R_factor_R_work                       0.1768 
_refine.ls_R_Fsqd_factor_obs                     ? 
_refine.ls_R_I_factor_obs                        ? 
_refine.ls_redundancy_reflns_all                 ? 
_refine.ls_redundancy_reflns_obs                 ? 
_refine.ls_restrained_S_all                      ? 
_refine.ls_restrained_S_obs                      ? 
_refine.ls_shift_over_esd_max                    ? 
_refine.ls_shift_over_esd_mean                   ? 
_refine.ls_structure_factor_coef                 ? 
_refine.ls_weighting_details                     ? 
_refine.ls_weighting_scheme                      ? 
_refine.ls_wR_factor_all                         ? 
_refine.ls_wR_factor_obs                         ? 
_refine.ls_wR_factor_R_free                      ? 
_refine.ls_wR_factor_R_work                      ? 
_refine.occupancy_max                            ? 
_refine.occupancy_min                            ? 
_refine.solvent_model_details                    'FLAT BULK SOLVENT MODEL' 
_refine.solvent_model_param_bsol                 ? 
_refine.solvent_model_param_ksol                 ? 
_refine.pdbx_R_complete                          ? 
_refine.ls_R_factor_gt                           ? 
_refine.ls_goodness_of_fit_gt                    ? 
_refine.ls_goodness_of_fit_ref                   ? 
_refine.ls_shift_over_su_max                     ? 
_refine.ls_shift_over_su_max_lt                  ? 
_refine.ls_shift_over_su_mean                    ? 
_refine.ls_shift_over_su_mean_lt                 ? 
_refine.pdbx_ls_sigma_I                          ? 
_refine.pdbx_ls_sigma_F                          1.360 
_refine.pdbx_ls_sigma_Fsqd                       ? 
_refine.pdbx_data_cutoff_high_absF               ? 
_refine.pdbx_data_cutoff_high_rms_absF           ? 
_refine.pdbx_data_cutoff_low_absF                ? 
_refine.pdbx_isotropic_thermal_model             ? 
_refine.pdbx_ls_cross_valid_method               THROUGHOUT 
_refine.pdbx_method_to_determine_struct          'MOLECULAR REPLACEMENT' 
_refine.pdbx_starting_model                      'Rosetta generated' 
_refine.pdbx_stereochemistry_target_values       ML 
_refine.pdbx_R_Free_selection_details            ? 
_refine.pdbx_stereochem_target_val_spec_case     ? 
_refine.pdbx_overall_ESU_R                       ? 
_refine.pdbx_overall_ESU_R_Free                  ? 
_refine.pdbx_solvent_vdw_probe_radii             1.1100 
_refine.pdbx_solvent_ion_probe_radii             ? 
_refine.pdbx_solvent_shrinkage_radii             0.9000 
_refine.pdbx_real_space_R                        ? 
_refine.pdbx_density_correlation                 ? 
_refine.pdbx_pd_number_of_powder_patterns        ? 
_refine.pdbx_pd_number_of_points                 ? 
_refine.pdbx_pd_meas_number_of_points            ? 
_refine.pdbx_pd_proc_ls_prof_R_factor            ? 
_refine.pdbx_pd_proc_ls_prof_wR_factor           ? 
_refine.pdbx_pd_Marquardt_correlation_coeff      ? 
_refine.pdbx_pd_Fsqrd_R_factor                   ? 
_refine.pdbx_pd_ls_matrix_band_width             ? 
_refine.pdbx_overall_phase_error                 20.9500 
_refine.pdbx_overall_SU_R_free_Cruickshank_DPI   ? 
_refine.pdbx_overall_SU_R_free_Blow_DPI          ? 
_refine.pdbx_overall_SU_R_Blow_DPI               ? 
_refine.pdbx_TLS_residual_ADP_flag               ? 
_refine.pdbx_diffrn_id                           1 
_refine.overall_SU_B                             ? 
_refine.overall_SU_ML                            0.2000 
_refine.overall_SU_R_Cruickshank_DPI             ? 
_refine.overall_SU_R_free                        ? 
_refine.overall_FOM_free_R_set                   ? 
_refine.overall_FOM_work_R_set                   ? 
_refine.pdbx_average_fsc_overall                 ? 
_refine.pdbx_average_fsc_work                    ? 
_refine.pdbx_average_fsc_free                    ? 
# 
_refine_hist.pdbx_refine_id                   'X-RAY DIFFRACTION' 
_refine_hist.cycle_id                         final 
_refine_hist.details                          ? 
_refine_hist.d_res_high                       1.9000 
_refine_hist.d_res_low                        31.1100 
_refine_hist.number_atoms_solvent             88 
_refine_hist.number_atoms_total               819 
_refine_hist.number_reflns_all                ? 
_refine_hist.number_reflns_obs                ? 
_refine_hist.number_reflns_R_free             ? 
_refine_hist.number_reflns_R_work             ? 
_refine_hist.R_factor_all                     ? 
_refine_hist.R_factor_obs                     ? 
_refine_hist.R_factor_R_free                  ? 
_refine_hist.R_factor_R_work                  ? 
_refine_hist.pdbx_number_residues_total       92 
_refine_hist.pdbx_B_iso_mean_ligand           ? 
_refine_hist.pdbx_B_iso_mean_solvent          31.00 
_refine_hist.pdbx_number_atoms_protein        731 
_refine_hist.pdbx_number_atoms_nucleic_acid   0 
_refine_hist.pdbx_number_atoms_ligand         0 
_refine_hist.pdbx_number_atoms_lipid          ? 
_refine_hist.pdbx_number_atoms_carb           ? 
_refine_hist.pdbx_pseudo_atom_details         ? 
# 
loop_
_refine_ls_shell.pdbx_refine_id 
_refine_ls_shell.d_res_high 
_refine_ls_shell.d_res_low 
_refine_ls_shell.number_reflns_all 
_refine_ls_shell.number_reflns_obs 
_refine_ls_shell.number_reflns_R_free 
_refine_ls_shell.number_reflns_R_work 
_refine_ls_shell.percent_reflns_obs 
_refine_ls_shell.percent_reflns_R_free 
_refine_ls_shell.R_factor_all 
_refine_ls_shell.R_factor_obs 
_refine_ls_shell.R_factor_R_free 
_refine_ls_shell.R_factor_R_free_error 
_refine_ls_shell.R_factor_R_work 
_refine_ls_shell.redundancy_reflns_all 
_refine_ls_shell.redundancy_reflns_obs 
_refine_ls_shell.wR_factor_all 
_refine_ls_shell.wR_factor_obs 
_refine_ls_shell.wR_factor_R_free 
_refine_ls_shell.wR_factor_R_work 
_refine_ls_shell.pdbx_R_complete 
_refine_ls_shell.pdbx_total_number_of_bins_used 
_refine_ls_shell.pdbx_phase_error 
_refine_ls_shell.pdbx_fsc_work 
_refine_ls_shell.pdbx_fsc_free 
'X-RAY DIFFRACTION' 1.9000 2.0500  1203 . 125 1078 91.0000  . . . 0.2699 0.0000 0.1865 . . . . . . . 5 . . . 
'X-RAY DIFFRACTION' 2.0500 2.2500  1319 . 131 1188 100.0000 . . . 0.2531 0.0000 0.1819 . . . . . . . 5 . . . 
'X-RAY DIFFRACTION' 2.2500 2.5800  1333 . 133 1200 100.0000 . . . 0.2890 0.0000 0.1871 . . . . . . . 5 . . . 
'X-RAY DIFFRACTION' 2.5800 3.2500  1360 . 136 1224 100.0000 . . . 0.2201 0.0000 0.1872 . . . . . . . 5 . . . 
'X-RAY DIFFRACTION' 3.2500 31.1100 1466 . 148 1318 100.0000 . . . 0.2103 0.0000 0.1648 . . . . . . . 5 . . . 
# 
_struct.entry_id                     7JGT 
_struct.title                        'Crystal Structure of FN3tt' 
_struct.pdbx_model_details           'Crystal Structure of FN3tt, a Fibronectin-like Domain from T. tengcongensis' 
_struct.pdbx_formula_weight          ? 
_struct.pdbx_formula_weight_method   ? 
_struct.pdbx_model_type_details      ? 
_struct.pdbx_CASP_flag               N 
# 
_struct_keywords.entry_id        7JGT 
_struct_keywords.text            'Hyperthermal stability, Surface Salt Bridges, STRUCTURAL PROTEIN' 
_struct_keywords.pdbx_keywords   'STRUCTURAL PROTEIN' 
# 
loop_
_struct_asym.id 
_struct_asym.pdbx_blank_PDB_chainid_flag 
_struct_asym.pdbx_modified 
_struct_asym.entity_id 
_struct_asym.details 
A N N 1 ? 
B N N 2 ? 
# 
_struct_ref.id                         1 
_struct_ref.db_name                    UNP 
_struct_ref.db_code                    Q8RD81_CALS4 
_struct_ref.pdbx_db_accession          Q8RD81 
_struct_ref.pdbx_db_isoform            ? 
_struct_ref.entity_id                  1 
_struct_ref.pdbx_seq_one_letter_code   
;TVPDEPVGFWVESIPGNDHTLRLRWSETKGAKYYEIYLVSDSTYKFIASTDKLEYYVTNLSPNTKYTFALRAVNELGPSN
FVTASSTTDR
;
_struct_ref.pdbx_align_begin           1458 
# 
_struct_ref_seq.align_id                      1 
_struct_ref_seq.ref_id                        1 
_struct_ref_seq.pdbx_PDB_id_code              7JGT 
_struct_ref_seq.pdbx_strand_id                A 
_struct_ref_seq.seq_align_beg                 2 
_struct_ref_seq.pdbx_seq_align_beg_ins_code   ? 
_struct_ref_seq.seq_align_end                 91 
_struct_ref_seq.pdbx_seq_align_end_ins_code   ? 
_struct_ref_seq.pdbx_db_accession             Q8RD81 
_struct_ref_seq.db_align_beg                  1458 
_struct_ref_seq.pdbx_db_align_beg_ins_code    ? 
_struct_ref_seq.db_align_end                  1547 
_struct_ref_seq.pdbx_db_align_end_ins_code    ? 
_struct_ref_seq.pdbx_auth_seq_align_beg       2 
_struct_ref_seq.pdbx_auth_seq_align_end       91 
# 
loop_
_struct_ref_seq_dif.align_id 
_struct_ref_seq_dif.pdbx_pdb_id_code 
_struct_ref_seq_dif.mon_id 
_struct_ref_seq_dif.pdbx_pdb_strand_id 
_struct_ref_seq_dif.seq_num 
_struct_ref_seq_dif.pdbx_pdb_ins_code 
_struct_ref_seq_dif.pdbx_seq_db_name 
_struct_ref_seq_dif.pdbx_seq_db_accession_code 
_struct_ref_seq_dif.db_mon_id 
_struct_ref_seq_dif.pdbx_seq_db_seq_num 
_struct_ref_seq_dif.details 
_struct_ref_seq_dif.pdbx_auth_seq_num 
_struct_ref_seq_dif.pdbx_ordinal 
1 7JGT MET A 1  ? UNP Q8RD81 ?   ?    'initiating methionine' 1  1  
1 7JGT CYS A 68 ? UNP Q8RD81 THR 1524 'engineered mutation'   68 2  
1 7JGT GLY A 92 ? UNP Q8RD81 ?   ?    'expression tag'        92 3  
1 7JGT GLY A 93 ? UNP Q8RD81 ?   ?    'expression tag'        93 4  
1 7JGT HIS A 94 ? UNP Q8RD81 ?   ?    'expression tag'        94 5  
1 7JGT HIS A 95 ? UNP Q8RD81 ?   ?    'expression tag'        95 6  
1 7JGT HIS A 96 ? UNP Q8RD81 ?   ?    'expression tag'        96 7  
1 7JGT HIS A 97 ? UNP Q8RD81 ?   ?    'expression tag'        97 8  
1 7JGT HIS A 98 ? UNP Q8RD81 ?   ?    'expression tag'        98 9  
1 7JGT HIS A 99 ? UNP Q8RD81 ?   ?    'expression tag'        99 10 
# 
_pdbx_struct_assembly.id                   1 
_pdbx_struct_assembly.details              author_and_software_defined_assembly 
_pdbx_struct_assembly.method_details       PISA 
_pdbx_struct_assembly.oligomeric_details   monomeric 
_pdbx_struct_assembly.oligomeric_count     1 
# 
loop_
_pdbx_struct_assembly_prop.biol_id 
_pdbx_struct_assembly_prop.type 
_pdbx_struct_assembly_prop.value 
_pdbx_struct_assembly_prop.details 
1 'ABSA (A^2)' 0    ? 
1 MORE         0    ? 
1 'SSA (A^2)'  5300 ? 
# 
_pdbx_struct_assembly_gen.assembly_id       1 
_pdbx_struct_assembly_gen.oper_expression   1 
_pdbx_struct_assembly_gen.asym_id_list      A,B 
# 
_pdbx_struct_assembly_auth_evidence.id                     1 
_pdbx_struct_assembly_auth_evidence.assembly_id            1 
_pdbx_struct_assembly_auth_evidence.experimental_support   homology 
_pdbx_struct_assembly_auth_evidence.details                ? 
# 
_pdbx_struct_oper_list.id                   1 
_pdbx_struct_oper_list.type                 'identity operation' 
_pdbx_struct_oper_list.name                 1_555 
_pdbx_struct_oper_list.symmetry_operation   x,y,z 
_pdbx_struct_oper_list.matrix[1][1]         1.0000000000 
_pdbx_struct_oper_list.matrix[1][2]         0.0000000000 
_pdbx_struct_oper_list.matrix[1][3]         0.0000000000 
_pdbx_struct_oper_list.vector[1]            0.0000000000 
_pdbx_struct_oper_list.matrix[2][1]         0.0000000000 
_pdbx_struct_oper_list.matrix[2][2]         1.0000000000 
_pdbx_struct_oper_list.matrix[2][3]         0.0000000000 
_pdbx_struct_oper_list.vector[2]            0.0000000000 
_pdbx_struct_oper_list.matrix[3][1]         0.0000000000 
_pdbx_struct_oper_list.matrix[3][2]         0.0000000000 
_pdbx_struct_oper_list.matrix[3][3]         1.0000000000 
_pdbx_struct_oper_list.vector[3]            0.0000000000 
# 
loop_
_struct_sheet.id 
_struct_sheet.type 
_struct_sheet.number_strands 
_struct_sheet.details 
AA1 ? 3 ? 
AA2 ? 4 ? 
AA3 ? 4 ? 
# 
loop_
_struct_sheet_order.sheet_id 
_struct_sheet_order.range_id_1 
_struct_sheet_order.range_id_2 
_struct_sheet_order.offset 
_struct_sheet_order.sense 
AA1 1 2 ? anti-parallel 
AA1 2 3 ? anti-parallel 
AA2 1 2 ? anti-parallel 
AA2 2 3 ? anti-parallel 
AA2 3 4 ? anti-parallel 
AA3 1 2 ? anti-parallel 
AA3 2 3 ? anti-parallel 
AA3 3 4 ? anti-parallel 
# 
loop_
_struct_sheet_range.sheet_id 
_struct_sheet_range.id 
_struct_sheet_range.beg_label_comp_id 
_struct_sheet_range.beg_label_asym_id 
_struct_sheet_range.beg_label_seq_id 
_struct_sheet_range.pdbx_beg_PDB_ins_code 
_struct_sheet_range.end_label_comp_id 
_struct_sheet_range.end_label_asym_id 
_struct_sheet_range.end_label_seq_id 
_struct_sheet_range.pdbx_end_PDB_ins_code 
_struct_sheet_range.beg_auth_comp_id 
_struct_sheet_range.beg_auth_asym_id 
_struct_sheet_range.beg_auth_seq_id 
_struct_sheet_range.end_auth_comp_id 
_struct_sheet_range.end_auth_asym_id 
_struct_sheet_range.end_auth_seq_id 
AA1 1 TRP A 11 ? SER A 14 ? TRP A 11 SER A 14 
AA1 2 LEU A 22 ? ARG A 25 ? LEU A 22 ARG A 25 
AA1 3 GLU A 55 ? VAL A 58 ? GLU A 55 VAL A 58 
AA2 1 THR A 44 ? THR A 51 ? THR A 44 THR A 51 
AA2 2 TYR A 34 ? SER A 41 ? TYR A 34 SER A 41 
AA2 3 LYS A 66 ? ASN A 75 ? LYS A 66 ASN A 75 
AA2 4 GLY A 78 ? PRO A 79 ? GLY A 78 PRO A 79 
AA3 1 THR A 44 ? THR A 51 ? THR A 44 THR A 51 
AA3 2 TYR A 34 ? SER A 41 ? TYR A 34 SER A 41 
AA3 3 LYS A 66 ? ASN A 75 ? LYS A 66 ASN A 75 
AA3 4 VAL A 83 ? THR A 88 ? VAL A 83 THR A 88 
# 
loop_
_pdbx_struct_sheet_hbond.sheet_id 
_pdbx_struct_sheet_hbond.range_id_1 
_pdbx_struct_sheet_hbond.range_id_2 
_pdbx_struct_sheet_hbond.range_1_label_atom_id 
_pdbx_struct_sheet_hbond.range_1_label_comp_id 
_pdbx_struct_sheet_hbond.range_1_label_asym_id 
_pdbx_struct_sheet_hbond.range_1_label_seq_id 
_pdbx_struct_sheet_hbond.range_1_PDB_ins_code 
_pdbx_struct_sheet_hbond.range_1_auth_atom_id 
_pdbx_struct_sheet_hbond.range_1_auth_comp_id 
_pdbx_struct_sheet_hbond.range_1_auth_asym_id 
_pdbx_struct_sheet_hbond.range_1_auth_seq_id 
_pdbx_struct_sheet_hbond.range_2_label_atom_id 
_pdbx_struct_sheet_hbond.range_2_label_comp_id 
_pdbx_struct_sheet_hbond.range_2_label_asym_id 
_pdbx_struct_sheet_hbond.range_2_label_seq_id 
_pdbx_struct_sheet_hbond.range_2_PDB_ins_code 
_pdbx_struct_sheet_hbond.range_2_auth_atom_id 
_pdbx_struct_sheet_hbond.range_2_auth_comp_id 
_pdbx_struct_sheet_hbond.range_2_auth_asym_id 
_pdbx_struct_sheet_hbond.range_2_auth_seq_id 
AA1 1 2 N GLU A 13 ? N GLU A 13 O ARG A 23 ? O ARG A 23 
AA1 2 3 N LEU A 24 ? N LEU A 24 O TYR A 56 ? O TYR A 56 
AA2 1 2 O THR A 44 ? O THR A 44 N SER A 41 ? N SER A 41 
AA2 2 3 N VAL A 40 ? N VAL A 40 O CYS A 68 ? O CYS A 68 
AA2 3 4 N ASN A 75 ? N ASN A 75 O GLY A 78 ? O GLY A 78 
AA3 1 2 O THR A 44 ? O THR A 44 N SER A 41 ? N SER A 41 
AA3 2 3 N VAL A 40 ? N VAL A 40 O CYS A 68 ? O CYS A 68 
AA3 3 4 N TYR A 67 ? N TYR A 67 O SER A 87 ? O SER A 87 
# 
loop_
_pdbx_validate_close_contact.id 
_pdbx_validate_close_contact.PDB_model_num 
_pdbx_validate_close_contact.auth_atom_id_1 
_pdbx_validate_close_contact.auth_asym_id_1 
_pdbx_validate_close_contact.auth_comp_id_1 
_pdbx_validate_close_contact.auth_seq_id_1 
_pdbx_validate_close_contact.PDB_ins_code_1 
_pdbx_validate_close_contact.label_alt_id_1 
_pdbx_validate_close_contact.auth_atom_id_2 
_pdbx_validate_close_contact.auth_asym_id_2 
_pdbx_validate_close_contact.auth_comp_id_2 
_pdbx_validate_close_contact.auth_seq_id_2 
_pdbx_validate_close_contact.PDB_ins_code_2 
_pdbx_validate_close_contact.label_alt_id_2 
_pdbx_validate_close_contact.dist 
1 1 OG  A SER 27 ? ? O A HOH 101 ? ? 2.08 
2 1 NZ  A LYS 53 ? ? O A HOH 102 ? ? 2.11 
3 1 OD1 A ASN 64 ? ? O A HOH 103 ? ? 2.11 
# 
loop_
_pdbx_validate_symm_contact.id 
_pdbx_validate_symm_contact.PDB_model_num 
_pdbx_validate_symm_contact.auth_atom_id_1 
_pdbx_validate_symm_contact.auth_asym_id_1 
_pdbx_validate_symm_contact.auth_comp_id_1 
_pdbx_validate_symm_contact.auth_seq_id_1 
_pdbx_validate_symm_contact.PDB_ins_code_1 
_pdbx_validate_symm_contact.label_alt_id_1 
_pdbx_validate_symm_contact.site_symmetry_1 
_pdbx_validate_symm_contact.auth_atom_id_2 
_pdbx_validate_symm_contact.auth_asym_id_2 
_pdbx_validate_symm_contact.auth_comp_id_2 
_pdbx_validate_symm_contact.auth_seq_id_2 
_pdbx_validate_symm_contact.PDB_ins_code_2 
_pdbx_validate_symm_contact.label_alt_id_2 
_pdbx_validate_symm_contact.site_symmetry_2 
_pdbx_validate_symm_contact.dist 
1 1 O A HOH 174 ? ? 1_555 O A HOH 184 ? ? 5_445 1.96 
2 1 O A HOH 186 ? ? 1_555 O A HOH 187 ? ? 7_565 2.18 
# 
_pdbx_struct_special_symmetry.id              1 
_pdbx_struct_special_symmetry.PDB_model_num   1 
_pdbx_struct_special_symmetry.auth_asym_id    A 
_pdbx_struct_special_symmetry.auth_comp_id    HOH 
_pdbx_struct_special_symmetry.auth_seq_id     172 
_pdbx_struct_special_symmetry.PDB_ins_code    ? 
_pdbx_struct_special_symmetry.label_asym_id   B 
_pdbx_struct_special_symmetry.label_comp_id   HOH 
_pdbx_struct_special_symmetry.label_seq_id    . 
# 
loop_
_pdbx_unobs_or_zero_occ_residues.id 
_pdbx_unobs_or_zero_occ_residues.PDB_model_num 
_pdbx_unobs_or_zero_occ_residues.polymer_flag 
_pdbx_unobs_or_zero_occ_residues.occupancy_flag 
_pdbx_unobs_or_zero_occ_residues.auth_asym_id 
_pdbx_unobs_or_zero_occ_residues.auth_comp_id 
_pdbx_unobs_or_zero_occ_residues.auth_seq_id 
_pdbx_unobs_or_zero_occ_residues.PDB_ins_code 
_pdbx_unobs_or_zero_occ_residues.label_asym_id 
_pdbx_unobs_or_zero_occ_residues.label_comp_id 
_pdbx_unobs_or_zero_occ_residues.label_seq_id 
1 1 Y 1 A GLY 93 ? A GLY 93 
2 1 Y 1 A HIS 94 ? A HIS 94 
3 1 Y 1 A HIS 95 ? A HIS 95 
4 1 Y 1 A HIS 96 ? A HIS 96 
5 1 Y 1 A HIS 97 ? A HIS 97 
6 1 Y 1 A HIS 98 ? A HIS 98 
7 1 Y 1 A HIS 99 ? A HIS 99 
# 
loop_
_chem_comp_atom.comp_id 
_chem_comp_atom.atom_id 
_chem_comp_atom.type_symbol 
_chem_comp_atom.pdbx_aromatic_flag 
_chem_comp_atom.pdbx_stereo_config 
_chem_comp_atom.pdbx_ordinal 
ALA N    N N N 1   
ALA CA   C N S 2   
ALA C    C N N 3   
ALA O    O N N 4   
ALA CB   C N N 5   
ALA OXT  O N N 6   
ALA H    H N N 7   
ALA H2   H N N 8   
ALA HA   H N N 9   
ALA HB1  H N N 10  
ALA HB2  H N N 11  
ALA HB3  H N N 12  
ALA HXT  H N N 13  
ARG N    N N N 14  
ARG CA   C N S 15  
ARG C    C N N 16  
ARG O    O N N 17  
ARG CB   C N N 18  
ARG CG   C N N 19  
ARG CD   C N N 20  
ARG NE   N N N 21  
ARG CZ   C N N 22  
ARG NH1  N N N 23  
ARG NH2  N N N 24  
ARG OXT  O N N 25  
ARG H    H N N 26  
ARG H2   H N N 27  
ARG HA   H N N 28  
ARG HB2  H N N 29  
ARG HB3  H N N 30  
ARG HG2  H N N 31  
ARG HG3  H N N 32  
ARG HD2  H N N 33  
ARG HD3  H N N 34  
ARG HE   H N N 35  
ARG HH11 H N N 36  
ARG HH12 H N N 37  
ARG HH21 H N N 38  
ARG HH22 H N N 39  
ARG HXT  H N N 40  
ASN N    N N N 41  
ASN CA   C N S 42  
ASN C    C N N 43  
ASN O    O N N 44  
ASN CB   C N N 45  
ASN CG   C N N 46  
ASN OD1  O N N 47  
ASN ND2  N N N 48  
ASN OXT  O N N 49  
ASN H    H N N 50  
ASN H2   H N N 51  
ASN HA   H N N 52  
ASN HB2  H N N 53  
ASN HB3  H N N 54  
ASN HD21 H N N 55  
ASN HD22 H N N 56  
ASN HXT  H N N 57  
ASP N    N N N 58  
ASP CA   C N S 59  
ASP C    C N N 60  
ASP O    O N N 61  
ASP CB   C N N 62  
ASP CG   C N N 63  
ASP OD1  O N N 64  
ASP OD2  O N N 65  
ASP OXT  O N N 66  
ASP H    H N N 67  
ASP H2   H N N 68  
ASP HA   H N N 69  
ASP HB2  H N N 70  
ASP HB3  H N N 71  
ASP HD2  H N N 72  
ASP HXT  H N N 73  
CYS N    N N N 74  
CYS CA   C N R 75  
CYS C    C N N 76  
CYS O    O N N 77  
CYS CB   C N N 78  
CYS SG   S N N 79  
CYS OXT  O N N 80  
CYS H    H N N 81  
CYS H2   H N N 82  
CYS HA   H N N 83  
CYS HB2  H N N 84  
CYS HB3  H N N 85  
CYS HG   H N N 86  
CYS HXT  H N N 87  
GLU N    N N N 88  
GLU CA   C N S 89  
GLU C    C N N 90  
GLU O    O N N 91  
GLU CB   C N N 92  
GLU CG   C N N 93  
GLU CD   C N N 94  
GLU OE1  O N N 95  
GLU OE2  O N N 96  
GLU OXT  O N N 97  
GLU H    H N N 98  
GLU H2   H N N 99  
GLU HA   H N N 100 
GLU HB2  H N N 101 
GLU HB3  H N N 102 
GLU HG2  H N N 103 
GLU HG3  H N N 104 
GLU HE2  H N N 105 
GLU HXT  H N N 106 
GLY N    N N N 107 
GLY CA   C N N 108 
GLY C    C N N 109 
GLY O    O N N 110 
GLY OXT  O N N 111 
GLY H    H N N 112 
GLY H2   H N N 113 
GLY HA2  H N N 114 
GLY HA3  H N N 115 
GLY HXT  H N N 116 
HIS N    N N N 117 
HIS CA   C N S 118 
HIS C    C N N 119 
HIS O    O N N 120 
HIS CB   C N N 121 
HIS CG   C Y N 122 
HIS ND1  N Y N 123 
HIS CD2  C Y N 124 
HIS CE1  C Y N 125 
HIS NE2  N Y N 126 
HIS OXT  O N N 127 
HIS H    H N N 128 
HIS H2   H N N 129 
HIS HA   H N N 130 
HIS HB2  H N N 131 
HIS HB3  H N N 132 
HIS HD1  H N N 133 
HIS HD2  H N N 134 
HIS HE1  H N N 135 
HIS HE2  H N N 136 
HIS HXT  H N N 137 
HOH O    O N N 138 
HOH H1   H N N 139 
HOH H2   H N N 140 
ILE N    N N N 141 
ILE CA   C N S 142 
ILE C    C N N 143 
ILE O    O N N 144 
ILE CB   C N S 145 
ILE CG1  C N N 146 
ILE CG2  C N N 147 
ILE CD1  C N N 148 
ILE OXT  O N N 149 
ILE H    H N N 150 
ILE H2   H N N 151 
ILE HA   H N N 152 
ILE HB   H N N 153 
ILE HG12 H N N 154 
ILE HG13 H N N 155 
ILE HG21 H N N 156 
ILE HG22 H N N 157 
ILE HG23 H N N 158 
ILE HD11 H N N 159 
ILE HD12 H N N 160 
ILE HD13 H N N 161 
ILE HXT  H N N 162 
LEU N    N N N 163 
LEU CA   C N S 164 
LEU C    C N N 165 
LEU O    O N N 166 
LEU CB   C N N 167 
LEU CG   C N N 168 
LEU CD1  C N N 169 
LEU CD2  C N N 170 
LEU OXT  O N N 171 
LEU H    H N N 172 
LEU H2   H N N 173 
LEU HA   H N N 174 
LEU HB2  H N N 175 
LEU HB3  H N N 176 
LEU HG   H N N 177 
LEU HD11 H N N 178 
LEU HD12 H N N 179 
LEU HD13 H N N 180 
LEU HD21 H N N 181 
LEU HD22 H N N 182 
LEU HD23 H N N 183 
LEU HXT  H N N 184 
LYS N    N N N 185 
LYS CA   C N S 186 
LYS C    C N N 187 
LYS O    O N N 188 
LYS CB   C N N 189 
LYS CG   C N N 190 
LYS CD   C N N 191 
LYS CE   C N N 192 
LYS NZ   N N N 193 
LYS OXT  O N N 194 
LYS H    H N N 195 
LYS H2   H N N 196 
LYS HA   H N N 197 
LYS HB2  H N N 198 
LYS HB3  H N N 199 
LYS HG2  H N N 200 
LYS HG3  H N N 201 
LYS HD2  H N N 202 
LYS HD3  H N N 203 
LYS HE2  H N N 204 
LYS HE3  H N N 205 
LYS HZ1  H N N 206 
LYS HZ2  H N N 207 
LYS HZ3  H N N 208 
LYS HXT  H N N 209 
MET N    N N N 210 
MET CA   C N S 211 
MET C    C N N 212 
MET O    O N N 213 
MET CB   C N N 214 
MET CG   C N N 215 
MET SD   S N N 216 
MET CE   C N N 217 
MET OXT  O N N 218 
MET H    H N N 219 
MET H2   H N N 220 
MET HA   H N N 221 
MET HB2  H N N 222 
MET HB3  H N N 223 
MET HG2  H N N 224 
MET HG3  H N N 225 
MET HE1  H N N 226 
MET HE2  H N N 227 
MET HE3  H N N 228 
MET HXT  H N N 229 
PHE N    N N N 230 
PHE CA   C N S 231 
PHE C    C N N 232 
PHE O    O N N 233 
PHE CB   C N N 234 
PHE CG   C Y N 235 
PHE CD1  C Y N 236 
PHE CD2  C Y N 237 
PHE CE1  C Y N 238 
PHE CE2  C Y N 239 
PHE CZ   C Y N 240 
PHE OXT  O N N 241 
PHE H    H N N 242 
PHE H2   H N N 243 
PHE HA   H N N 244 
PHE HB2  H N N 245 
PHE HB3  H N N 246 
PHE HD1  H N N 247 
PHE HD2  H N N 248 
PHE HE1  H N N 249 
PHE HE2  H N N 250 
PHE HZ   H N N 251 
PHE HXT  H N N 252 
PRO N    N N N 253 
PRO CA   C N S 254 
PRO C    C N N 255 
PRO O    O N N 256 
PRO CB   C N N 257 
PRO CG   C N N 258 
PRO CD   C N N 259 
PRO OXT  O N N 260 
PRO H    H N N 261 
PRO HA   H N N 262 
PRO HB2  H N N 263 
PRO HB3  H N N 264 
PRO HG2  H N N 265 
PRO HG3  H N N 266 
PRO HD2  H N N 267 
PRO HD3  H N N 268 
PRO HXT  H N N 269 
SER N    N N N 270 
SER CA   C N S 271 
SER C    C N N 272 
SER O    O N N 273 
SER CB   C N N 274 
SER OG   O N N 275 
SER OXT  O N N 276 
SER H    H N N 277 
SER H2   H N N 278 
SER HA   H N N 279 
SER HB2  H N N 280 
SER HB3  H N N 281 
SER HG   H N N 282 
SER HXT  H N N 283 
THR N    N N N 284 
THR CA   C N S 285 
THR C    C N N 286 
THR O    O N N 287 
THR CB   C N R 288 
THR OG1  O N N 289 
THR CG2  C N N 290 
THR OXT  O N N 291 
THR H    H N N 292 
THR H2   H N N 293 
THR HA   H N N 294 
THR HB   H N N 295 
THR HG1  H N N 296 
THR HG21 H N N 297 
THR HG22 H N N 298 
THR HG23 H N N 299 
THR HXT  H N N 300 
TRP N    N N N 301 
TRP CA   C N S 302 
TRP C    C N N 303 
TRP O    O N N 304 
TRP CB   C N N 305 
TRP CG   C Y N 306 
TRP CD1  C Y N 307 
TRP CD2  C Y N 308 
TRP NE1  N Y N 309 
TRP CE2  C Y N 310 
TRP CE3  C Y N 311 
TRP CZ2  C Y N 312 
TRP CZ3  C Y N 313 
TRP CH2  C Y N 314 
TRP OXT  O N N 315 
TRP H    H N N 316 
TRP H2   H N N 317 
TRP HA   H N N 318 
TRP HB2  H N N 319 
TRP HB3  H N N 320 
TRP HD1  H N N 321 
TRP HE1  H N N 322 
TRP HE3  H N N 323 
TRP HZ2  H N N 324 
TRP HZ3  H N N 325 
TRP HH2  H N N 326 
TRP HXT  H N N 327 
TYR N    N N N 328 
TYR CA   C N S 329 
TYR C    C N N 330 
TYR O    O N N 331 
TYR CB   C N N 332 
TYR CG   C Y N 333 
TYR CD1  C Y N 334 
TYR CD2  C Y N 335 
TYR CE1  C Y N 336 
TYR CE2  C Y N 337 
TYR CZ   C Y N 338 
TYR OH   O N N 339 
TYR OXT  O N N 340 
TYR H    H N N 341 
TYR H2   H N N 342 
TYR HA   H N N 343 
TYR HB2  H N N 344 
TYR HB3  H N N 345 
TYR HD1  H N N 346 
TYR HD2  H N N 347 
TYR HE1  H N N 348 
TYR HE2  H N N 349 
TYR HH   H N N 350 
TYR HXT  H N N 351 
VAL N    N N N 352 
VAL CA   C N S 353 
VAL C    C N N 354 
VAL O    O N N 355 
VAL CB   C N N 356 
VAL CG1  C N N 357 
VAL CG2  C N N 358 
VAL OXT  O N N 359 
VAL H    H N N 360 
VAL H2   H N N 361 
VAL HA   H N N 362 
VAL HB   H N N 363 
VAL HG11 H N N 364 
VAL HG12 H N N 365 
VAL HG13 H N N 366 
VAL HG21 H N N 367 
VAL HG22 H N N 368 
VAL HG23 H N N 369 
VAL HXT  H N N 370 
# 
loop_
_chem_comp_bond.comp_id 
_chem_comp_bond.atom_id_1 
_chem_comp_bond.atom_id_2 
_chem_comp_bond.value_order 
_chem_comp_bond.pdbx_aromatic_flag 
_chem_comp_bond.pdbx_stereo_config 
_chem_comp_bond.pdbx_ordinal 
ALA N   CA   sing N N 1   
ALA N   H    sing N N 2   
ALA N   H2   sing N N 3   
ALA CA  C    sing N N 4   
ALA CA  CB   sing N N 5   
ALA CA  HA   sing N N 6   
ALA C   O    doub N N 7   
ALA C   OXT  sing N N 8   
ALA CB  HB1  sing N N 9   
ALA CB  HB2  sing N N 10  
ALA CB  HB3  sing N N 11  
ALA OXT HXT  sing N N 12  
ARG N   CA   sing N N 13  
ARG N   H    sing N N 14  
ARG N   H2   sing N N 15  
ARG CA  C    sing N N 16  
ARG CA  CB   sing N N 17  
ARG CA  HA   sing N N 18  
ARG C   O    doub N N 19  
ARG C   OXT  sing N N 20  
ARG CB  CG   sing N N 21  
ARG CB  HB2  sing N N 22  
ARG CB  HB3  sing N N 23  
ARG CG  CD   sing N N 24  
ARG CG  HG2  sing N N 25  
ARG CG  HG3  sing N N 26  
ARG CD  NE   sing N N 27  
ARG CD  HD2  sing N N 28  
ARG CD  HD3  sing N N 29  
ARG NE  CZ   sing N N 30  
ARG NE  HE   sing N N 31  
ARG CZ  NH1  sing N N 32  
ARG CZ  NH2  doub N N 33  
ARG NH1 HH11 sing N N 34  
ARG NH1 HH12 sing N N 35  
ARG NH2 HH21 sing N N 36  
ARG NH2 HH22 sing N N 37  
ARG OXT HXT  sing N N 38  
ASN N   CA   sing N N 39  
ASN N   H    sing N N 40  
ASN N   H2   sing N N 41  
ASN CA  C    sing N N 42  
ASN CA  CB   sing N N 43  
ASN CA  HA   sing N N 44  
ASN C   O    doub N N 45  
ASN C   OXT  sing N N 46  
ASN CB  CG   sing N N 47  
ASN CB  HB2  sing N N 48  
ASN CB  HB3  sing N N 49  
ASN CG  OD1  doub N N 50  
ASN CG  ND2  sing N N 51  
ASN ND2 HD21 sing N N 52  
ASN ND2 HD22 sing N N 53  
ASN OXT HXT  sing N N 54  
ASP N   CA   sing N N 55  
ASP N   H    sing N N 56  
ASP N   H2   sing N N 57  
ASP CA  C    sing N N 58  
ASP CA  CB   sing N N 59  
ASP CA  HA   sing N N 60  
ASP C   O    doub N N 61  
ASP C   OXT  sing N N 62  
ASP CB  CG   sing N N 63  
ASP CB  HB2  sing N N 64  
ASP CB  HB3  sing N N 65  
ASP CG  OD1  doub N N 66  
ASP CG  OD2  sing N N 67  
ASP OD2 HD2  sing N N 68  
ASP OXT HXT  sing N N 69  
CYS N   CA   sing N N 70  
CYS N   H    sing N N 71  
CYS N   H2   sing N N 72  
CYS CA  C    sing N N 73  
CYS CA  CB   sing N N 74  
CYS CA  HA   sing N N 75  
CYS C   O    doub N N 76  
CYS C   OXT  sing N N 77  
CYS CB  SG   sing N N 78  
CYS CB  HB2  sing N N 79  
CYS CB  HB3  sing N N 80  
CYS SG  HG   sing N N 81  
CYS OXT HXT  sing N N 82  
GLU N   CA   sing N N 83  
GLU N   H    sing N N 84  
GLU N   H2   sing N N 85  
GLU CA  C    sing N N 86  
GLU CA  CB   sing N N 87  
GLU CA  HA   sing N N 88  
GLU C   O    doub N N 89  
GLU C   OXT  sing N N 90  
GLU CB  CG   sing N N 91  
GLU CB  HB2  sing N N 92  
GLU CB  HB3  sing N N 93  
GLU CG  CD   sing N N 94  
GLU CG  HG2  sing N N 95  
GLU CG  HG3  sing N N 96  
GLU CD  OE1  doub N N 97  
GLU CD  OE2  sing N N 98  
GLU OE2 HE2  sing N N 99  
GLU OXT HXT  sing N N 100 
GLY N   CA   sing N N 101 
GLY N   H    sing N N 102 
GLY N   H2   sing N N 103 
GLY CA  C    sing N N 104 
GLY CA  HA2  sing N N 105 
GLY CA  HA3  sing N N 106 
GLY C   O    doub N N 107 
GLY C   OXT  sing N N 108 
GLY OXT HXT  sing N N 109 
HIS N   CA   sing N N 110 
HIS N   H    sing N N 111 
HIS N   H2   sing N N 112 
HIS CA  C    sing N N 113 
HIS CA  CB   sing N N 114 
HIS CA  HA   sing N N 115 
HIS C   O    doub N N 116 
HIS C   OXT  sing N N 117 
HIS CB  CG   sing N N 118 
HIS CB  HB2  sing N N 119 
HIS CB  HB3  sing N N 120 
HIS CG  ND1  sing Y N 121 
HIS CG  CD2  doub Y N 122 
HIS ND1 CE1  doub Y N 123 
HIS ND1 HD1  sing N N 124 
HIS CD2 NE2  sing Y N 125 
HIS CD2 HD2  sing N N 126 
HIS CE1 NE2  sing Y N 127 
HIS CE1 HE1  sing N N 128 
HIS NE2 HE2  sing N N 129 
HIS OXT HXT  sing N N 130 
HOH O   H1   sing N N 131 
HOH O   H2   sing N N 132 
ILE N   CA   sing N N 133 
ILE N   H    sing N N 134 
ILE N   H2   sing N N 135 
ILE CA  C    sing N N 136 
ILE CA  CB   sing N N 137 
ILE CA  HA   sing N N 138 
ILE C   O    doub N N 139 
ILE C   OXT  sing N N 140 
ILE CB  CG1  sing N N 141 
ILE CB  CG2  sing N N 142 
ILE CB  HB   sing N N 143 
ILE CG1 CD1  sing N N 144 
ILE CG1 HG12 sing N N 145 
ILE CG1 HG13 sing N N 146 
ILE CG2 HG21 sing N N 147 
ILE CG2 HG22 sing N N 148 
ILE CG2 HG23 sing N N 149 
ILE CD1 HD11 sing N N 150 
ILE CD1 HD12 sing N N 151 
ILE CD1 HD13 sing N N 152 
ILE OXT HXT  sing N N 153 
LEU N   CA   sing N N 154 
LEU N   H    sing N N 155 
LEU N   H2   sing N N 156 
LEU CA  C    sing N N 157 
LEU CA  CB   sing N N 158 
LEU CA  HA   sing N N 159 
LEU C   O    doub N N 160 
LEU C   OXT  sing N N 161 
LEU CB  CG   sing N N 162 
LEU CB  HB2  sing N N 163 
LEU CB  HB3  sing N N 164 
LEU CG  CD1  sing N N 165 
LEU CG  CD2  sing N N 166 
LEU CG  HG   sing N N 167 
LEU CD1 HD11 sing N N 168 
LEU CD1 HD12 sing N N 169 
LEU CD1 HD13 sing N N 170 
LEU CD2 HD21 sing N N 171 
LEU CD2 HD22 sing N N 172 
LEU CD2 HD23 sing N N 173 
LEU OXT HXT  sing N N 174 
LYS N   CA   sing N N 175 
LYS N   H    sing N N 176 
LYS N   H2   sing N N 177 
LYS CA  C    sing N N 178 
LYS CA  CB   sing N N 179 
LYS CA  HA   sing N N 180 
LYS C   O    doub N N 181 
LYS C   OXT  sing N N 182 
LYS CB  CG   sing N N 183 
LYS CB  HB2  sing N N 184 
LYS CB  HB3  sing N N 185 
LYS CG  CD   sing N N 186 
LYS CG  HG2  sing N N 187 
LYS CG  HG3  sing N N 188 
LYS CD  CE   sing N N 189 
LYS CD  HD2  sing N N 190 
LYS CD  HD3  sing N N 191 
LYS CE  NZ   sing N N 192 
LYS CE  HE2  sing N N 193 
LYS CE  HE3  sing N N 194 
LYS NZ  HZ1  sing N N 195 
LYS NZ  HZ2  sing N N 196 
LYS NZ  HZ3  sing N N 197 
LYS OXT HXT  sing N N 198 
MET N   CA   sing N N 199 
MET N   H    sing N N 200 
MET N   H2   sing N N 201 
MET CA  C    sing N N 202 
MET CA  CB   sing N N 203 
MET CA  HA   sing N N 204 
MET C   O    doub N N 205 
MET C   OXT  sing N N 206 
MET CB  CG   sing N N 207 
MET CB  HB2  sing N N 208 
MET CB  HB3  sing N N 209 
MET CG  SD   sing N N 210 
MET CG  HG2  sing N N 211 
MET CG  HG3  sing N N 212 
MET SD  CE   sing N N 213 
MET CE  HE1  sing N N 214 
MET CE  HE2  sing N N 215 
MET CE  HE3  sing N N 216 
MET OXT HXT  sing N N 217 
PHE N   CA   sing N N 218 
PHE N   H    sing N N 219 
PHE N   H2   sing N N 220 
PHE CA  C    sing N N 221 
PHE CA  CB   sing N N 222 
PHE CA  HA   sing N N 223 
PHE C   O    doub N N 224 
PHE C   OXT  sing N N 225 
PHE CB  CG   sing N N 226 
PHE CB  HB2  sing N N 227 
PHE CB  HB3  sing N N 228 
PHE CG  CD1  doub Y N 229 
PHE CG  CD2  sing Y N 230 
PHE CD1 CE1  sing Y N 231 
PHE CD1 HD1  sing N N 232 
PHE CD2 CE2  doub Y N 233 
PHE CD2 HD2  sing N N 234 
PHE CE1 CZ   doub Y N 235 
PHE CE1 HE1  sing N N 236 
PHE CE2 CZ   sing Y N 237 
PHE CE2 HE2  sing N N 238 
PHE CZ  HZ   sing N N 239 
PHE OXT HXT  sing N N 240 
PRO N   CA   sing N N 241 
PRO N   CD   sing N N 242 
PRO N   H    sing N N 243 
PRO CA  C    sing N N 244 
PRO CA  CB   sing N N 245 
PRO CA  HA   sing N N 246 
PRO C   O    doub N N 247 
PRO C   OXT  sing N N 248 
PRO CB  CG   sing N N 249 
PRO CB  HB2  sing N N 250 
PRO CB  HB3  sing N N 251 
PRO CG  CD   sing N N 252 
PRO CG  HG2  sing N N 253 
PRO CG  HG3  sing N N 254 
PRO CD  HD2  sing N N 255 
PRO CD  HD3  sing N N 256 
PRO OXT HXT  sing N N 257 
SER N   CA   sing N N 258 
SER N   H    sing N N 259 
SER N   H2   sing N N 260 
SER CA  C    sing N N 261 
SER CA  CB   sing N N 262 
SER CA  HA   sing N N 263 
SER C   O    doub N N 264 
SER C   OXT  sing N N 265 
SER CB  OG   sing N N 266 
SER CB  HB2  sing N N 267 
SER CB  HB3  sing N N 268 
SER OG  HG   sing N N 269 
SER OXT HXT  sing N N 270 
THR N   CA   sing N N 271 
THR N   H    sing N N 272 
THR N   H2   sing N N 273 
THR CA  C    sing N N 274 
THR CA  CB   sing N N 275 
THR CA  HA   sing N N 276 
THR C   O    doub N N 277 
THR C   OXT  sing N N 278 
THR CB  OG1  sing N N 279 
THR CB  CG2  sing N N 280 
THR CB  HB   sing N N 281 
THR OG1 HG1  sing N N 282 
THR CG2 HG21 sing N N 283 
THR CG2 HG22 sing N N 284 
THR CG2 HG23 sing N N 285 
THR OXT HXT  sing N N 286 
TRP N   CA   sing N N 287 
TRP N   H    sing N N 288 
TRP N   H2   sing N N 289 
TRP CA  C    sing N N 290 
TRP CA  CB   sing N N 291 
TRP CA  HA   sing N N 292 
TRP C   O    doub N N 293 
TRP C   OXT  sing N N 294 
TRP CB  CG   sing N N 295 
TRP CB  HB2  sing N N 296 
TRP CB  HB3  sing N N 297 
TRP CG  CD1  doub Y N 298 
TRP CG  CD2  sing Y N 299 
TRP CD1 NE1  sing Y N 300 
TRP CD1 HD1  sing N N 301 
TRP CD2 CE2  doub Y N 302 
TRP CD2 CE3  sing Y N 303 
TRP NE1 CE2  sing Y N 304 
TRP NE1 HE1  sing N N 305 
TRP CE2 CZ2  sing Y N 306 
TRP CE3 CZ3  doub Y N 307 
TRP CE3 HE3  sing N N 308 
TRP CZ2 CH2  doub Y N 309 
TRP CZ2 HZ2  sing N N 310 
TRP CZ3 CH2  sing Y N 311 
TRP CZ3 HZ3  sing N N 312 
TRP CH2 HH2  sing N N 313 
TRP OXT HXT  sing N N 314 
TYR N   CA   sing N N 315 
TYR N   H    sing N N 316 
TYR N   H2   sing N N 317 
TYR CA  C    sing N N 318 
TYR CA  CB   sing N N 319 
TYR CA  HA   sing N N 320 
TYR C   O    doub N N 321 
TYR C   OXT  sing N N 322 
TYR CB  CG   sing N N 323 
TYR CB  HB2  sing N N 324 
TYR CB  HB3  sing N N 325 
TYR CG  CD1  doub Y N 326 
TYR CG  CD2  sing Y N 327 
TYR CD1 CE1  sing Y N 328 
TYR CD1 HD1  sing N N 329 
TYR CD2 CE2  doub Y N 330 
TYR CD2 HD2  sing N N 331 
TYR CE1 CZ   doub Y N 332 
TYR CE1 HE1  sing N N 333 
TYR CE2 CZ   sing Y N 334 
TYR CE2 HE2  sing N N 335 
TYR CZ  OH   sing N N 336 
TYR OH  HH   sing N N 337 
TYR OXT HXT  sing N N 338 
VAL N   CA   sing N N 339 
VAL N   H    sing N N 340 
VAL N   H2   sing N N 341 
VAL CA  C    sing N N 342 
VAL CA  CB   sing N N 343 
VAL CA  HA   sing N N 344 
VAL C   O    doub N N 345 
VAL C   OXT  sing N N 346 
VAL CB  CG1  sing N N 347 
VAL CB  CG2  sing N N 348 
VAL CB  HB   sing N N 349 
VAL CG1 HG11 sing N N 350 
VAL CG1 HG12 sing N N 351 
VAL CG1 HG13 sing N N 352 
VAL CG2 HG21 sing N N 353 
VAL CG2 HG22 sing N N 354 
VAL CG2 HG23 sing N N 355 
VAL OXT HXT  sing N N 356 
# 
_pdbx_initial_refinement_model.accession_code   ? 
_pdbx_initial_refinement_model.id               1 
_pdbx_initial_refinement_model.entity_id_list   ? 
_pdbx_initial_refinement_model.type             'in silico model' 
_pdbx_initial_refinement_model.source_name      ? 
_pdbx_initial_refinement_model.details          'Rosetta generated' 
# 
_atom_sites.entry_id                    7JGT 
_atom_sites.Cartn_transf_matrix[1][1]   ? 
_atom_sites.Cartn_transf_matrix[1][2]   ? 
_atom_sites.Cartn_transf_matrix[1][3]   ? 
_atom_sites.Cartn_transf_matrix[2][1]   ? 
_atom_sites.Cartn_transf_matrix[2][2]   ? 
_atom_sites.Cartn_transf_matrix[2][3]   ? 
_atom_sites.Cartn_transf_matrix[3][1]   ? 
_atom_sites.Cartn_transf_matrix[3][2]   ? 
_atom_sites.Cartn_transf_matrix[3][3]   ? 
_atom_sites.Cartn_transf_vector[1]      ? 
_atom_sites.Cartn_transf_vector[2]      ? 
_atom_sites.Cartn_transf_vector[3]      ? 
_atom_sites.fract_transf_matrix[1][1]   -0.01780589 
_atom_sites.fract_transf_matrix[1][2]   -0.00297126 
_atom_sites.fract_transf_matrix[1][3]   0.01864757 
_atom_sites.fract_transf_matrix[2][1]   0.01323443 
_atom_sites.fract_transf_matrix[2][2]   0.01631832 
_atom_sites.fract_transf_matrix[2][3]   0.01523720 
_atom_sites.fract_transf_matrix[3][1]   -0.00492070 
_atom_sites.fract_transf_matrix[3][2]   0.00729301 
_atom_sites.fract_transf_matrix[3][3]   -0.00353654 
_atom_sites.fract_transf_vector[1]      -0.386531 
_atom_sites.fract_transf_vector[2]      0.197777 
_atom_sites.fract_transf_vector[3]      -0.042058 
_atom_sites.solution_primary            ? 
_atom_sites.solution_secondary          ? 
_atom_sites.solution_hydrogens          ? 
_atom_sites.special_details             ? 
# 
loop_
_atom_type.symbol 
C 
N 
O 
S 
# 
loop_
_atom_site.group_PDB 
_atom_site.id 
_atom_site.type_symbol 
_atom_site.label_atom_id 
_atom_site.label_alt_id 
_atom_site.label_comp_id 
_atom_site.label_asym_id 
_atom_site.label_entity_id 
_atom_site.label_seq_id 
_atom_site.pdbx_PDB_ins_code 
_atom_site.Cartn_x 
_atom_site.Cartn_y 
_atom_site.Cartn_z 
_atom_site.occupancy 
_atom_site.B_iso_or_equiv 
_atom_site.pdbx_formal_charge 
_atom_site.auth_seq_id 
_atom_site.auth_comp_id 
_atom_site.auth_asym_id 
_atom_site.auth_atom_id 
_atom_site.pdbx_PDB_model_num 
ATOM   1   N N   . MET A 1 1  ? 19.736  -4.341  16.545  1.00 40.97 ? 1   MET A N   1 
ATOM   2   C CA  . MET A 1 1  ? 19.127  -4.374  15.217  1.00 35.31 ? 1   MET A CA  1 
ATOM   3   C C   . MET A 1 1  ? 18.336  -3.086  14.998  1.00 29.97 ? 1   MET A C   1 
ATOM   4   O O   . MET A 1 1  ? 18.155  -2.298  15.928  1.00 30.97 ? 1   MET A O   1 
ATOM   5   C CB  . MET A 1 1  ? 18.237  -5.613  15.066  1.00 42.05 ? 1   MET A CB  1 
ATOM   6   C CG  . MET A 1 1  ? 18.311  -6.282  13.692  1.00 47.04 ? 1   MET A CG  1 
ATOM   7   S SD  . MET A 1 1  ? 16.928  -5.898  12.603  1.00 62.19 ? 1   MET A SD  1 
ATOM   8   C CE  . MET A 1 1  ? 15.566  -6.631  13.513  1.00 41.78 ? 1   MET A CE  1 
ATOM   9   N N   . THR A 1 2  ? 17.872  -2.882  13.772  1.00 28.43 ? 2   THR A N   1 
ATOM   10  C CA  . THR A 1 2  ? 17.174  -1.673  13.356  1.00 27.15 ? 2   THR A CA  1 
ATOM   11  C C   . THR A 1 2  ? 15.773  -2.012  12.860  1.00 25.32 ? 2   THR A C   1 
ATOM   12  O O   . THR A 1 2  ? 15.447  -3.170  12.585  1.00 25.10 ? 2   THR A O   1 
ATOM   13  C CB  . THR A 1 2  ? 17.931  -0.953  12.227  1.00 28.46 ? 2   THR A CB  1 
ATOM   14  O OG1 . THR A 1 2  ? 17.905  -1.767  11.044  1.00 32.40 ? 2   THR A OG1 1 
ATOM   15  C CG2 . THR A 1 2  ? 19.372  -0.696  12.622  1.00 29.62 ? 2   THR A CG2 1 
ATOM   16  N N   . VAL A 1 3  ? 14.954  -0.972  12.711  1.00 20.00 ? 3   VAL A N   1 
ATOM   17  C CA  . VAL A 1 3  ? 13.679  -1.082  12.007  1.00 17.91 ? 3   VAL A CA  1 
ATOM   18  C C   . VAL A 1 3  ? 14.005  -1.483  10.572  1.00 20.03 ? 3   VAL A C   1 
ATOM   19  O O   . VAL A 1 3  ? 15.152  -1.305  10.139  1.00 21.58 ? 3   VAL A O   1 
ATOM   20  C CB  . VAL A 1 3  ? 12.880  0.234   12.082  1.00 18.24 ? 3   VAL A CB  1 
ATOM   21  C CG1 . VAL A 1 3  ? 12.644  0.636   13.535  1.00 18.28 ? 3   VAL A CG1 1 
ATOM   22  C CG2 . VAL A 1 3  ? 13.583  1.342   11.324  1.00 22.77 ? 3   VAL A CG2 1 
ATOM   23  N N   . PRO A 1 4  ? 13.063  -2.041  9.811   1.00 14.64 ? 4   PRO A N   1 
ATOM   24  C CA  . PRO A 1 4  ? 13.392  -2.550  8.475   1.00 15.09 ? 4   PRO A CA  1 
ATOM   25  C C   . PRO A 1 4  ? 13.762  -1.424  7.518   1.00 18.08 ? 4   PRO A C   1 
ATOM   26  O O   . PRO A 1 4  ? 13.540  -0.241  7.785   1.00 20.78 ? 4   PRO A O   1 
ATOM   27  C CB  . PRO A 1 4  ? 12.096  -3.245  8.028   1.00 19.29 ? 4   PRO A CB  1 
ATOM   28  C CG  . PRO A 1 4  ? 11.284  -3.418  9.282   1.00 14.29 ? 4   PRO A CG  1 
ATOM   29  C CD  . PRO A 1 4  ? 11.650  -2.270  10.151  1.00 16.01 ? 4   PRO A CD  1 
ATOM   30  N N   . ASP A 1 5  ? 14.342  -1.825  6.381   1.00 19.57 ? 5   ASP A N   1 
ATOM   31  C CA  . ASP A 1 5  ? 14.525  -0.936  5.237   1.00 21.78 ? 5   ASP A CA  1 
ATOM   32  C C   . ASP A 1 5  ? 13.180  -0.355  4.802   1.00 20.16 ? 5   ASP A C   1 
ATOM   33  O O   . ASP A 1 5  ? 12.121  -0.939  5.032   1.00 18.99 ? 5   ASP A O   1 
ATOM   34  C CB  . ASP A 1 5  ? 15.127  -1.698  4.047   1.00 16.98 ? 5   ASP A CB  1 
ATOM   35  C CG  . ASP A 1 5  ? 16.648  -1.897  4.147   1.00 22.83 ? 5   ASP A CG  1 
ATOM   36  O OD1 . ASP A 1 5  ? 17.222  -2.468  3.181   1.00 25.00 ? 5   ASP A OD1 1 
ATOM   37  O OD2 . ASP A 1 5  ? 17.269  -1.500  5.158   1.00 24.06 ? 5   ASP A OD2 1 
ATOM   38  N N   . GLU A 1 6  ? 13.217  0.800   4.151   1.00 19.43 ? 6   GLU A N   1 
ATOM   39  C CA  . GLU A 1 6  ? 12.023  1.245   3.446   1.00 19.84 ? 6   GLU A CA  1 
ATOM   40  C C   . GLU A 1 6  ? 11.807  0.343   2.237   1.00 19.37 ? 6   GLU A C   1 
ATOM   41  O O   . GLU A 1 6  ? 12.772  0.005   1.542   1.00 18.51 ? 6   GLU A O   1 
ATOM   42  C CB  . GLU A 1 6  ? 12.148  2.702   2.993   1.00 21.58 ? 6   GLU A CB  1 
ATOM   43  C CG  . GLU A 1 6  ? 11.866  3.732   4.069   1.00 28.49 ? 6   GLU A CG  1 
ATOM   44  C CD  . GLU A 1 6  ? 12.975  3.806   5.109   1.00 30.76 ? 6   GLU A CD  1 
ATOM   45  O OE1 . GLU A 1 6  ? 14.136  4.072   4.725   1.00 41.02 ? 6   GLU A OE1 1 
ATOM   46  O OE2 . GLU A 1 6  ? 12.690  3.600   6.310   1.00 29.34 ? 6   GLU A OE2 1 
ATOM   47  N N   . PRO A 1 7  ? 10.571  -0.101  1.989   1.00 13.81 ? 7   PRO A N   1 
ATOM   48  C CA  . PRO A 1 7  ? 10.313  -0.901  0.792   1.00 14.40 ? 7   PRO A CA  1 
ATOM   49  C C   . PRO A 1 7  ? 10.603  -0.092  -0.460  1.00 16.34 ? 7   PRO A C   1 
ATOM   50  O O   . PRO A 1 7  ? 10.545  1.139   -0.456  1.00 15.86 ? 7   PRO A O   1 
ATOM   51  C CB  . PRO A 1 7  ? 8.820   -1.241  0.899   1.00 15.32 ? 7   PRO A CB  1 
ATOM   52  C CG  . PRO A 1 7  ? 8.492   -1.077  2.381   1.00 12.17 ? 7   PRO A CG  1 
ATOM   53  C CD  . PRO A 1 7  ? 9.359   0.075   2.813   1.00 18.49 ? 7   PRO A CD  1 
ATOM   54  N N   . VAL A 1 8  ? 10.941  -0.805  -1.535  1.00 16.67 ? 8   VAL A N   1 
ATOM   55  C CA  . VAL A 1 8  ? 11.157  -0.203  -2.842  1.00 16.03 ? 8   VAL A CA  1 
ATOM   56  C C   . VAL A 1 8  ? 10.270  -0.917  -3.844  1.00 18.84 ? 8   VAL A C   1 
ATOM   57  O O   . VAL A 1 8  ? 9.795   -2.031  -3.611  1.00 16.97 ? 8   VAL A O   1 
ATOM   58  C CB  . VAL A 1 8  ? 12.638  -0.240  -3.299  1.00 22.23 ? 8   VAL A CB  1 
ATOM   59  C CG1 . VAL A 1 8  ? 13.548  0.198   -2.177  1.00 21.40 ? 8   VAL A CG1 1 
ATOM   60  C CG2 . VAL A 1 8  ? 13.026  -1.639  -3.781  1.00 20.14 ? 8   VAL A CG2 1 
ATOM   61  N N   . GLY A 1 9  ? 10.033  -0.248  -4.966  1.00 19.43 ? 9   GLY A N   1 
ATOM   62  C CA  . GLY A 1 9  ? 9.164   -0.826  -5.966  1.00 18.44 ? 9   GLY A CA  1 
ATOM   63  C C   . GLY A 1 9  ? 7.710   -0.865  -5.554  1.00 17.36 ? 9   GLY A C   1 
ATOM   64  O O   . GLY A 1 9  ? 6.973   -1.745  -5.993  1.00 14.54 ? 9   GLY A O   1 
ATOM   65  N N   . PHE A 1 10 ? 7.278   0.056   -4.701  1.00 16.66 ? 10  PHE A N   1 
ATOM   66  C CA  . PHE A 1 10 ? 5.871   0.097   -4.322  1.00 17.25 ? 10  PHE A CA  1 
ATOM   67  C C   . PHE A 1 10 ? 5.082   0.688   -5.484  1.00 20.57 ? 10  PHE A C   1 
ATOM   68  O O   . PHE A 1 10 ? 5.251   1.863   -5.819  1.00 17.21 ? 10  PHE A O   1 
ATOM   69  C CB  . PHE A 1 10 ? 5.681   0.908   -3.047  1.00 17.07 ? 10  PHE A CB  1 
ATOM   70  C CG  . PHE A 1 10 ? 4.251   1.034   -2.621  1.00 14.21 ? 10  PHE A CG  1 
ATOM   71  C CD1 . PHE A 1 10 ? 3.386   -0.034  -2.739  1.00 19.12 ? 10  PHE A CD1 1 
ATOM   72  C CD2 . PHE A 1 10 ? 3.776   2.227   -2.101  1.00 15.18 ? 10  PHE A CD2 1 
ATOM   73  C CE1 . PHE A 1 10 ? 2.059   0.084   -2.339  1.00 17.10 ? 10  PHE A CE1 1 
ATOM   74  C CE2 . PHE A 1 10 ? 2.468   2.344   -1.706  1.00 12.80 ? 10  PHE A CE2 1 
ATOM   75  C CZ  . PHE A 1 10 ? 1.611   1.271   -1.824  1.00 13.90 ? 10  PHE A CZ  1 
ATOM   76  N N   . TRP A 1 11 ? 4.247   -0.132  -6.118  1.00 15.37 ? 11  TRP A N   1 
ATOM   77  C CA  . TRP A 1 11 ? 3.397   0.301   -7.220  1.00 18.31 ? 11  TRP A CA  1 
ATOM   78  C C   . TRP A 1 11 ? 1.938   0.017   -6.891  1.00 20.82 ? 11  TRP A C   1 
ATOM   79  O O   . TRP A 1 11 ? 1.610   -1.024  -6.316  1.00 16.05 ? 11  TRP A O   1 
ATOM   80  C CB  . TRP A 1 11 ? 3.746   -0.405  -8.531  1.00 19.87 ? 11  TRP A CB  1 
ATOM   81  C CG  . TRP A 1 11 ? 5.197   -0.461  -8.844  1.00 18.64 ? 11  TRP A CG  1 
ATOM   82  C CD1 . TRP A 1 11 ? 6.083   0.574   -8.832  1.00 23.25 ? 11  TRP A CD1 1 
ATOM   83  C CD2 . TRP A 1 11 ? 5.929   -1.617  -9.235  1.00 22.20 ? 11  TRP A CD2 1 
ATOM   84  N NE1 . TRP A 1 11 ? 7.337   0.126   -9.191  1.00 23.58 ? 11  TRP A NE1 1 
ATOM   85  C CE2 . TRP A 1 11 ? 7.264   -1.218  -9.446  1.00 24.63 ? 11  TRP A CE2 1 
ATOM   86  C CE3 . TRP A 1 11 ? 5.584   -2.958  -9.434  1.00 25.04 ? 11  TRP A CE3 1 
ATOM   87  C CZ2 . TRP A 1 11 ? 8.258   -2.114  -9.841  1.00 21.78 ? 11  TRP A CZ2 1 
ATOM   88  C CZ3 . TRP A 1 11 ? 6.565   -3.845  -9.826  1.00 22.91 ? 11  TRP A CZ3 1 
ATOM   89  C CH2 . TRP A 1 11 ? 7.889   -3.422  -10.026 1.00 25.14 ? 11  TRP A CH2 1 
ATOM   90  N N   . VAL A 1 12 ? 1.071   0.948   -7.275  1.00 19.14 ? 12  VAL A N   1 
ATOM   91  C CA  . VAL A 1 12 ? -0.375  0.789   -7.182  1.00 21.84 ? 12  VAL A CA  1 
ATOM   92  C C   . VAL A 1 12 ? -0.902  0.749   -8.605  1.00 24.83 ? 12  VAL A C   1 
ATOM   93  O O   . VAL A 1 12 ? -0.641  1.670   -9.388  1.00 25.79 ? 12  VAL A O   1 
ATOM   94  C CB  . VAL A 1 12 ? -1.016  1.942   -6.398  1.00 19.84 ? 12  VAL A CB  1 
ATOM   95  C CG1 . VAL A 1 12 ? -2.518  1.906   -6.549  1.00 18.44 ? 12  VAL A CG1 1 
ATOM   96  C CG2 . VAL A 1 12 ? -0.600  1.881   -4.942  1.00 18.63 ? 12  VAL A CG2 1 
ATOM   97  N N   . GLU A 1 13 ? -1.618  -0.314  -8.965  1.00 21.02 ? 13  GLU A N   1 
ATOM   98  C CA  . GLU A 1 13 ? -2.058  -0.435  -10.349 1.00 28.35 ? 13  GLU A CA  1 
ATOM   99  C C   . GLU A 1 13 ? -3.560  -0.633  -10.444 1.00 22.53 ? 13  GLU A C   1 
ATOM   100 O O   . GLU A 1 13 ? -4.171  -1.309  -9.609  1.00 17.32 ? 13  GLU A O   1 
ATOM   101 C CB  . GLU A 1 13 ? -1.350  -1.570  -11.094 1.00 31.46 ? 13  GLU A CB  1 
ATOM   102 C CG  . GLU A 1 13 ? -1.199  -2.849  -10.324 1.00 36.62 ? 13  GLU A CG  1 
ATOM   103 C CD  . GLU A 1 13 ? -0.219  -3.793  -10.995 1.00 47.42 ? 13  GLU A CD  1 
ATOM   104 O OE1 . GLU A 1 13 ? 1.000   -3.639  -10.753 1.00 45.86 ? 13  GLU A OE1 1 
ATOM   105 O OE2 . GLU A 1 13 ? -0.664  -4.681  -11.766 1.00 45.78 ? 13  GLU A OE2 1 
ATOM   106 N N   . SER A 1 14 ? -4.136  -0.029  -11.479 1.00 21.60 ? 14  SER A N   1 
ATOM   107 C CA  . SER A 1 14 ? -5.548  -0.183  -11.771 1.00 19.25 ? 14  SER A CA  1 
ATOM   108 C C   . SER A 1 14 ? -5.831  -1.601  -12.241 1.00 23.32 ? 14  SER A C   1 
ATOM   109 O O   . SER A 1 14 ? -4.947  -2.321  -12.716 1.00 22.76 ? 14  SER A O   1 
ATOM   110 C CB  . SER A 1 14 ? -5.978  0.824   -12.840 1.00 24.35 ? 14  SER A CB  1 
ATOM   111 O OG  . SER A 1 14 ? -7.343  1.155   -12.714 1.00 31.71 ? 14  SER A OG  1 
ATOM   112 N N   . ILE A 1 15 ? -7.080  -2.011  -12.086 1.00 23.66 ? 15  ILE A N   1 
ATOM   113 C CA  . ILE A 1 15 ? -7.549  -3.311  -12.535 1.00 22.35 ? 15  ILE A CA  1 
ATOM   114 C C   . ILE A 1 15 ? -8.664  -3.085  -13.544 1.00 26.02 ? 15  ILE A C   1 
ATOM   115 O O   . ILE A 1 15 ? -9.802  -2.791  -13.172 1.00 25.71 ? 15  ILE A O   1 
ATOM   116 C CB  . ILE A 1 15 ? -8.018  -4.183  -11.361 1.00 26.81 ? 15  ILE A CB  1 
ATOM   117 C CG1 . ILE A 1 15 ? -6.870  -4.336  -10.359 1.00 19.48 ? 15  ILE A CG1 1 
ATOM   118 C CG2 . ILE A 1 15 ? -8.469  -5.535  -11.871 1.00 24.57 ? 15  ILE A CG2 1 
ATOM   119 C CD1 . ILE A 1 15 ? -7.246  -5.025  -9.075  1.00 23.43 ? 15  ILE A CD1 1 
ATOM   120 N N   . PRO A 1 16 ? -8.362  -3.175  -14.835 1.00 24.92 ? 16  PRO A N   1 
ATOM   121 C CA  . PRO A 1 16 ? -9.371  -2.893  -15.861 1.00 25.63 ? 16  PRO A CA  1 
ATOM   122 C C   . PRO A 1 16 ? -10.541 -3.856  -15.742 1.00 24.86 ? 16  PRO A C   1 
ATOM   123 O O   . PRO A 1 16 ? -10.359 -5.069  -15.613 1.00 28.16 ? 16  PRO A O   1 
ATOM   124 C CB  . PRO A 1 16 ? -8.606  -3.086  -17.176 1.00 26.66 ? 16  PRO A CB  1 
ATOM   125 C CG  . PRO A 1 16 ? -7.158  -3.097  -16.794 1.00 30.39 ? 16  PRO A CG  1 
ATOM   126 C CD  . PRO A 1 16 ? -7.087  -3.620  -15.406 1.00 28.91 ? 16  PRO A CD  1 
ATOM   127 N N   . GLY A 1 17 ? -11.749 -3.300  -15.767 1.00 25.63 ? 17  GLY A N   1 
ATOM   128 C CA  . GLY A 1 17 ? -12.944 -4.082  -15.560 1.00 25.90 ? 17  GLY A CA  1 
ATOM   129 C C   . GLY A 1 17 ? -13.373 -4.198  -14.117 1.00 25.80 ? 17  GLY A C   1 
ATOM   130 O O   . GLY A 1 17 ? -14.442 -4.760  -13.849 1.00 28.11 ? 17  GLY A O   1 
ATOM   131 N N   . ASN A 1 18 ? -12.573 -3.689  -13.182 1.00 22.58 ? 18  ASN A N   1 
ATOM   132 C CA  . ASN A 1 18 ? -12.888 -3.701  -11.757 1.00 25.09 ? 18  ASN A CA  1 
ATOM   133 C C   . ASN A 1 18 ? -12.884 -2.252  -11.289 1.00 22.67 ? 18  ASN A C   1 
ATOM   134 O O   . ASN A 1 18 ? -11.815 -1.671  -11.077 1.00 22.62 ? 18  ASN A O   1 
ATOM   135 C CB  . ASN A 1 18 ? -11.875 -4.538  -10.988 1.00 20.47 ? 18  ASN A CB  1 
ATOM   136 C CG  . ASN A 1 18 ? -12.312 -4.829  -9.574  1.00 25.45 ? 18  ASN A CG  1 
ATOM   137 O OD1 . ASN A 1 18 ? -12.883 -3.973  -8.895  1.00 23.36 ? 18  ASN A OD1 1 
ATOM   138 N ND2 . ASN A 1 18 ? -12.041 -6.048  -9.114  1.00 25.03 ? 18  ASN A ND2 1 
ATOM   139 N N   . ASP A 1 19 ? -14.062 -1.656  -11.128 1.00 23.47 ? 19  ASP A N   1 
ATOM   140 C CA  . ASP A 1 19 ? -14.108 -0.240  -10.788 1.00 23.51 ? 19  ASP A CA  1 
ATOM   141 C C   . ASP A 1 19 ? -14.007 0.020   -9.299  1.00 22.17 ? 19  ASP A C   1 
ATOM   142 O O   . ASP A 1 19 ? -14.157 1.168   -8.877  1.00 24.42 ? 19  ASP A O   1 
ATOM   143 C CB  . ASP A 1 19 ? -15.368 0.423   -11.356 1.00 30.48 ? 19  ASP A CB  1 
ATOM   144 C CG  . ASP A 1 19 ? -16.658 -0.093  -10.739 1.00 33.88 ? 19  ASP A CG  1 
ATOM   145 O OD1 . ASP A 1 19 ? -16.627 -0.930  -9.809  1.00 33.41 ? 19  ASP A OD1 1 
ATOM   146 O OD2 . ASP A 1 19 ? -17.728 0.361   -11.199 1.00 43.51 ? 19  ASP A OD2 1 
ATOM   147 N N   . HIS A 1 20 ? -13.725 -1.005  -8.494  1.00 22.76 ? 20  HIS A N   1 
ATOM   148 C CA  . HIS A 1 20 ? -13.743 -0.861  -7.042  1.00 22.23 ? 20  HIS A CA  1 
ATOM   149 C C   . HIS A 1 20 ? -12.517 -1.484  -6.379  1.00 21.14 ? 20  HIS A C   1 
ATOM   150 O O   . HIS A 1 20 ? -12.542 -1.752  -5.172  1.00 20.62 ? 20  HIS A O   1 
ATOM   151 C CB  . HIS A 1 20 ? -15.012 -1.491  -6.473  1.00 22.19 ? 20  HIS A CB  1 
ATOM   152 C CG  . HIS A 1 20 ? -15.259 -2.876  -6.976  1.00 27.12 ? 20  HIS A CG  1 
ATOM   153 N ND1 . HIS A 1 20 ? -15.760 -3.133  -8.234  1.00 29.34 ? 20  HIS A ND1 1 
ATOM   154 C CD2 . HIS A 1 20 ? -15.049 -4.084  -6.399  1.00 33.12 ? 20  HIS A CD2 1 
ATOM   155 C CE1 . HIS A 1 20 ? -15.860 -4.439  -8.408  1.00 33.82 ? 20  HIS A CE1 1 
ATOM   156 N NE2 . HIS A 1 20 ? -15.434 -5.038  -7.310  1.00 34.39 ? 20  HIS A NE2 1 
ATOM   157 N N   . THR A 1 21 ? -11.443 -1.715  -7.128  1.00 18.55 ? 21  THR A N   1 
ATOM   158 C CA  . THR A 1 21 ? -10.297 -2.425  -6.575  1.00 17.94 ? 21  THR A CA  1 
ATOM   159 C C   . THR A 1 21 ? -9.014  -1.887  -7.185  1.00 14.95 ? 21  THR A C   1 
ATOM   160 O O   . THR A 1 21 ? -8.986  -1.525  -8.363  1.00 17.34 ? 21  THR A O   1 
ATOM   161 C CB  . THR A 1 21 ? -10.398 -3.938  -6.830  1.00 19.63 ? 21  THR A CB  1 
ATOM   162 O OG1 . THR A 1 21 ? -11.682 -4.421  -6.409  1.00 19.77 ? 21  THR A OG1 1 
ATOM   163 C CG2 . THR A 1 21 ? -9.304  -4.701  -6.081  1.00 19.58 ? 21  THR A CG2 1 
ATOM   164 N N   . LEU A 1 22 ? -7.961  -1.830  -6.371  1.00 17.31 ? 22  LEU A N   1 
ATOM   165 C CA  . LEU A 1 22 ? -6.615  -1.550  -6.850  1.00 12.84 ? 22  LEU A CA  1 
ATOM   166 C C   . LEU A 1 22 ? -5.664  -2.628  -6.343  1.00 14.10 ? 22  LEU A C   1 
ATOM   167 O O   . LEU A 1 22 ? -5.866  -3.208  -5.272  1.00 14.71 ? 22  LEU A O   1 
ATOM   168 C CB  . LEU A 1 22 ? -6.137  -0.166  -6.407  1.00 12.69 ? 22  LEU A CB  1 
ATOM   169 C CG  . LEU A 1 22 ? -6.849  1.033   -7.045  1.00 12.80 ? 22  LEU A CG  1 
ATOM   170 C CD1 . LEU A 1 22 ? -6.386  2.314   -6.380  1.00 15.33 ? 22  LEU A CD1 1 
ATOM   171 C CD2 . LEU A 1 22 ? -6.612  1.089   -8.553  1.00 14.25 ? 22  LEU A CD2 1 
ATOM   172 N N   . ARG A 1 23 ? -4.633  -2.902  -7.134  1.00 15.03 ? 23  ARG A N   1 
ATOM   173 C CA  . ARG A 1 23 ? -3.619  -3.891  -6.790  1.00 16.61 ? 23  ARG A CA  1 
ATOM   174 C C   . ARG A 1 23 ? -2.374  -3.160  -6.307  1.00 13.72 ? 23  ARG A C   1 
ATOM   175 O O   . ARG A 1 23 ? -1.832  -2.313  -7.024  1.00 20.26 ? 23  ARG A O   1 
ATOM   176 C CB  . ARG A 1 23 ? -3.301  -4.778  -7.993  1.00 22.19 ? 23  ARG A CB  1 
ATOM   177 C CG  . ARG A 1 23 ? -2.133  -5.731  -7.810  1.00 26.41 ? 23  ARG A CG  1 
ATOM   178 C CD  . ARG A 1 23 ? -1.707  -6.295  -9.164  1.00 28.27 ? 23  ARG A CD  1 
ATOM   179 N NE  . ARG A 1 23 ? -0.852  -7.473  -9.045  1.00 37.40 ? 23  ARG A NE  1 
ATOM   180 C CZ  . ARG A 1 23 ? -0.024  -7.903  -9.995  1.00 34.55 ? 23  ARG A CZ  1 
ATOM   181 N NH1 . ARG A 1 23 ? 0.080   -7.246  -11.148 1.00 31.41 ? 23  ARG A NH1 1 
ATOM   182 N NH2 . ARG A 1 23 ? 0.704   -8.994  -9.788  1.00 28.46 ? 23  ARG A NH2 1 
ATOM   183 N N   . LEU A 1 24 ? -1.956  -3.459  -5.084  1.00 15.30 ? 24  LEU A N   1 
ATOM   184 C CA  . LEU A 1 24 ? -0.738  -2.925  -4.493  1.00 12.89 ? 24  LEU A CA  1 
ATOM   185 C C   . LEU A 1 24 ? 0.329   -4.011  -4.532  1.00 15.66 ? 24  LEU A C   1 
ATOM   186 O O   . LEU A 1 24 ? 0.038   -5.175  -4.262  1.00 14.44 ? 24  LEU A O   1 
ATOM   187 C CB  . LEU A 1 24 ? -0.974  -2.480  -3.046  1.00 15.83 ? 24  LEU A CB  1 
ATOM   188 C CG  . LEU A 1 24 ? -1.467  -1.054  -2.780  1.00 13.46 ? 24  LEU A CG  1 
ATOM   189 C CD1 . LEU A 1 24 ? -2.793  -0.815  -3.462  1.00 14.00 ? 24  LEU A CD1 1 
ATOM   190 C CD2 . LEU A 1 24 ? -1.613  -0.790  -1.283  1.00 12.32 ? 24  LEU A CD2 1 
ATOM   191 N N   . ARG A 1 25 ? 1.560   -3.620  -4.866  1.00 19.45 ? 25  ARG A N   1 
ATOM   192 C CA  . ARG A 1 25 ? 2.687   -4.541  -5.017  1.00 20.29 ? 25  ARG A CA  1 
ATOM   193 C C   . ARG A 1 25 ? 3.950   -3.876  -4.494  1.00 11.79 ? 25  ARG A C   1 
ATOM   194 O O   . ARG A 1 25 ? 4.113   -2.659  -4.610  1.00 13.58 ? 25  ARG A O   1 
ATOM   195 C CB  . ARG A 1 25 ? 2.922   -4.928  -6.483  1.00 24.11 ? 25  ARG A CB  1 
ATOM   196 C CG  . ARG A 1 25 ? 2.050   -6.025  -7.012  1.00 29.29 ? 25  ARG A CG  1 
ATOM   197 C CD  . ARG A 1 25 ? 2.605   -6.512  -8.343  1.00 34.84 ? 25  ARG A CD  1 
ATOM   198 N NE  . ARG A 1 25 ? 2.574   -5.469  -9.364  1.00 32.05 ? 25  ARG A NE  1 
ATOM   199 C CZ  . ARG A 1 25 ? 3.307   -5.481  -10.473 1.00 35.35 ? 25  ARG A CZ  1 
ATOM   200 N NH1 . ARG A 1 25 ? 4.142   -6.484  -10.714 1.00 36.00 ? 25  ARG A NH1 1 
ATOM   201 N NH2 . ARG A 1 25 ? 3.201   -4.488  -11.347 1.00 39.68 ? 25  ARG A NH2 1 
ATOM   202 N N   . TRP A 1 26 ? 4.848   -4.677  -3.923  1.00 11.60 ? 26  TRP A N   1 
ATOM   203 C CA  . TRP A 1 26 ? 6.115   -4.151  -3.431  1.00 15.24 ? 26  TRP A CA  1 
ATOM   204 C C   . TRP A 1 26 ? 7.134   -5.280  -3.360  1.00 14.93 ? 26  TRP A C   1 
ATOM   205 O O   . TRP A 1 26 ? 6.811   -6.460  -3.512  1.00 13.62 ? 26  TRP A O   1 
ATOM   206 C CB  . TRP A 1 26 ? 5.958   -3.468  -2.059  1.00 13.24 ? 26  TRP A CB  1 
ATOM   207 C CG  . TRP A 1 26 ? 5.364   -4.381  -1.012  1.00 15.66 ? 26  TRP A CG  1 
ATOM   208 C CD1 . TRP A 1 26 ? 6.040   -5.220  -0.172  1.00 14.17 ? 26  TRP A CD1 1 
ATOM   209 C CD2 . TRP A 1 26 ? 3.972   -4.539  -0.703  1.00 12.95 ? 26  TRP A CD2 1 
ATOM   210 N NE1 . TRP A 1 26 ? 5.150   -5.909  0.625   1.00 14.13 ? 26  TRP A NE1 1 
ATOM   211 C CE2 . TRP A 1 26 ? 3.878   -5.499  0.325   1.00 15.98 ? 26  TRP A CE2 1 
ATOM   212 C CE3 . TRP A 1 26 ? 2.799   -3.968  -1.201  1.00 15.41 ? 26  TRP A CE3 1 
ATOM   213 C CZ2 . TRP A 1 26 ? 2.651   -5.903  0.868   1.00 16.67 ? 26  TRP A CZ2 1 
ATOM   214 C CZ3 . TRP A 1 26 ? 1.575   -4.369  -0.662  1.00 12.41 ? 26  TRP A CZ3 1 
ATOM   215 C CH2 . TRP A 1 26 ? 1.517   -5.334  0.359   1.00 11.81 ? 26  TRP A CH2 1 
ATOM   216 N N   . SER A 1 27 ? 8.384   -4.891  -3.161  1.00 14.58 ? 27  SER A N   1 
ATOM   217 C CA  . SER A 1 27 ? 9.474   -5.843  -3.116  1.00 14.05 ? 27  SER A CA  1 
ATOM   218 C C   . SER A 1 27 ? 9.659   -6.351  -1.703  1.00 14.46 ? 27  SER A C   1 
ATOM   219 O O   . SER A 1 27 ? 9.352   -5.656  -0.732  1.00 14.85 ? 27  SER A O   1 
ATOM   220 C CB  . SER A 1 27 ? 10.763  -5.193  -3.596  1.00 16.07 ? 27  SER A CB  1 
ATOM   221 O OG  . SER A 1 27 ? 11.200  -4.285  -2.608  1.00 16.86 ? 27  SER A OG  1 
ATOM   222 N N   . GLU A 1 28 ? 10.179  -7.569  -1.595  1.00 12.95 ? 28  GLU A N   1 
ATOM   223 C CA  . GLU A 1 28 ? 10.603  -8.062  -0.298  1.00 12.72 ? 28  GLU A CA  1 
ATOM   224 C C   . GLU A 1 28 ? 11.600  -7.082  0.299   1.00 17.74 ? 28  GLU A C   1 
ATOM   225 O O   . GLU A 1 28 ? 12.405  -6.476  -0.418  1.00 15.89 ? 28  GLU A O   1 
ATOM   226 C CB  . GLU A 1 28 ? 11.216  -9.452  -0.440  1.00 18.04 ? 28  GLU A CB  1 
ATOM   227 C CG  . GLU A 1 28 ? 11.445  -10.155 0.872   1.00 19.98 ? 28  GLU A CG  1 
ATOM   228 C CD  . GLU A 1 28 ? 11.826  -11.608 0.681   1.00 23.24 ? 28  GLU A CD  1 
ATOM   229 O OE1 . GLU A 1 28 ? 12.202  -12.253 1.678   1.00 25.95 ? 28  GLU A OE1 1 
ATOM   230 O OE2 . GLU A 1 28 ? 11.753  -12.100 -0.462  1.00 24.28 ? 28  GLU A OE2 1 
ATOM   231 N N   . THR A 1 29 ? 11.529  -6.905  1.613   1.00 16.33 ? 29  THR A N   1 
ATOM   232 C CA  . THR A 1 29 ? 12.190  -5.798  2.284   1.00 13.14 ? 29  THR A CA  1 
ATOM   233 C C   . THR A 1 29 ? 13.062  -6.316  3.418   1.00 14.11 ? 29  THR A C   1 
ATOM   234 O O   . THR A 1 29 ? 12.593  -7.089  4.257   1.00 13.45 ? 29  THR A O   1 
ATOM   235 C CB  . THR A 1 29 ? 11.131  -4.823  2.795   1.00 13.86 ? 29  THR A CB  1 
ATOM   236 O OG1 . THR A 1 29 ? 10.338  -4.384  1.682   1.00 17.13 ? 29  THR A OG1 1 
ATOM   237 C CG2 . THR A 1 29 ? 11.760  -3.626  3.449   1.00 14.94 ? 29  THR A CG2 1 
ATOM   238 N N   . LYS A 1 30 ? 14.322  -5.885  3.446   1.00 11.83 ? 30  LYS A N   1 
ATOM   239 C CA  . LYS A 1 30 ? 15.251  -6.336  4.479   1.00 13.72 ? 30  LYS A CA  1 
ATOM   240 C C   . LYS A 1 30 ? 14.734  -5.995  5.872   1.00 14.63 ? 30  LYS A C   1 
ATOM   241 O O   . LYS A 1 30 ? 14.341  -4.858  6.140   1.00 15.44 ? 30  LYS A O   1 
ATOM   242 C CB  . LYS A 1 30 ? 16.626  -5.697  4.277   1.00 13.54 ? 30  LYS A CB  1 
ATOM   243 C CG  . LYS A 1 30 ? 17.669  -6.194  5.268   1.00 19.53 ? 30  LYS A CG  1 
ATOM   244 C CD  . LYS A 1 30 ? 18.946  -5.352  5.228   1.00 23.86 ? 30  LYS A CD  1 
ATOM   245 C CE  . LYS A 1 30 ? 19.373  -4.948  6.639   1.00 32.80 ? 30  LYS A CE  1 
ATOM   246 N NZ  . LYS A 1 30 ? 19.936  -6.107  7.383   1.00 39.60 ? 30  LYS A NZ  1 
ATOM   247 N N   . GLY A 1 31 ? 14.740  -6.988  6.757   1.00 14.42 ? 31  GLY A N   1 
ATOM   248 C CA  . GLY A 1 31 ? 14.356  -6.777  8.136   1.00 15.25 ? 31  GLY A CA  1 
ATOM   249 C C   . GLY A 1 31 ? 12.867  -6.818  8.403   1.00 18.53 ? 31  GLY A C   1 
ATOM   250 O O   . GLY A 1 31 ? 12.468  -6.753  9.572   1.00 16.24 ? 31  GLY A O   1 
ATOM   251 N N   . ALA A 1 32 ? 12.035  -6.940  7.367   1.00 12.63 ? 32  ALA A N   1 
ATOM   252 C CA  . ALA A 1 32 ? 10.593  -6.842  7.541   1.00 14.70 ? 32  ALA A CA  1 
ATOM   253 C C   . ALA A 1 32 ? 10.025  -8.153  8.059   1.00 14.91 ? 32  ALA A C   1 
ATOM   254 O O   . ALA A 1 32 ? 10.369  -9.228  7.562   1.00 15.44 ? 32  ALA A O   1 
ATOM   255 C CB  . ALA A 1 32 ? 9.915   -6.471  6.223   1.00 14.51 ? 32  ALA A CB  1 
ATOM   256 N N   . LYS A 1 33 ? 9.156   -8.058  9.065   1.00 13.37 ? 33  LYS A N   1 
ATOM   257 C CA  . LYS A 1 33 ? 8.288   -9.163  9.446   1.00 16.31 ? 33  LYS A CA  1 
ATOM   258 C C   . LYS A 1 33 ? 6.911   -9.055  8.808   1.00 13.51 ? 33  LYS A C   1 
ATOM   259 O O   . LYS A 1 33 ? 6.296   -10.077 8.498   1.00 14.35 ? 33  LYS A O   1 
ATOM   260 C CB  . LYS A 1 33 ? 8.132   -9.222  10.973  1.00 17.45 ? 33  LYS A CB  1 
ATOM   261 C CG  . LYS A 1 33 ? 9.439   -9.429  11.726  1.00 20.84 ? 33  LYS A CG  1 
ATOM   262 C CD  . LYS A 1 33 ? 10.083  -10.736 11.333  1.00 21.46 ? 33  LYS A CD  1 
ATOM   263 C CE  . LYS A 1 33 ? 10.692  -11.430 12.537  1.00 32.03 ? 33  LYS A CE  1 
ATOM   264 N NZ  . LYS A 1 33 ? 11.822  -10.630 13.083  1.00 33.44 ? 33  LYS A NZ  1 
ATOM   265 N N   . TYR A 1 34 ? 6.417   -7.842  8.609   1.00 13.67 ? 34  TYR A N   1 
ATOM   266 C CA  . TYR A 1 34 ? 5.164   -7.638  7.901   1.00 9.96  ? 34  TYR A CA  1 
ATOM   267 C C   . TYR A 1 34 ? 5.119   -6.203  7.410   1.00 12.59 ? 34  TYR A C   1 
ATOM   268 O O   . TYR A 1 34 ? 6.057   -5.424  7.606   1.00 11.54 ? 34  TYR A O   1 
ATOM   269 C CB  . TYR A 1 34 ? 3.957   -7.983  8.778   1.00 15.12 ? 34  TYR A CB  1 
ATOM   270 C CG  . TYR A 1 34 ? 3.803   -7.135  10.013  1.00 14.91 ? 34  TYR A CG  1 
ATOM   271 C CD1 . TYR A 1 34 ? 4.424   -7.488  11.205  1.00 16.95 ? 34  TYR A CD1 1 
ATOM   272 C CD2 . TYR A 1 34 ? 3.013   -5.995  10.000  1.00 16.10 ? 34  TYR A CD2 1 
ATOM   273 C CE1 . TYR A 1 34 ? 4.277   -6.725  12.340  1.00 14.40 ? 34  TYR A CE1 1 
ATOM   274 C CE2 . TYR A 1 34 ? 2.869   -5.219  11.128  1.00 12.93 ? 34  TYR A CE2 1 
ATOM   275 C CZ  . TYR A 1 34 ? 3.492   -5.591  12.296  1.00 20.07 ? 34  TYR A CZ  1 
ATOM   276 O OH  . TYR A 1 34 ? 3.330   -4.818  13.431  1.00 24.65 ? 34  TYR A OH  1 
ATOM   277 N N   . TYR A 1 35 ? 4.024   -5.878  6.725   1.00 12.73 ? 35  TYR A N   1 
ATOM   278 C CA  . TYR A 1 35 ? 3.833   -4.576  6.109   1.00 11.10 ? 35  TYR A CA  1 
ATOM   279 C C   . TYR A 1 35 ? 2.471   -4.026  6.510   1.00 13.05 ? 35  TYR A C   1 
ATOM   280 O O   . TYR A 1 35 ? 1.510   -4.780  6.686   1.00 9.82  ? 35  TYR A O   1 
ATOM   281 C CB  . TYR A 1 35 ? 3.935   -4.674  4.577   1.00 12.20 ? 35  TYR A CB  1 
ATOM   282 C CG  . TYR A 1 35 ? 5.203   -5.349  4.111   1.00 12.78 ? 35  TYR A CG  1 
ATOM   283 C CD1 . TYR A 1 35 ? 5.265   -6.733  3.953   1.00 14.12 ? 35  TYR A CD1 1 
ATOM   284 C CD2 . TYR A 1 35 ? 6.345   -4.603  3.837   1.00 14.22 ? 35  TYR A CD2 1 
ATOM   285 C CE1 . TYR A 1 35 ? 6.436   -7.367  3.520   1.00 14.62 ? 35  TYR A CE1 1 
ATOM   286 C CE2 . TYR A 1 35 ? 7.513   -5.225  3.407   1.00 13.32 ? 35  TYR A CE2 1 
ATOM   287 C CZ  . TYR A 1 35 ? 7.556   -6.598  3.256   1.00 17.00 ? 35  TYR A CZ  1 
ATOM   288 O OH  . TYR A 1 35 ? 8.724   -7.204  2.832   1.00 17.55 ? 35  TYR A OH  1 
ATOM   289 N N   . GLU A 1 36 ? 2.398   -2.706  6.637   1.00 12.89 ? 36  GLU A N   1 
ATOM   290 C CA  . GLU A 1 36 ? 1.148   -2.006  6.891   1.00 11.89 ? 36  GLU A CA  1 
ATOM   291 C C   . GLU A 1 36 ? 0.846   -1.089  5.721   1.00 12.88 ? 36  GLU A C   1 
ATOM   292 O O   . GLU A 1 36 ? 1.754   -0.474  5.155   1.00 9.23  ? 36  GLU A O   1 
ATOM   293 C CB  . GLU A 1 36 ? 1.202   -1.194  8.184   1.00 11.10 ? 36  GLU A CB  1 
ATOM   294 C CG  . GLU A 1 36 ? 1.549   -2.040  9.385   1.00 12.93 ? 36  GLU A CG  1 
ATOM   295 C CD  . GLU A 1 36 ? 1.604   -1.242  10.670  1.00 17.33 ? 36  GLU A CD  1 
ATOM   296 O OE1 . GLU A 1 36 ? 1.565   0.001   10.613  1.00 20.05 ? 36  GLU A OE1 1 
ATOM   297 O OE2 . GLU A 1 36 ? 1.685   -1.866  11.737  1.00 15.86 ? 36  GLU A OE2 1 
ATOM   298 N N   . ILE A 1 37 ? -0.438  -1.014  5.373   1.00 16.19 ? 37  ILE A N   1 
ATOM   299 C CA  . ILE A 1 37 ? -0.934  -0.258  4.228   1.00 14.14 ? 37  ILE A CA  1 
ATOM   300 C C   . ILE A 1 37 ? -1.946  0.759   4.730   1.00 12.28 ? 37  ILE A C   1 
ATOM   301 O O   . ILE A 1 37 ? -2.868  0.402   5.470   1.00 12.68 ? 37  ILE A O   1 
ATOM   302 C CB  . ILE A 1 37 ? -1.597  -1.177  3.192   1.00 13.93 ? 37  ILE A CB  1 
ATOM   303 C CG1 . ILE A 1 37 ? -0.565  -2.106  2.538   1.00 16.52 ? 37  ILE A CG1 1 
ATOM   304 C CG2 . ILE A 1 37 ? -2.329  -0.354  2.143   1.00 18.69 ? 37  ILE A CG2 1 
ATOM   305 C CD1 . ILE A 1 37 ? -1.247  -3.275  1.872   1.00 19.36 ? 37  ILE A CD1 1 
ATOM   306 N N   . TYR A 1 38 ? -1.808  2.006   4.283   1.00 15.15 ? 38  TYR A N   1 
ATOM   307 C CA  . TYR A 1 38 ? -2.716  3.075   4.666   1.00 18.27 ? 38  TYR A CA  1 
ATOM   308 C C   . TYR A 1 38 ? -3.200  3.814   3.434   1.00 16.89 ? 38  TYR A C   1 
ATOM   309 O O   . TYR A 1 38 ? -2.467  3.960   2.455   1.00 17.23 ? 38  TYR A O   1 
ATOM   310 C CB  . TYR A 1 38 ? -2.051  4.067   5.610   1.00 14.10 ? 38  TYR A CB  1 
ATOM   311 C CG  . TYR A 1 38 ? -1.570  3.413   6.879   1.00 18.30 ? 38  TYR A CG  1 
ATOM   312 C CD1 . TYR A 1 38 ? -0.377  2.699   6.907   1.00 20.17 ? 38  TYR A CD1 1 
ATOM   313 C CD2 . TYR A 1 38 ? -2.317  3.496   8.045   1.00 21.11 ? 38  TYR A CD2 1 
ATOM   314 C CE1 . TYR A 1 38 ? 0.061   2.081   8.064   1.00 22.37 ? 38  TYR A CE1 1 
ATOM   315 C CE2 . TYR A 1 38 ? -1.887  2.879   9.216   1.00 26.71 ? 38  TYR A CE2 1 
ATOM   316 C CZ  . TYR A 1 38 ? -0.698  2.179   9.219   1.00 21.38 ? 38  TYR A CZ  1 
ATOM   317 O OH  . TYR A 1 38 ? -0.266  1.571   10.376  1.00 23.54 ? 38  TYR A OH  1 
ATOM   318 N N   . LEU A 1 39 ? -4.450  4.265   3.496   1.00 15.54 ? 39  LEU A N   1 
ATOM   319 C CA  . LEU A 1 39 ? -5.016  5.157   2.490   1.00 18.15 ? 39  LEU A CA  1 
ATOM   320 C C   . LEU A 1 39 ? -4.728  6.594   2.905   1.00 19.39 ? 39  LEU A C   1 
ATOM   321 O O   . LEU A 1 39 ? -5.102  7.005   4.010   1.00 21.17 ? 39  LEU A O   1 
ATOM   322 C CB  . LEU A 1 39 ? -6.522  4.932   2.353   1.00 18.13 ? 39  LEU A CB  1 
ATOM   323 C CG  . LEU A 1 39 ? -7.236  5.958   1.466   1.00 23.07 ? 39  LEU A CG  1 
ATOM   324 C CD1 . LEU A 1 39 ? -6.625  5.947   0.055   1.00 24.13 ? 39  LEU A CD1 1 
ATOM   325 C CD2 . LEU A 1 39 ? -8.730  5.697   1.406   1.00 33.82 ? 39  LEU A CD2 1 
ATOM   326 N N   . VAL A 1 40 ? -4.062  7.348   2.032   1.00 18.22 ? 40  VAL A N   1 
ATOM   327 C CA  . VAL A 1 40 ? -3.734  8.747   2.288   1.00 25.32 ? 40  VAL A CA  1 
ATOM   328 C C   . VAL A 1 40 ? -4.825  9.622   1.683   1.00 29.61 ? 40  VAL A C   1 
ATOM   329 O O   . VAL A 1 40 ? -5.011  9.637   0.463   1.00 28.25 ? 40  VAL A O   1 
ATOM   330 C CB  . VAL A 1 40 ? -2.364  9.112   1.698   1.00 25.54 ? 40  VAL A CB  1 
ATOM   331 C CG1 . VAL A 1 40 ? -2.056  10.580  1.957   1.00 34.51 ? 40  VAL A CG1 1 
ATOM   332 C CG2 . VAL A 1 40 ? -1.279  8.197   2.260   1.00 25.85 ? 40  VAL A CG2 1 
ATOM   333 N N   . SER A 1 41 ? -5.532  10.369  2.530   1.00 36.71 ? 41  SER A N   1 
ATOM   334 C CA  . SER A 1 41 ? -6.638  11.215  2.091   1.00 42.11 ? 41  SER A CA  1 
ATOM   335 C C   . SER A 1 41 ? -6.529  12.578  2.757   1.00 40.64 ? 41  SER A C   1 
ATOM   336 O O   . SER A 1 41 ? -6.642  12.681  3.982   1.00 41.71 ? 41  SER A O   1 
ATOM   337 C CB  . SER A 1 41 ? -7.989  10.568  2.418   1.00 28.27 ? 41  SER A CB  1 
ATOM   338 N N   . ASP A 1 42 ? -6.325  13.621  1.950   1.00 46.72 ? 42  ASP A N   1 
ATOM   339 C CA  . ASP A 1 42 ? -6.218  14.996  2.442   1.00 48.12 ? 42  ASP A CA  1 
ATOM   340 C C   . ASP A 1 42 ? -5.198  15.096  3.575   1.00 49.64 ? 42  ASP A C   1 
ATOM   341 O O   . ASP A 1 42 ? -5.460  15.662  4.641   1.00 52.70 ? 42  ASP A O   1 
ATOM   342 C CB  . ASP A 1 42 ? -7.585  15.527  2.884   1.00 44.42 ? 42  ASP A CB  1 
ATOM   343 N N   . SER A 1 43 ? -4.026  14.502  3.339   1.00 46.63 ? 43  SER A N   1 
ATOM   344 C CA  . SER A 1 43 ? -2.902  14.532  4.282   1.00 48.39 ? 43  SER A CA  1 
ATOM   345 C C   . SER A 1 43 ? -3.232  13.865  5.621   1.00 41.59 ? 43  SER A C   1 
ATOM   346 O O   . SER A 1 43 ? -2.720  14.273  6.666   1.00 48.38 ? 43  SER A O   1 
ATOM   347 C CB  . SER A 1 43 ? -2.404  15.964  4.509   1.00 44.39 ? 43  SER A CB  1 
ATOM   348 N N   . THR A 1 44 ? -4.074  12.833  5.618   1.00 38.75 ? 44  THR A N   1 
ATOM   349 C CA  . THR A 1 44 ? -4.191  11.936  6.763   1.00 35.74 ? 44  THR A CA  1 
ATOM   350 C C   . THR A 1 44 ? -4.184  10.497  6.264   1.00 32.15 ? 44  THR A C   1 
ATOM   351 O O   . THR A 1 44 ? -4.581  10.216  5.130   1.00 29.28 ? 44  THR A O   1 
ATOM   352 C CB  . THR A 1 44 ? -5.460  12.193  7.604   1.00 41.22 ? 44  THR A CB  1 
ATOM   353 O OG1 . THR A 1 44 ? -5.392  11.413  8.804   1.00 44.29 ? 44  THR A OG1 1 
ATOM   354 C CG2 . THR A 1 44 ? -6.714  11.789  6.858   1.00 33.85 ? 44  THR A CG2 1 
ATOM   355 N N   . TYR A 1 45 ? -3.716  9.588   7.117   1.00 31.64 ? 45  TYR A N   1 
ATOM   356 C CA  . TYR A 1 45 ? -3.587  8.174   6.780   1.00 29.32 ? 45  TYR A CA  1 
ATOM   357 C C   . TYR A 1 45 ? -4.681  7.365   7.464   1.00 29.37 ? 45  TYR A C   1 
ATOM   358 O O   . TYR A 1 45 ? -4.905  7.513   8.668   1.00 29.42 ? 45  TYR A O   1 
ATOM   359 C CB  . TYR A 1 45 ? -2.229  7.615   7.205   1.00 30.87 ? 45  TYR A CB  1 
ATOM   360 C CG  . TYR A 1 45 ? -1.018  8.399   6.769   1.00 32.62 ? 45  TYR A CG  1 
ATOM   361 C CD1 . TYR A 1 45 ? -0.599  9.517   7.480   1.00 40.26 ? 45  TYR A CD1 1 
ATOM   362 C CD2 . TYR A 1 45 ? -0.264  7.997   5.675   1.00 34.14 ? 45  TYR A CD2 1 
ATOM   363 C CE1 . TYR A 1 45 ? 0.521   10.228  7.096   1.00 41.92 ? 45  TYR A CE1 1 
ATOM   364 C CE2 . TYR A 1 45 ? 0.863   8.704   5.280   1.00 35.26 ? 45  TYR A CE2 1 
ATOM   365 C CZ  . TYR A 1 45 ? 1.248   9.819   5.994   1.00 41.81 ? 45  TYR A CZ  1 
ATOM   366 O OH  . TYR A 1 45 ? 2.367   10.527  5.614   1.00 48.68 ? 45  TYR A OH  1 
ATOM   367 N N   . LYS A 1 46 ? -5.333  6.489   6.705   1.00 22.58 ? 46  LYS A N   1 
ATOM   368 C CA  . LYS A 1 46 ? -6.368  5.610   7.231   1.00 20.48 ? 46  LYS A CA  1 
ATOM   369 C C   . LYS A 1 46 ? -5.923  4.166   7.071   1.00 19.87 ? 46  LYS A C   1 
ATOM   370 O O   . LYS A 1 46 ? -5.543  3.753   5.971   1.00 17.67 ? 46  LYS A O   1 
ATOM   371 C CB  . LYS A 1 46 ? -7.692  5.830   6.516   1.00 19.48 ? 46  LYS A CB  1 
ATOM   372 C CG  . LYS A 1 46 ? -8.694  4.746   6.779   1.00 23.21 ? 46  LYS A CG  1 
ATOM   373 C CD  . LYS A 1 46 ? -10.090 5.310   6.968   1.00 33.46 ? 46  LYS A CD  1 
ATOM   374 C CE  . LYS A 1 46 ? -11.094 4.195   7.255   1.00 30.20 ? 46  LYS A CE  1 
ATOM   375 N NZ  . LYS A 1 46 ? -11.040 3.780   8.683   1.00 28.19 ? 46  LYS A NZ  1 
ATOM   376 N N   . PHE A 1 47 ? -5.981  3.402   8.160   1.00 18.03 ? 47  PHE A N   1 
ATOM   377 C CA  . PHE A 1 47 ? -5.469  2.038   8.130   1.00 18.24 ? 47  PHE A CA  1 
ATOM   378 C C   . PHE A 1 47 ? -6.293  1.162   7.195   1.00 16.57 ? 47  PHE A C   1 
ATOM   379 O O   . PHE A 1 47 ? -7.526  1.147   7.262   1.00 14.72 ? 47  PHE A O   1 
ATOM   380 C CB  . PHE A 1 47 ? -5.467  1.434   9.529   1.00 17.36 ? 47  PHE A CB  1 
ATOM   381 C CG  . PHE A 1 47 ? -5.177  -0.030  9.538   1.00 16.49 ? 47  PHE A CG  1 
ATOM   382 C CD1 . PHE A 1 47 ? -3.879  -0.484  9.500   1.00 18.11 ? 47  PHE A CD1 1 
ATOM   383 C CD2 . PHE A 1 47 ? -6.207  -0.958  9.561   1.00 19.53 ? 47  PHE A CD2 1 
ATOM   384 C CE1 . PHE A 1 47 ? -3.610  -1.829  9.492   1.00 13.31 ? 47  PHE A CE1 1 
ATOM   385 C CE2 . PHE A 1 47 ? -5.937  -2.311  9.549   1.00 17.85 ? 47  PHE A CE2 1 
ATOM   386 C CZ  . PHE A 1 47 ? -4.640  -2.742  9.530   1.00 14.64 ? 47  PHE A CZ  1 
ATOM   387 N N   . ILE A 1 48 ? -5.612  0.397   6.347   1.00 14.07 ? 48  ILE A N   1 
ATOM   388 C CA  . ILE A 1 48 ? -6.260  -0.550  5.450   1.00 10.35 ? 48  ILE A CA  1 
ATOM   389 C C   . ILE A 1 48 ? -6.041  -1.990  5.898   1.00 14.41 ? 48  ILE A C   1 
ATOM   390 O O   . ILE A 1 48 ? -7.001  -2.744  6.072   1.00 14.29 ? 48  ILE A O   1 
ATOM   391 C CB  . ILE A 1 48 ? -5.789  -0.348  3.993   1.00 11.41 ? 48  ILE A CB  1 
ATOM   392 C CG1 . ILE A 1 48 ? -6.150  1.056   3.522   1.00 15.68 ? 48  ILE A CG1 1 
ATOM   393 C CG2 . ILE A 1 48 ? -6.414  -1.404  3.105   1.00 12.79 ? 48  ILE A CG2 1 
ATOM   394 C CD1 . ILE A 1 48 ? -5.875  1.263   2.064   1.00 22.50 ? 48  ILE A CD1 1 
ATOM   395 N N   . ALA A 1 49 ? -4.784  -2.395  6.087   1.00 13.01 ? 49  ALA A N   1 
ATOM   396 C CA  . ALA A 1 49 ? -4.495  -3.805  6.324   1.00 10.71 ? 49  ALA A CA  1 
ATOM   397 C C   . ALA A 1 49 ? -3.043  -3.990  6.727   1.00 13.32 ? 49  ALA A C   1 
ATOM   398 O O   . ALA A 1 49 ? -2.180  -3.189  6.372   1.00 12.39 ? 49  ALA A O   1 
ATOM   399 C CB  . ALA A 1 49 ? -4.790  -4.652  5.081   1.00 13.64 ? 49  ALA A CB  1 
ATOM   400 N N   . SER A 1 50 ? -2.791  -5.068  7.461   1.00 10.00 ? 50  SER A N   1 
ATOM   401 C CA  . SER A 1 50 ? -1.452  -5.561  7.732   1.00 14.61 ? 50  SER A CA  1 
ATOM   402 C C   . SER A 1 50 ? -1.297  -6.913  7.048   1.00 14.19 ? 50  SER A C   1 
ATOM   403 O O   . SER A 1 50 ? -2.206  -7.745  7.106   1.00 17.81 ? 50  SER A O   1 
ATOM   404 C CB  . SER A 1 50 ? -1.215  -5.701  9.243   1.00 12.65 ? 50  SER A CB  1 
ATOM   405 O OG  . SER A 1 50 ? -1.223  -4.429  9.876   1.00 13.37 ? 50  SER A OG  1 
ATOM   406 N N   . THR A 1 51 ? -0.148  -7.143  6.410   1.00 12.62 ? 51  THR A N   1 
ATOM   407 C CA  . THR A 1 51 ? 0.039   -8.379  5.660   1.00 14.19 ? 51  THR A CA  1 
ATOM   408 C C   . THR A 1 51 ? 1.510   -8.765  5.641   1.00 15.83 ? 51  THR A C   1 
ATOM   409 O O   . THR A 1 51 ? 2.397   -7.907  5.715   1.00 14.52 ? 51  THR A O   1 
ATOM   410 C CB  . THR A 1 51 ? -0.486  -8.253  4.223   1.00 13.68 ? 51  THR A CB  1 
ATOM   411 O OG1 . THR A 1 51 ? -0.377  -9.514  3.558   1.00 16.09 ? 51  THR A OG1 1 
ATOM   412 C CG2 . THR A 1 51 ? 0.285   -7.180  3.435   1.00 14.73 ? 51  THR A CG2 1 
ATOM   413 N N   . ASP A 1 52 ? 1.763   -10.071 5.575   1.00 15.38 ? 52  ASP A N   1 
ATOM   414 C CA  . ASP A 1 52 ? 3.107   -10.552 5.283   1.00 19.12 ? 52  ASP A CA  1 
ATOM   415 C C   . ASP A 1 52 ? 3.276   -10.945 3.817   1.00 17.75 ? 52  ASP A C   1 
ATOM   416 O O   . ASP A 1 52 ? 4.316   -11.500 3.448   1.00 24.82 ? 52  ASP A O   1 
ATOM   417 C CB  . ASP A 1 52 ? 3.486   -11.714 6.211   1.00 16.58 ? 52  ASP A CB  1 
ATOM   418 C CG  . ASP A 1 52 ? 2.589   -12.926 6.051   1.00 22.02 ? 52  ASP A CG  1 
ATOM   419 O OD1 . ASP A 1 52 ? 1.928   -13.077 5.009   1.00 25.04 ? 52  ASP A OD1 1 
ATOM   420 O OD2 . ASP A 1 52 ? 2.550   -13.750 6.986   1.00 26.62 ? 52  ASP A OD2 1 
ATOM   421 N N   . LYS A 1 53 ? 2.278   -10.677 2.981   1.00 17.18 ? 53  LYS A N   1 
ATOM   422 C CA  . LYS A 1 53 ? 2.424   -10.847 1.544   1.00 17.10 ? 53  LYS A CA  1 
ATOM   423 C C   . LYS A 1 53 ? 3.281   -9.722  0.971   1.00 14.27 ? 53  LYS A C   1 
ATOM   424 O O   . LYS A 1 53 ? 3.687   -8.790  1.668   1.00 13.73 ? 53  LYS A O   1 
ATOM   425 C CB  . LYS A 1 53 ? 1.059   -10.857 0.864   1.00 19.01 ? 53  LYS A CB  1 
ATOM   426 C CG  . LYS A 1 53 ? 0.098   -11.892 1.413   1.00 22.22 ? 53  LYS A CG  1 
ATOM   427 C CD  . LYS A 1 53 ? -1.314  -11.627 0.948   1.00 26.64 ? 53  LYS A CD  1 
ATOM   428 C CE  . LYS A 1 53 ? -1.489  -11.980 -0.515  1.00 32.80 ? 53  LYS A CE  1 
ATOM   429 N NZ  . LYS A 1 53 ? -2.628  -11.234 -1.104  1.00 36.56 ? 53  LYS A NZ  1 
ATOM   430 N N   . LEU A 1 54 ? 3.549   -9.816  -0.328  1.00 12.03 ? 54  LEU A N   1 
ATOM   431 C CA  . LEU A 1 54 ? 4.231   -8.771  -1.080  1.00 14.26 ? 54  LEU A CA  1 
ATOM   432 C C   . LEU A 1 54 ? 3.278   -8.072  -2.036  1.00 18.39 ? 54  LEU A C   1 
ATOM   433 O O   . LEU A 1 54 ? 3.714   -7.351  -2.936  1.00 15.15 ? 54  LEU A O   1 
ATOM   434 C CB  . LEU A 1 54 ? 5.415   -9.357  -1.846  1.00 16.18 ? 54  LEU A CB  1 
ATOM   435 C CG  . LEU A 1 54 ? 6.351   -10.161 -0.949  1.00 17.26 ? 54  LEU A CG  1 
ATOM   436 C CD1 . LEU A 1 54 ? 7.388   -10.879 -1.802  1.00 19.14 ? 54  LEU A CD1 1 
ATOM   437 C CD2 . LEU A 1 54 ? 6.994   -9.249  0.101   1.00 14.29 ? 54  LEU A CD2 1 
ATOM   438 N N   . GLU A 1 55 ? 1.984   -8.294  -1.874  1.00 17.52 ? 55  GLU A N   1 
ATOM   439 C CA  . GLU A 1 55 ? 1.002   -7.613  -2.691  1.00 18.87 ? 55  GLU A CA  1 
ATOM   440 C C   . GLU A 1 55 ? -0.312  -7.708  -1.954  1.00 19.13 ? 55  GLU A C   1 
ATOM   441 O O   . GLU A 1 55 ? -0.524  -8.630  -1.163  1.00 19.01 ? 55  GLU A O   1 
ATOM   442 C CB  . GLU A 1 55 ? 0.882   -8.224  -4.092  1.00 25.02 ? 55  GLU A CB  1 
ATOM   443 C CG  . GLU A 1 55 ? 0.073   -9.494  -4.141  1.00 24.39 ? 55  GLU A CG  1 
ATOM   444 C CD  . GLU A 1 55 ? -0.293  -9.901  -5.560  1.00 29.91 ? 55  GLU A CD  1 
ATOM   445 O OE1 . GLU A 1 55 ? 0.169   -9.244  -6.516  1.00 29.91 ? 55  GLU A OE1 1 
ATOM   446 O OE2 . GLU A 1 55 ? -1.040  -10.886 -5.715  1.00 28.13 ? 55  GLU A OE2 1 
ATOM   447 N N   . TYR A 1 56 ? -1.192  -6.754  -2.228  1.00 16.36 ? 56  TYR A N   1 
ATOM   448 C CA  . TYR A 1 56 ? -2.475  -6.699  -1.560  1.00 16.83 ? 56  TYR A CA  1 
ATOM   449 C C   . TYR A 1 56 ? -3.463  -6.038  -2.501  1.00 16.87 ? 56  TYR A C   1 
ATOM   450 O O   . TYR A 1 56 ? -3.118  -5.098  -3.222  1.00 14.16 ? 56  TYR A O   1 
ATOM   451 C CB  . TYR A 1 56 ? -2.381  -5.933  -0.231  1.00 14.82 ? 56  TYR A CB  1 
ATOM   452 C CG  . TYR A 1 56 ? -3.546  -6.148  0.702   1.00 18.75 ? 56  TYR A CG  1 
ATOM   453 C CD1 . TYR A 1 56 ? -3.539  -7.186  1.621   1.00 19.69 ? 56  TYR A CD1 1 
ATOM   454 C CD2 . TYR A 1 56 ? -4.647  -5.300  0.682   1.00 21.95 ? 56  TYR A CD2 1 
ATOM   455 C CE1 . TYR A 1 56 ? -4.602  -7.382  2.481   1.00 21.34 ? 56  TYR A CE1 1 
ATOM   456 C CE2 . TYR A 1 56 ? -5.716  -5.496  1.541   1.00 20.16 ? 56  TYR A CE2 1 
ATOM   457 C CZ  . TYR A 1 56 ? -5.683  -6.539  2.435   1.00 19.01 ? 56  TYR A CZ  1 
ATOM   458 O OH  . TYR A 1 56 ? -6.739  -6.750  3.301   1.00 31.39 ? 56  TYR A OH  1 
ATOM   459 N N   . TYR A 1 57 ? -4.677  -6.564  -2.516  1.00 16.62 ? 57  TYR A N   1 
ATOM   460 C CA  . TYR A 1 57 ? -5.753  -6.021  -3.333  1.00 21.03 ? 57  TYR A CA  1 
ATOM   461 C C   . TYR A 1 57 ? -6.672  -5.236  -2.413  1.00 20.87 ? 57  TYR A C   1 
ATOM   462 O O   . TYR A 1 57 ? -7.335  -5.818  -1.553  1.00 15.07 ? 57  TYR A O   1 
ATOM   463 C CB  . TYR A 1 57 ? -6.519  -7.129  -4.043  1.00 19.19 ? 57  TYR A CB  1 
ATOM   464 C CG  . TYR A 1 57 ? -5.782  -7.724  -5.211  1.00 21.78 ? 57  TYR A CG  1 
ATOM   465 C CD1 . TYR A 1 57 ? -4.868  -8.751  -5.025  1.00 24.60 ? 57  TYR A CD1 1 
ATOM   466 C CD2 . TYR A 1 57 ? -6.006  -7.264  -6.507  1.00 24.49 ? 57  TYR A CD2 1 
ATOM   467 C CE1 . TYR A 1 57 ? -4.188  -9.311  -6.094  1.00 25.04 ? 57  TYR A CE1 1 
ATOM   468 C CE2 . TYR A 1 57 ? -5.332  -7.817  -7.587  1.00 28.17 ? 57  TYR A CE2 1 
ATOM   469 C CZ  . TYR A 1 57 ? -4.422  -8.840  -7.369  1.00 29.03 ? 57  TYR A CZ  1 
ATOM   470 O OH  . TYR A 1 57 ? -3.746  -9.403  -8.424  1.00 29.42 ? 57  TYR A OH  1 
ATOM   471 N N   . VAL A 1 58 ? -6.713  -3.923  -2.598  1.00 17.66 ? 58  VAL A N   1 
ATOM   472 C CA  . VAL A 1 58 ? -7.580  -3.061  -1.807  1.00 20.83 ? 58  VAL A CA  1 
ATOM   473 C C   . VAL A 1 58 ? -8.924  -2.993  -2.519  1.00 21.83 ? 58  VAL A C   1 
ATOM   474 O O   . VAL A 1 58 ? -9.034  -2.388  -3.586  1.00 20.39 ? 58  VAL A O   1 
ATOM   475 C CB  . VAL A 1 58 ? -6.966  -1.670  -1.625  1.00 21.12 ? 58  VAL A CB  1 
ATOM   476 C CG1 . VAL A 1 58 ? -7.938  -0.747  -0.882  1.00 20.51 ? 58  VAL A CG1 1 
ATOM   477 C CG2 . VAL A 1 58 ? -5.650  -1.789  -0.872  1.00 16.57 ? 58  VAL A CG2 1 
ATOM   478 N N   . THR A 1 59 ? -9.940  -3.624  -1.934  1.00 25.45 ? 59  THR A N   1 
ATOM   479 C CA  . THR A 1 59 ? -11.268 -3.690  -2.520  1.00 27.23 ? 59  THR A CA  1 
ATOM   480 C C   . THR A 1 59 ? -12.179 -2.643  -1.885  1.00 28.52 ? 59  THR A C   1 
ATOM   481 O O   . THR A 1 59 ? -11.813 -1.948  -0.924  1.00 27.29 ? 59  THR A O   1 
ATOM   482 C CB  . THR A 1 59 ? -11.874 -5.090  -2.346  1.00 31.90 ? 59  THR A CB  1 
ATOM   483 O OG1 . THR A 1 59 ? -11.525 -5.616  -1.060  1.00 37.51 ? 59  THR A OG1 1 
ATOM   484 C CG2 . THR A 1 59 ? -11.377 -6.038  -3.431  1.00 33.84 ? 59  THR A CG2 1 
ATOM   485 N N   . ASN A 1 60 ? -13.397 -2.547  -2.424  1.00 29.22 ? 60  ASN A N   1 
ATOM   486 C CA  . ASN A 1 60 ? -14.423 -1.668  -1.863  1.00 34.07 ? 60  ASN A CA  1 
ATOM   487 C C   . ASN A 1 60 ? -14.002 -0.208  -1.952  1.00 32.85 ? 60  ASN A C   1 
ATOM   488 O O   . ASN A 1 60 ? -14.077 0.540   -0.977  1.00 31.50 ? 60  ASN A O   1 
ATOM   489 C CB  . ASN A 1 60 ? -14.764 -2.060  -0.415  1.00 35.39 ? 60  ASN A CB  1 
ATOM   490 C CG  . ASN A 1 60 ? -16.058 -2.861  -0.321  1.00 48.04 ? 60  ASN A CG  1 
ATOM   491 O OD1 . ASN A 1 60 ? -17.018 -2.450  0.334   1.00 56.36 ? 60  ASN A OD1 1 
ATOM   492 N ND2 . ASN A 1 60 ? -16.128 -3.949  -1.078  1.00 47.01 ? 60  ASN A ND2 1 
ATOM   493 N N   . LEU A 1 61 ? -13.537 0.187   -3.136  1.00 22.00 ? 61  LEU A N   1 
ATOM   494 C CA  . LEU A 1 61 ? -13.218 1.565   -3.467  1.00 20.68 ? 61  LEU A CA  1 
ATOM   495 C C   . LEU A 1 61 ? -14.282 2.095   -4.418  1.00 24.82 ? 61  LEU A C   1 
ATOM   496 O O   . LEU A 1 61 ? -15.086 1.336   -4.960  1.00 26.66 ? 61  LEU A O   1 
ATOM   497 C CB  . LEU A 1 61 ? -11.819 1.664   -4.095  1.00 22.22 ? 61  LEU A CB  1 
ATOM   498 C CG  . LEU A 1 61 ? -10.666 1.140   -3.230  1.00 20.54 ? 61  LEU A CG  1 
ATOM   499 C CD1 . LEU A 1 61 ? -9.392  1.003   -4.051  1.00 16.38 ? 61  LEU A CD1 1 
ATOM   500 C CD2 . LEU A 1 61 ? -10.425 2.041   -2.039  1.00 23.09 ? 61  LEU A CD2 1 
ATOM   501 N N   . SER A 1 62 ? -14.299 3.398   -4.599  1.00 21.92 ? 62  SER A N   1 
ATOM   502 C CA  . SER A 1 62 ? -15.309 3.933   -5.505  1.00 26.68 ? 62  SER A CA  1 
ATOM   503 C C   . SER A 1 62 ? -14.782 3.984   -6.937  1.00 22.09 ? 62  SER A C   1 
ATOM   504 O O   . SER A 1 62 ? -13.566 4.022   -7.159  1.00 22.34 ? 62  SER A O   1 
ATOM   505 C CB  . SER A 1 62 ? -15.731 5.334   -5.068  1.00 26.32 ? 62  SER A CB  1 
ATOM   506 O OG  . SER A 1 62 ? -16.028 5.361   -3.686  1.00 29.45 ? 62  SER A OG  1 
ATOM   507 N N   . PRO A 1 63 ? -15.667 3.952   -7.931  1.00 25.90 ? 63  PRO A N   1 
ATOM   508 C CA  . PRO A 1 63 ? -15.201 3.996   -9.324  1.00 21.91 ? 63  PRO A CA  1 
ATOM   509 C C   . PRO A 1 63 ? -14.558 5.326   -9.672  1.00 23.76 ? 63  PRO A C   1 
ATOM   510 O O   . PRO A 1 63 ? -14.839 6.357   -9.059  1.00 25.32 ? 63  PRO A O   1 
ATOM   511 C CB  . PRO A 1 63 ? -16.474 3.761   -10.151 1.00 31.56 ? 63  PRO A CB  1 
ATOM   512 C CG  . PRO A 1 63 ? -17.607 3.637   -9.181  1.00 32.11 ? 63  PRO A CG  1 
ATOM   513 C CD  . PRO A 1 63 ? -17.059 3.492   -7.801  1.00 26.77 ? 63  PRO A CD  1 
ATOM   514 N N   . ASN A 1 64 ? -13.656 5.276   -10.652 1.00 23.94 ? 64  ASN A N   1 
ATOM   515 C CA  . ASN A 1 64 ? -13.083 6.464   -11.275 1.00 24.64 ? 64  ASN A CA  1 
ATOM   516 C C   . ASN A 1 64 ? -12.535 7.442   -10.233 1.00 29.77 ? 64  ASN A C   1 
ATOM   517 O O   . ASN A 1 64 ? -12.801 8.649   -10.272 1.00 28.44 ? 64  ASN A O   1 
ATOM   518 C CB  . ASN A 1 64 ? -14.120 7.144   -12.177 1.00 26.67 ? 64  ASN A CB  1 
ATOM   519 C CG  . ASN A 1 64 ? -13.503 8.170   -13.103 1.00 30.34 ? 64  ASN A CG  1 
ATOM   520 O OD1 . ASN A 1 64 ? -12.369 8.010   -13.553 1.00 32.15 ? 64  ASN A OD1 1 
ATOM   521 N ND2 . ASN A 1 64 ? -14.241 9.241   -13.380 1.00 32.79 ? 64  ASN A ND2 1 
ATOM   522 N N   . THR A 1 65 ? -11.751 6.918   -9.292  1.00 22.00 ? 65  THR A N   1 
ATOM   523 C CA  . THR A 1 65 ? -11.261 7.723   -8.176  1.00 21.32 ? 65  THR A CA  1 
ATOM   524 C C   . THR A 1 65 ? -9.770  7.471   -7.969  1.00 25.44 ? 65  THR A C   1 
ATOM   525 O O   . THR A 1 65 ? -9.339  6.316   -7.915  1.00 19.39 ? 65  THR A O   1 
ATOM   526 C CB  . THR A 1 65 ? -12.045 7.407   -6.900  1.00 27.29 ? 65  THR A CB  1 
ATOM   527 O OG1 . THR A 1 65 ? -13.440 7.645   -7.130  1.00 28.94 ? 65  THR A OG1 1 
ATOM   528 C CG2 . THR A 1 65 ? -11.578 8.290   -5.747  1.00 25.33 ? 65  THR A CG2 1 
ATOM   529 N N   . LYS A 1 66 ? -8.979  8.545   -7.855  1.00 22.43 ? 66  LYS A N   1 
ATOM   530 C CA  . LYS A 1 66 ? -7.554  8.382   -7.582  1.00 21.51 ? 66  LYS A CA  1 
ATOM   531 C C   . LYS A 1 66 ? -7.351  8.143   -6.095  1.00 22.17 ? 66  LYS A C   1 
ATOM   532 O O   . LYS A 1 66 ? -7.847  8.907   -5.264  1.00 24.67 ? 66  LYS A O   1 
ATOM   533 C CB  . LYS A 1 66 ? -6.736  9.598   -8.029  1.00 23.95 ? 66  LYS A CB  1 
ATOM   534 C CG  . LYS A 1 66 ? -5.334  9.647   -7.401  1.00 23.30 ? 66  LYS A CG  1 
ATOM   535 C CD  . LYS A 1 66 ? -4.387  10.597  -8.127  1.00 24.13 ? 66  LYS A CD  1 
ATOM   536 C CE  . LYS A 1 66 ? -3.009  10.595  -7.480  1.00 27.85 ? 66  LYS A CE  1 
ATOM   537 N NZ  . LYS A 1 66 ? -2.251  11.870  -7.685  1.00 29.22 ? 66  LYS A NZ  1 
ATOM   538 N N   . TYR A 1 67 ? -6.609  7.090   -5.763  1.00 18.51 ? 67  TYR A N   1 
ATOM   539 C CA  . TYR A 1 67 ? -6.281  6.770   -4.387  1.00 17.20 ? 67  TYR A CA  1 
ATOM   540 C C   . TYR A 1 67 ? -4.770  6.780   -4.215  1.00 17.09 ? 67  TYR A C   1 
ATOM   541 O O   . TYR A 1 67 ? -4.045  6.240   -5.052  1.00 14.85 ? 67  TYR A O   1 
ATOM   542 C CB  . TYR A 1 67 ? -6.840  5.409   -3.995  1.00 16.39 ? 67  TYR A CB  1 
ATOM   543 C CG  . TYR A 1 67 ? -8.340  5.384   -3.847  1.00 19.19 ? 67  TYR A CG  1 
ATOM   544 C CD1 . TYR A 1 67 ? -8.945  5.737   -2.649  1.00 19.16 ? 67  TYR A CD1 1 
ATOM   545 C CD2 . TYR A 1 67 ? -9.160  4.994   -4.906  1.00 19.67 ? 67  TYR A CD2 1 
ATOM   546 C CE1 . TYR A 1 67 ? -10.330 5.705   -2.505  1.00 25.00 ? 67  TYR A CE1 1 
ATOM   547 C CE2 . TYR A 1 67 ? -10.542 4.963   -4.778  1.00 21.06 ? 67  TYR A CE2 1 
ATOM   548 C CZ  . TYR A 1 67 ? -11.124 5.320   -3.575  1.00 24.29 ? 67  TYR A CZ  1 
ATOM   549 O OH  . TYR A 1 67 ? -12.500 5.285   -3.439  1.00 23.54 ? 67  TYR A OH  1 
ATOM   550 N N   A CYS A 1 68 ? -4.301  7.412   -3.145  0.56 16.98 ? 68  CYS A N   1 
ATOM   551 N N   B CYS A 1 68 ? -4.307  7.380   -3.121  0.44 16.99 ? 68  CYS A N   1 
ATOM   552 C CA  A CYS A 1 68 ? -2.897  7.371   -2.765  0.56 18.19 ? 68  CYS A CA  1 
ATOM   553 C CA  B CYS A 1 68 ? -2.896  7.392   -2.753  0.44 17.91 ? 68  CYS A CA  1 
ATOM   554 C C   A CYS A 1 68 ? -2.741  6.495   -1.534  0.56 19.13 ? 68  CYS A C   1 
ATOM   555 C C   B CYS A 1 68 ? -2.695  6.548   -1.502  0.44 19.05 ? 68  CYS A C   1 
ATOM   556 O O   A CYS A 1 68 ? -3.509  6.623   -0.575  0.56 20.44 ? 68  CYS A O   1 
ATOM   557 O O   B CYS A 1 68 ? -3.384  6.749   -0.497  0.44 20.49 ? 68  CYS A O   1 
ATOM   558 C CB  A CYS A 1 68 ? -2.346  8.766   -2.477  0.56 18.97 ? 68  CYS A CB  1 
ATOM   559 C CB  B CYS A 1 68 ? -2.402  8.817   -2.501  0.44 19.04 ? 68  CYS A CB  1 
ATOM   560 S SG  A CYS A 1 68 ? -0.574  8.760   -2.134  0.56 21.22 ? 68  CYS A SG  1 
ATOM   561 S SG  B CYS A 1 68 ? -2.820  10.003  -3.798  0.44 20.21 ? 68  CYS A SG  1 
ATOM   562 N N   . PHE A 1 69 ? -1.750  5.615   -1.560  1.00 17.93 ? 69  PHE A N   1 
ATOM   563 C CA  . PHE A 1 69 ? -1.495  4.710   -0.452  1.00 19.35 ? 69  PHE A CA  1 
ATOM   564 C C   . PHE A 1 69 ? -0.111  4.968   0.136   1.00 16.58 ? 69  PHE A C   1 
ATOM   565 O O   . PHE A 1 69 ? 0.772   5.517   -0.524  1.00 17.78 ? 69  PHE A O   1 
ATOM   566 C CB  . PHE A 1 69 ? -1.642  3.247   -0.896  1.00 15.10 ? 69  PHE A CB  1 
ATOM   567 C CG  . PHE A 1 69 ? -3.017  2.914   -1.416  1.00 18.15 ? 69  PHE A CG  1 
ATOM   568 C CD1 . PHE A 1 69 ? -4.028  2.542   -0.553  1.00 19.11 ? 69  PHE A CD1 1 
ATOM   569 C CD2 . PHE A 1 69 ? -3.302  2.991   -2.770  1.00 16.02 ? 69  PHE A CD2 1 
ATOM   570 C CE1 . PHE A 1 69 ? -5.295  2.249   -1.036  1.00 19.92 ? 69  PHE A CE1 1 
ATOM   571 C CE2 . PHE A 1 69 ? -4.571  2.692   -3.254  1.00 17.36 ? 69  PHE A CE2 1 
ATOM   572 C CZ  . PHE A 1 69 ? -5.562  2.327   -2.390  1.00 16.23 ? 69  PHE A CZ  1 
ATOM   573 N N   . ALA A 1 70 ? 0.057   4.609   1.400   1.00 13.79 ? 70  ALA A N   1 
ATOM   574 C CA  . ALA A 1 70 ? 1.357   4.650   2.051   1.00 15.03 ? 70  ALA A CA  1 
ATOM   575 C C   . ALA A 1 70 ? 1.653   3.255   2.577   1.00 15.05 ? 70  ALA A C   1 
ATOM   576 O O   . ALA A 1 70 ? 0.786   2.623   3.186   1.00 14.27 ? 70  ALA A O   1 
ATOM   577 C CB  . ALA A 1 70 ? 1.389   5.673   3.186   1.00 17.91 ? 70  ALA A CB  1 
ATOM   578 N N   . LEU A 1 71 ? 2.870   2.786   2.340   1.00 11.31 ? 71  LEU A N   1 
ATOM   579 C CA  . LEU A 1 71 ? 3.307   1.453   2.715   1.00 12.17 ? 71  LEU A CA  1 
ATOM   580 C C   . LEU A 1 71 ? 4.538   1.563   3.596   1.00 15.73 ? 71  LEU A C   1 
ATOM   581 O O   . LEU A 1 71 ? 5.435   2.366   3.321   1.00 15.90 ? 71  LEU A O   1 
ATOM   582 C CB  . LEU A 1 71 ? 3.640   0.619   1.467   1.00 12.13 ? 71  LEU A CB  1 
ATOM   583 C CG  . LEU A 1 71 ? 4.247   -0.766  1.691   1.00 11.80 ? 71  LEU A CG  1 
ATOM   584 C CD1 . LEU A 1 71 ? 3.177   -1.803  1.985   1.00 14.37 ? 71  LEU A CD1 1 
ATOM   585 C CD2 . LEU A 1 71 ? 5.082   -1.160  0.473   1.00 16.40 ? 71  LEU A CD2 1 
ATOM   586 N N   . ARG A 1 72 ? 4.590   0.756   4.655   1.00 14.21 ? 72  ARG A N   1 
ATOM   587 C CA  . ARG A 1 72 ? 5.799   0.649   5.453   1.00 12.85 ? 72  ARG A CA  1 
ATOM   588 C C   . ARG A 1 72 ? 5.986   -0.793  5.905   1.00 13.59 ? 72  ARG A C   1 
ATOM   589 O O   . ARG A 1 72 ? 5.029   -1.565  5.997   1.00 14.79 ? 72  ARG A O   1 
ATOM   590 C CB  . ARG A 1 72 ? 5.757   1.580   6.670   1.00 13.66 ? 72  ARG A CB  1 
ATOM   591 C CG  . ARG A 1 72 ? 4.658   1.222   7.672   1.00 14.63 ? 72  ARG A CG  1 
ATOM   592 C CD  . ARG A 1 72 ? 4.510   2.326   8.709   1.00 20.54 ? 72  ARG A CD  1 
ATOM   593 N NE  . ARG A 1 72 ? 3.669   1.939   9.843   1.00 15.89 ? 72  ARG A NE  1 
ATOM   594 C CZ  . ARG A 1 72 ? 3.584   2.643   10.965  1.00 18.78 ? 72  ARG A CZ  1 
ATOM   595 N NH1 . ARG A 1 72 ? 4.290   3.759   11.097  1.00 15.16 ? 72  ARG A NH1 1 
ATOM   596 N NH2 . ARG A 1 72 ? 2.802   2.235   11.961  1.00 17.50 ? 72  ARG A NH2 1 
ATOM   597 N N   . ALA A 1 73 ? 7.238   -1.145  6.173   1.00 12.04 ? 73  ALA A N   1 
ATOM   598 C CA  . ALA A 1 73 ? 7.619   -2.441  6.715   1.00 9.46  ? 73  ALA A CA  1 
ATOM   599 C C   . ALA A 1 73 ? 7.827   -2.319  8.216   1.00 14.90 ? 73  ALA A C   1 
ATOM   600 O O   . ALA A 1 73 ? 8.229   -1.265  8.717   1.00 15.95 ? 73  ALA A O   1 
ATOM   601 C CB  . ALA A 1 73 ? 8.905   -2.948  6.071   1.00 12.52 ? 73  ALA A CB  1 
ATOM   602 N N   . VAL A 1 74 ? 7.561   -3.413  8.930   1.00 12.81 ? 74  VAL A N   1 
ATOM   603 C CA  . VAL A 1 74 ? 7.598   -3.409  10.390  1.00 14.13 ? 74  VAL A CA  1 
ATOM   604 C C   . VAL A 1 74 ? 8.338   -4.641  10.902  1.00 13.48 ? 74  VAL A C   1 
ATOM   605 O O   . VAL A 1 74 ? 8.247   -5.730  10.323  1.00 13.05 ? 74  VAL A O   1 
ATOM   606 C CB  . VAL A 1 74 ? 6.183   -3.343  10.994  1.00 13.68 ? 74  VAL A CB  1 
ATOM   607 C CG1 . VAL A 1 74 ? 6.286   -3.090  12.484  1.00 16.02 ? 74  VAL A CG1 1 
ATOM   608 C CG2 . VAL A 1 74 ? 5.361   -2.222  10.328  1.00 13.57 ? 74  VAL A CG2 1 
ATOM   609 N N   . ASN A 1 75 ? 9.098   -4.453  11.982  1.00 15.53 ? 75  ASN A N   1 
ATOM   610 C CA  . ASN A 1 75 ? 9.660   -5.561  12.740  1.00 14.75 ? 75  ASN A CA  1 
ATOM   611 C C   . ASN A 1 75 ? 9.548   -5.212  14.220  1.00 16.45 ? 75  ASN A C   1 
ATOM   612 O O   . ASN A 1 75 ? 8.937   -4.204  14.597  1.00 15.98 ? 75  ASN A O   1 
ATOM   613 C CB  . ASN A 1 75 ? 11.101  -5.872  12.298  1.00 17.09 ? 75  ASN A CB  1 
ATOM   614 C CG  . ASN A 1 75 ? 12.078  -4.770  12.632  1.00 15.72 ? 75  ASN A CG  1 
ATOM   615 O OD1 . ASN A 1 75 ? 11.802  -3.915  13.464  1.00 19.70 ? 75  ASN A OD1 1 
ATOM   616 N ND2 . ASN A 1 75 ? 13.234  -4.775  11.962  1.00 15.50 ? 75  ASN A ND2 1 
ATOM   617 N N   . GLU A 1 76 ? 10.170  -6.049  15.055  1.00 19.85 ? 76  GLU A N   1 
ATOM   618 C CA  . GLU A 1 76 ? 10.069  -5.910  16.506  1.00 19.42 ? 76  GLU A CA  1 
ATOM   619 C C   . GLU A 1 76 ? 10.691  -4.617  17.021  1.00 24.94 ? 76  GLU A C   1 
ATOM   620 O O   . GLU A 1 76 ? 10.371  -4.187  18.136  1.00 22.08 ? 76  GLU A O   1 
ATOM   621 C CB  . GLU A 1 76 ? 10.741  -7.113  17.185  1.00 20.55 ? 76  GLU A CB  1 
ATOM   622 C CG  . GLU A 1 76 ? 10.069  -8.454  16.919  1.00 25.14 ? 76  GLU A CG  1 
ATOM   623 C CD  . GLU A 1 76 ? 10.580  -9.139  15.660  1.00 28.11 ? 76  GLU A CD  1 
ATOM   624 O OE1 . GLU A 1 76 ? 10.318  -10.355 15.511  1.00 34.48 ? 76  GLU A OE1 1 
ATOM   625 O OE2 . GLU A 1 76 ? 11.230  -8.463  14.818  1.00 24.99 ? 76  GLU A OE2 1 
ATOM   626 N N   . LEU A 1 77 ? 11.582  -3.994  16.253  1.00 21.00 ? 77  LEU A N   1 
ATOM   627 C CA  . LEU A 1 77 ? 12.141  -2.718  16.675  1.00 17.56 ? 77  LEU A CA  1 
ATOM   628 C C   . LEU A 1 77 ? 11.240  -1.548  16.329  1.00 21.98 ? 77  LEU A C   1 
ATOM   629 O O   . LEU A 1 77 ? 11.399  -0.469  16.909  1.00 23.53 ? 77  LEU A O   1 
ATOM   630 C CB  . LEU A 1 77 ? 13.518  -2.495  16.039  1.00 23.75 ? 77  LEU A CB  1 
ATOM   631 C CG  . LEU A 1 77 ? 14.732  -3.141  16.713  1.00 24.23 ? 77  LEU A CG  1 
ATOM   632 C CD1 . LEU A 1 77 ? 14.753  -2.869  18.203  1.00 25.52 ? 77  LEU A CD1 1 
ATOM   633 C CD2 . LEU A 1 77 ? 14.749  -4.629  16.438  1.00 30.65 ? 77  LEU A CD2 1 
ATOM   634 N N   . GLY A 1 78 ? 10.315  -1.722  15.390  1.00 14.96 ? 78  GLY A N   1 
ATOM   635 C CA  . GLY A 1 78 ? 9.468   -0.634  14.971  1.00 19.39 ? 78  GLY A CA  1 
ATOM   636 C C   . GLY A 1 78 ? 9.287   -0.561  13.463  1.00 15.59 ? 78  GLY A C   1 
ATOM   637 O O   . GLY A 1 78 ? 9.703   -1.451  12.715  1.00 15.30 ? 78  GLY A O   1 
ATOM   638 N N   . PRO A 1 79 ? 8.673   0.522   12.996  1.00 17.88 ? 79  PRO A N   1 
ATOM   639 C CA  . PRO A 1 79 ? 8.360   0.640   11.565  1.00 12.95 ? 79  PRO A CA  1 
ATOM   640 C C   . PRO A 1 79 ? 9.404   1.395   10.760  1.00 19.30 ? 79  PRO A C   1 
ATOM   641 O O   . PRO A 1 79 ? 10.083  2.296   11.266  1.00 16.66 ? 79  PRO A O   1 
ATOM   642 C CB  . PRO A 1 79 ? 7.031   1.397   11.571  1.00 18.54 ? 79  PRO A CB  1 
ATOM   643 C CG  . PRO A 1 79 ? 7.102   2.261   12.823  1.00 22.79 ? 79  PRO A CG  1 
ATOM   644 C CD  . PRO A 1 79 ? 8.095   1.626   13.787  1.00 21.39 ? 79  PRO A CD  1 
ATOM   645 N N   . SER A 1 80 ? 9.514   1.029   9.488   1.00 16.17 ? 80  SER A N   1 
ATOM   646 C CA  . SER A 1 80 ? 10.249  1.815   8.518   1.00 16.27 ? 80  SER A CA  1 
ATOM   647 C C   . SER A 1 80 ? 9.501   3.108   8.224   1.00 16.83 ? 80  SER A C   1 
ATOM   648 O O   . SER A 1 80 ? 8.346   3.308   8.624   1.00 17.50 ? 80  SER A O   1 
ATOM   649 C CB  . SER A 1 80 ? 10.411  1.039   7.217   1.00 15.01 ? 80  SER A CB  1 
ATOM   650 O OG  . SER A 1 80 ? 9.220   1.169   6.464   1.00 12.13 ? 80  SER A OG  1 
ATOM   651 N N   . ASN A 1 81 ? 10.171  3.992   7.499   1.00 14.69 ? 81  ASN A N   1 
ATOM   652 C CA  . ASN A 1 81 ? 9.470   5.126   6.922   1.00 20.94 ? 81  ASN A CA  1 
ATOM   653 C C   . ASN A 1 81 ? 8.506   4.658   5.833   1.00 20.77 ? 81  ASN A C   1 
ATOM   654 O O   . ASN A 1 81 ? 8.565   3.523   5.350   1.00 15.57 ? 81  ASN A O   1 
ATOM   655 C CB  . ASN A 1 81 ? 10.454  6.136   6.341   1.00 27.17 ? 81  ASN A CB  1 
ATOM   656 C CG  . ASN A 1 81 ? 11.251  6.842   7.412   1.00 32.73 ? 81  ASN A CG  1 
ATOM   657 O OD1 . ASN A 1 81 ? 10.811  6.943   8.559   1.00 33.90 ? 81  ASN A OD1 1 
ATOM   658 N ND2 . ASN A 1 81 ? 12.430  7.332   7.051   1.00 32.05 ? 81  ASN A ND2 1 
ATOM   659 N N   . PHE A 1 82 ? 7.623   5.574   5.441   1.00 21.50 ? 82  PHE A N   1 
ATOM   660 C CA  . PHE A 1 82 ? 6.616   5.324   4.423   1.00 18.34 ? 82  PHE A CA  1 
ATOM   661 C C   . PHE A 1 82 ? 7.171   5.515   3.017   1.00 22.09 ? 82  PHE A C   1 
ATOM   662 O O   . PHE A 1 82 ? 8.008   6.386   2.768   1.00 19.53 ? 82  PHE A O   1 
ATOM   663 C CB  . PHE A 1 82 ? 5.439   6.280   4.597   1.00 24.09 ? 82  PHE A CB  1 
ATOM   664 C CG  . PHE A 1 82 ? 4.407   5.800   5.549   1.00 18.94 ? 82  PHE A CG  1 
ATOM   665 C CD1 . PHE A 1 82 ? 3.846   4.540   5.412   1.00 18.68 ? 82  PHE A CD1 1 
ATOM   666 C CD2 . PHE A 1 82 ? 3.991   6.609   6.591   1.00 24.87 ? 82  PHE A CD2 1 
ATOM   667 C CE1 . PHE A 1 82 ? 2.882   4.092   6.298   1.00 18.60 ? 82  PHE A CE1 1 
ATOM   668 C CE2 . PHE A 1 82 ? 3.037   6.164   7.480   1.00 26.48 ? 82  PHE A CE2 1 
ATOM   669 C CZ  . PHE A 1 82 ? 2.480   4.903   7.329   1.00 18.41 ? 82  PHE A CZ  1 
ATOM   670 N N   . VAL A 1 83 ? 6.672   4.698   2.093   1.00 14.55 ? 83  VAL A N   1 
ATOM   671 C CA  . VAL A 1 83 ? 6.773   4.965   0.665   1.00 18.93 ? 83  VAL A CA  1 
ATOM   672 C C   . VAL A 1 83 ? 5.357   5.078   0.126   1.00 19.65 ? 83  VAL A C   1 
ATOM   673 O O   . VAL A 1 83 ? 4.423   4.479   0.667   1.00 14.52 ? 83  VAL A O   1 
ATOM   674 C CB  . VAL A 1 83 ? 7.577   3.879   -0.081  1.00 21.92 ? 83  VAL A CB  1 
ATOM   675 C CG1 . VAL A 1 83 ? 9.015   3.916   0.383   1.00 24.93 ? 83  VAL A CG1 1 
ATOM   676 C CG2 . VAL A 1 83 ? 6.984   2.498   0.163   1.00 18.44 ? 83  VAL A CG2 1 
ATOM   677 N N   . THR A 1 84 ? 5.184   5.870   -0.931  1.00 18.99 ? 84  THR A N   1 
ATOM   678 C CA  . THR A 1 84 ? 3.842   6.143   -1.422  1.00 18.01 ? 84  THR A CA  1 
ATOM   679 C C   . THR A 1 84 ? 3.748   5.833   -2.907  1.00 19.00 ? 84  THR A C   1 
ATOM   680 O O   . THR A 1 84 ? 4.754   5.768   -3.618  1.00 17.27 ? 84  THR A O   1 
ATOM   681 C CB  . THR A 1 84 ? 3.430   7.602   -1.170  1.00 23.31 ? 84  THR A CB  1 
ATOM   682 O OG1 . THR A 1 84 ? 4.400   8.481   -1.751  1.00 23.82 ? 84  THR A OG1 1 
ATOM   683 C CG2 . THR A 1 84 ? 3.342   7.878   0.315   1.00 20.36 ? 84  THR A CG2 1 
ATOM   684 N N   . ALA A 1 85 ? 2.512   5.618   -3.352  1.00 15.22 ? 85  ALA A N   1 
ATOM   685 C CA  . ALA A 1 85 ? 2.186   5.358   -4.746  1.00 16.46 ? 85  ALA A CA  1 
ATOM   686 C C   . ALA A 1 85 ? 0.687   5.558   -4.893  1.00 20.03 ? 85  ALA A C   1 
ATOM   687 O O   . ALA A 1 85 ? -0.054  5.565   -3.905  1.00 15.61 ? 85  ALA A O   1 
ATOM   688 C CB  . ALA A 1 85 ? 2.599   3.945   -5.178  1.00 19.38 ? 85  ALA A CB  1 
ATOM   689 N N   . SER A 1 86 ? 0.240   5.722   -6.136  1.00 20.45 ? 86  SER A N   1 
ATOM   690 C CA  . SER A 1 86 ? -1.169  6.018   -6.352  1.00 19.01 ? 86  SER A CA  1 
ATOM   691 C C   . SER A 1 86 ? -1.625  5.478   -7.706  1.00 18.15 ? 86  SER A C   1 
ATOM   692 O O   . SER A 1 86 ? -0.818  5.097   -8.558  1.00 18.83 ? 86  SER A O   1 
ATOM   693 C CB  . SER A 1 86 ? -1.422  7.525   -6.228  1.00 22.27 ? 86  SER A CB  1 
ATOM   694 O OG  . SER A 1 86 ? -0.806  8.239   -7.283  1.00 22.35 ? 86  SER A OG  1 
ATOM   695 N N   . SER A 1 87 ? -2.941  5.450   -7.892  1.00 19.30 ? 87  SER A N   1 
ATOM   696 C CA  . SER A 1 87 ? -3.541  5.126   -9.181  1.00 16.91 ? 87  SER A CA  1 
ATOM   697 C C   . SER A 1 87 ? -5.016  5.502   -9.118  1.00 20.14 ? 87  SER A C   1 
ATOM   698 O O   . SER A 1 87 ? -5.512  5.983   -8.098  1.00 16.86 ? 87  SER A O   1 
ATOM   699 C CB  . SER A 1 87 ? -3.369  3.651   -9.538  1.00 21.89 ? 87  SER A CB  1 
ATOM   700 O OG  . SER A 1 87 ? -3.808  3.421   -10.862 1.00 26.09 ? 87  SER A OG  1 
ATOM   701 N N   . THR A 1 88 ? -5.715  5.267   -10.219 1.00 21.17 ? 88  THR A N   1 
ATOM   702 C CA  . THR A 1 88 ? -7.141  5.549   -10.319 1.00 21.71 ? 88  THR A CA  1 
ATOM   703 C C   . THR A 1 88 ? -7.879  4.259   -10.625 1.00 18.53 ? 88  THR A C   1 
ATOM   704 O O   . THR A 1 88 ? -7.477  3.509   -11.521 1.00 20.20 ? 88  THR A O   1 
ATOM   705 C CB  . THR A 1 88 ? -7.420  6.579   -11.418 1.00 24.16 ? 88  THR A CB  1 
ATOM   706 O OG1 . THR A 1 88 ? -6.641  7.759   -11.179 1.00 21.80 ? 88  THR A OG1 1 
ATOM   707 C CG2 . THR A 1 88 ? -8.903  6.932   -11.456 1.00 22.51 ? 88  THR A CG2 1 
ATOM   708 N N   . THR A 1 89 ? -8.953  4.002   -9.889  1.00 16.10 ? 89  THR A N   1 
ATOM   709 C CA  . THR A 1 89 ? -9.793  2.853   -10.187 1.00 16.78 ? 89  THR A CA  1 
ATOM   710 C C   . THR A 1 89 ? -10.460 3.014   -11.544 1.00 24.24 ? 89  THR A C   1 
ATOM   711 O O   . THR A 1 89 ? -10.726 4.127   -12.004 1.00 23.18 ? 89  THR A O   1 
ATOM   712 C CB  . THR A 1 89 ? -10.875 2.693   -9.134  1.00 17.43 ? 89  THR A CB  1 
ATOM   713 O OG1 . THR A 1 89 ? -11.534 3.957   -8.965  1.00 20.46 ? 89  THR A OG1 1 
ATOM   714 C CG2 . THR A 1 89 ? -10.284 2.215   -7.822  1.00 15.69 ? 89  THR A CG2 1 
ATOM   715 N N   . ASP A 1 90 ? -10.766 1.883   -12.169 1.00 21.44 ? 90  ASP A N   1 
ATOM   716 C CA  . ASP A 1 90 ? -11.453 1.878   -13.454 1.00 24.31 ? 90  ASP A CA  1 
ATOM   717 C C   . ASP A 1 90 ? -12.738 2.698   -13.397 1.00 23.76 ? 90  ASP A C   1 
ATOM   718 O O   . ASP A 1 90 ? -13.312 2.897   -12.318 1.00 20.98 ? 90  ASP A O   1 
ATOM   719 C CB  . ASP A 1 90 ? -11.749 0.441   -13.878 1.00 21.99 ? 90  ASP A CB  1 
ATOM   720 C CG  . ASP A 1 90 ? -11.605 0.233   -15.374 1.00 28.19 ? 90  ASP A CG  1 
ATOM   721 O OD1 . ASP A 1 90 ? -10.818 0.964   -16.009 1.00 32.72 ? 90  ASP A OD1 1 
ATOM   722 O OD2 . ASP A 1 90 ? -12.279 -0.661  -15.908 1.00 22.83 ? 90  ASP A OD2 1 
ATOM   723 N N   . ARG A 1 91 ? -13.191 3.180   -14.557 1.00 29.52 ? 91  ARG A N   1 
ATOM   724 C CA  . ARG A 1 91 ? -14.376 4.027   -14.633 1.00 35.62 ? 91  ARG A CA  1 
ATOM   725 C C   . ARG A 1 91 ? -15.680 3.248   -14.490 1.00 37.37 ? 91  ARG A C   1 
ATOM   726 O O   . ARG A 1 91 ? -16.714 3.850   -14.180 1.00 45.49 ? 91  ARG A O   1 
ATOM   727 C CB  . ARG A 1 91 ? -14.354 4.827   -15.943 1.00 33.48 ? 91  ARG A CB  1 
ATOM   728 C CG  . ARG A 1 91 ? -13.157 5.807   -16.032 1.00 37.84 ? 91  ARG A CG  1 
ATOM   729 C CD  . ARG A 1 91 ? -13.183 6.674   -17.304 1.00 40.01 ? 91  ARG A CD  1 
ATOM   730 N NE  . ARG A 1 91 ? -12.502 7.980   -17.219 1.00 42.22 ? 91  ARG A NE  1 
ATOM   731 C CZ  . ARG A 1 91 ? -11.236 8.198   -16.831 1.00 45.61 ? 91  ARG A CZ  1 
ATOM   732 N NH1 . ARG A 1 91 ? -10.444 7.196   -16.456 1.00 37.69 ? 91  ARG A NH1 1 
ATOM   733 N NH2 . ARG A 1 91 ? -10.748 9.447   -16.824 1.00 22.09 ? 91  ARG A NH2 1 
ATOM   734 N N   . GLY A 1 92 ? -15.664 1.935   -14.689 1.00 36.39 ? 92  GLY A N   1 
ATOM   735 C CA  . GLY A 1 92 ? -16.840 1.126   -14.407 1.00 47.28 ? 92  GLY A CA  1 
ATOM   736 C C   . GLY A 1 92 ? -17.819 0.914   -15.546 1.00 47.49 ? 92  GLY A C   1 
ATOM   737 O O   . GLY A 1 92 ? -18.566 -0.067  -15.550 1.00 47.49 ? 92  GLY A O   1 
HETATM 738 O O   . HOH B 2 .  ? 11.568  -3.511  -0.718  1.00 20.99 ? 101 HOH A O   1 
HETATM 739 O O   . HOH B 2 .  ? -2.548  -11.362 -3.205  1.00 37.28 ? 102 HOH A O   1 
HETATM 740 O O   . HOH B 2 .  ? -10.382 8.614   -13.929 1.00 34.24 ? 103 HOH A O   1 
HETATM 741 O O   . HOH B 2 .  ? -15.771 -4.055  -3.364  1.00 37.40 ? 104 HOH A O   1 
HETATM 742 O O   . HOH B 2 .  ? -2.147  -11.043 -7.882  1.00 34.59 ? 105 HOH A O   1 
HETATM 743 O O   . HOH B 2 .  ? -11.121 -7.279  -15.175 1.00 38.93 ? 106 HOH A O   1 
HETATM 744 O O   . HOH B 2 .  ? -15.825 6.344   -1.416  1.00 24.10 ? 107 HOH A O   1 
HETATM 745 O O   . HOH B 2 .  ? -13.151 5.669   -1.073  1.00 27.08 ? 108 HOH A O   1 
HETATM 746 O O   . HOH B 2 .  ? -4.065  12.722  10.480  1.00 33.84 ? 109 HOH A O   1 
HETATM 747 O O   . HOH B 2 .  ? 12.460  -11.462 4.044   1.00 30.08 ? 110 HOH A O   1 
HETATM 748 O O   . HOH B 2 .  ? -6.156  9.136   -1.738  1.00 22.87 ? 111 HOH A O   1 
HETATM 749 O O   . HOH B 2 .  ? -9.123  2.203   9.250   1.00 27.38 ? 112 HOH A O   1 
HETATM 750 O O   . HOH B 2 .  ? 11.804  3.257   -1.179  1.00 22.57 ? 113 HOH A O   1 
HETATM 751 O O   . HOH B 2 .  ? -9.463  -0.672  -10.802 1.00 19.05 ? 114 HOH A O   1 
HETATM 752 O O   . HOH B 2 .  ? 15.103  0.991   1.069   1.00 24.88 ? 115 HOH A O   1 
HETATM 753 O O   . HOH B 2 .  ? -9.573  7.121   -18.895 1.00 27.84 ? 116 HOH A O   1 
HETATM 754 O O   . HOH B 2 .  ? 2.739   -9.256  -6.845  1.00 37.19 ? 117 HOH A O   1 
HETATM 755 O O   . HOH B 2 .  ? 8.930   -9.746  3.322   1.00 22.57 ? 118 HOH A O   1 
HETATM 756 O O   . HOH B 2 .  ? -11.848 9.222   -19.406 1.00 31.37 ? 119 HOH A O   1 
HETATM 757 O O   . HOH B 2 .  ? 12.837  -14.770 1.959   1.00 34.70 ? 120 HOH A O   1 
HETATM 758 O O   . HOH B 2 .  ? -0.308  -1.933  13.451  1.00 18.79 ? 121 HOH A O   1 
HETATM 759 O O   . HOH B 2 .  ? -3.832  -9.538  6.064   1.00 17.61 ? 122 HOH A O   1 
HETATM 760 O O   . HOH B 2 .  ? -2.723  -10.712 3.758   1.00 19.57 ? 123 HOH A O   1 
HETATM 761 O O   . HOH B 2 .  ? -3.946  -4.757  -13.045 1.00 38.85 ? 124 HOH A O   1 
HETATM 762 O O   . HOH B 2 .  ? -8.113  0.787   -15.235 1.00 30.61 ? 125 HOH A O   1 
HETATM 763 O O   . HOH B 2 .  ? 14.588  2.226   7.609   1.00 26.65 ? 126 HOH A O   1 
HETATM 764 O O   . HOH B 2 .  ? 14.041  -11.681 14.189  1.00 35.98 ? 127 HOH A O   1 
HETATM 765 O O   . HOH B 2 .  ? 18.238  -5.714  18.347  1.00 33.76 ? 128 HOH A O   1 
HETATM 766 O O   . HOH B 2 .  ? -17.899 -0.781  2.292   1.00 37.49 ? 129 HOH A O   1 
HETATM 767 O O   . HOH B 2 .  ? 6.607   4.038   -4.882  1.00 38.42 ? 130 HOH A O   1 
HETATM 768 O O   . HOH B 2 .  ? 7.022   -11.659 3.767   1.00 30.07 ? 131 HOH A O   1 
HETATM 769 O O   . HOH B 2 .  ? -10.114 11.039  -8.013  1.00 31.59 ? 132 HOH A O   1 
HETATM 770 O O   . HOH B 2 .  ? -3.766  14.169  -7.603  1.00 26.78 ? 133 HOH A O   1 
HETATM 771 O O   . HOH B 2 .  ? -2.450  1.569   -12.974 1.00 36.60 ? 134 HOH A O   1 
HETATM 772 O O   . HOH B 2 .  ? 15.519  -4.186  1.617   1.00 12.71 ? 135 HOH A O   1 
HETATM 773 O O   . HOH B 2 .  ? 7.474   -4.365  -6.773  1.00 19.83 ? 136 HOH A O   1 
HETATM 774 O O   . HOH B 2 .  ? -9.313  -1.491  6.983   1.00 26.95 ? 137 HOH A O   1 
HETATM 775 O O   . HOH B 2 .  ? 6.435   5.088   9.605   1.00 20.77 ? 138 HOH A O   1 
HETATM 776 O O   . HOH B 2 .  ? -6.087  4.754   10.599  1.00 32.46 ? 139 HOH A O   1 
HETATM 777 O O   . HOH B 2 .  ? 13.116  -14.471 -1.032  1.00 39.62 ? 140 HOH A O   1 
HETATM 778 O O   . HOH B 2 .  ? 11.433  -9.562  4.865   1.00 23.43 ? 141 HOH A O   1 
HETATM 779 O O   . HOH B 2 .  ? 3.161   -0.867  13.900  1.00 30.07 ? 142 HOH A O   1 
HETATM 780 O O   . HOH B 2 .  ? 3.958   8.834   -4.508  1.00 32.92 ? 143 HOH A O   1 
HETATM 781 O O   . HOH B 2 .  ? 11.897  -11.737 -3.252  1.00 33.13 ? 144 HOH A O   1 
HETATM 782 O O   . HOH B 2 .  ? -7.931  10.108  -12.114 1.00 16.54 ? 145 HOH A O   1 
HETATM 783 O O   . HOH B 2 .  ? -0.619  -11.917 5.607   1.00 25.41 ? 146 HOH A O   1 
HETATM 784 O O   . HOH B 2 .  ? 13.685  -2.482  0.443   1.00 17.93 ? 147 HOH A O   1 
HETATM 785 O O   . HOH B 2 .  ? 19.701  0.042   5.077   1.00 32.83 ? 148 HOH A O   1 
HETATM 786 O O   . HOH B 2 .  ? -16.199 -3.368  -12.028 1.00 31.56 ? 149 HOH A O   1 
HETATM 787 O O   . HOH B 2 .  ? -15.064 -1.296  -15.492 1.00 28.02 ? 150 HOH A O   1 
HETATM 788 O O   . HOH B 2 .  ? 9.574   1.941   -8.873  1.00 30.98 ? 151 HOH A O   1 
HETATM 789 O O   . HOH B 2 .  ? 15.550  -9.679  6.028   1.00 29.59 ? 152 HOH A O   1 
HETATM 790 O O   . HOH B 2 .  ? -3.847  7.899   -11.995 1.00 27.45 ? 153 HOH A O   1 
HETATM 791 O O   . HOH B 2 .  ? 17.575  -6.739  8.972   1.00 31.40 ? 154 HOH A O   1 
HETATM 792 O O   . HOH B 2 .  ? -6.553  17.418  6.699   1.00 44.26 ? 155 HOH A O   1 
HETATM 793 O O   . HOH B 2 .  ? 7.563   7.376   -1.701  1.00 23.63 ? 156 HOH A O   1 
HETATM 794 O O   . HOH B 2 .  ? -17.918 5.114   -16.523 1.00 43.27 ? 157 HOH A O   1 
HETATM 795 O O   . HOH B 2 .  ? -7.465  4.087   -14.390 1.00 34.66 ? 158 HOH A O   1 
HETATM 796 O O   . HOH B 2 .  ? 2.163   3.111   -8.938  1.00 24.30 ? 159 HOH A O   1 
HETATM 797 O O   . HOH B 2 .  ? 2.526   5.918   -7.996  1.00 20.44 ? 160 HOH A O   1 
HETATM 798 O O   . HOH B 2 .  ? -17.091 -0.170  -3.391  1.00 33.72 ? 161 HOH A O   1 
HETATM 799 O O   . HOH B 2 .  ? 7.918   8.285   6.604   1.00 30.19 ? 162 HOH A O   1 
HETATM 800 O O   . HOH B 2 .  ? 10.963  2.447   -5.827  1.00 32.39 ? 163 HOH A O   1 
HETATM 801 O O   . HOH B 2 .  ? 7.458   -12.109 6.636   1.00 27.19 ? 164 HOH A O   1 
HETATM 802 O O   . HOH B 2 .  ? 6.961   -2.636  16.218  1.00 30.13 ? 165 HOH A O   1 
HETATM 803 O O   . HOH B 2 .  ? 0.731   2.500   -11.935 1.00 39.76 ? 166 HOH A O   1 
HETATM 804 O O   . HOH B 2 .  ? -1.997  8.306   -10.055 1.00 26.09 ? 167 HOH A O   1 
HETATM 805 O O   . HOH B 2 .  ? -16.784 -7.621  -6.471  1.00 34.96 ? 168 HOH A O   1 
HETATM 806 O O   . HOH B 2 .  ? 16.143  2.001   3.762   1.00 34.07 ? 169 HOH A O   1 
HETATM 807 O O   . HOH B 2 .  ? 5.716   -8.727  -12.080 1.00 33.53 ? 170 HOH A O   1 
HETATM 808 O O   . HOH B 2 .  ? 8.711   2.287   -3.162  1.00 27.55 ? 171 HOH A O   1 
HETATM 809 O O   . HOH B 2 .  ? -14.727 -7.983  -7.863  0.50 38.40 ? 172 HOH A O   1 
HETATM 810 O O   . HOH B 2 .  ? 14.055  -8.576  11.480  1.00 32.35 ? 173 HOH A O   1 
HETATM 811 O O   . HOH B 2 .  ? -17.298 7.509   -7.524  1.00 35.77 ? 174 HOH A O   1 
HETATM 812 O O   . HOH B 2 .  ? -5.381  -9.119  -0.814  1.00 21.55 ? 175 HOH A O   1 
HETATM 813 O O   . HOH B 2 .  ? 0.294   6.738   -11.013 1.00 38.64 ? 176 HOH A O   1 
HETATM 814 O O   . HOH B 2 .  ? 9.404   -14.274 -0.517  1.00 36.28 ? 177 HOH A O   1 
HETATM 815 O O   . HOH B 2 .  ? 16.564  1.380   8.646   1.00 31.45 ? 178 HOH A O   1 
HETATM 816 O O   . HOH B 2 .  ? 0.039   14.548  -7.127  1.00 33.26 ? 179 HOH A O   1 
HETATM 817 O O   . HOH B 2 .  ? 1.359   8.851   -4.467  1.00 36.38 ? 180 HOH A O   1 
HETATM 818 O O   . HOH B 2 .  ? 6.838   7.794   8.509   1.00 39.14 ? 181 HOH A O   1 
HETATM 819 O O   . HOH B 2 .  ? 8.409   -13.101 2.162   1.00 37.18 ? 182 HOH A O   1 
HETATM 820 O O   . HOH B 2 .  ? -4.698  -12.299 -4.258  1.00 36.87 ? 183 HOH A O   1 
HETATM 821 O O   . HOH B 2 .  ? -5.390  19.634  4.251   1.00 45.97 ? 184 HOH A O   1 
HETATM 822 O O   . HOH B 2 .  ? -16.132 -2.834  -17.383 1.00 30.61 ? 185 HOH A O   1 
HETATM 823 O O   . HOH B 2 .  ? 13.223  6.711   12.106  1.00 46.86 ? 186 HOH A O   1 
HETATM 824 O O   . HOH B 2 .  ? -22.438 -2.400  -16.541 1.00 56.02 ? 187 HOH A O   1 
HETATM 825 O O   . HOH B 2 .  ? 5.186   10.776  -5.815  1.00 35.45 ? 188 HOH A O   1 
# 
